data_4RS9
# 
_entry.id   4RS9 
# 
_audit_conform.dict_name       mmcif_pdbx.dic 
_audit_conform.dict_version    5.389 
_audit_conform.dict_location   http://mmcif.pdb.org/dictionaries/ascii/mmcif_pdbx.dic 
# 
loop_
_database_2.database_id 
_database_2.database_code 
_database_2.pdbx_database_accession 
_database_2.pdbx_DOI 
PDB   4RS9         pdb_00004rs9 10.2210/pdb4rs9/pdb 
RCSB  RCSB087734   ?            ?                   
WWPDB D_1000087734 ?            ?                   
# 
loop_
_pdbx_audit_revision_history.ordinal 
_pdbx_audit_revision_history.data_content_type 
_pdbx_audit_revision_history.major_revision 
_pdbx_audit_revision_history.minor_revision 
_pdbx_audit_revision_history.revision_date 
1 'Structure model' 1 0 2015-08-12 
2 'Structure model' 1 1 2015-08-26 
3 'Structure model' 1 2 2015-09-16 
4 'Structure model' 1 3 2024-02-28 
5 'Structure model' 1 4 2024-04-03 
# 
_pdbx_audit_revision_details.ordinal             1 
_pdbx_audit_revision_details.revision_ordinal    1 
_pdbx_audit_revision_details.data_content_type   'Structure model' 
_pdbx_audit_revision_details.provider            repository 
_pdbx_audit_revision_details.type                'Initial release' 
_pdbx_audit_revision_details.description         ? 
_pdbx_audit_revision_details.details             ? 
# 
loop_
_pdbx_audit_revision_group.ordinal 
_pdbx_audit_revision_group.revision_ordinal 
_pdbx_audit_revision_group.data_content_type 
_pdbx_audit_revision_group.group 
1 2 'Structure model' 'Database references'    
2 3 'Structure model' 'Database references'    
3 4 'Structure model' 'Data collection'        
4 4 'Structure model' 'Database references'    
5 5 'Structure model' 'Refinement description' 
# 
loop_
_pdbx_audit_revision_category.ordinal 
_pdbx_audit_revision_category.revision_ordinal 
_pdbx_audit_revision_category.data_content_type 
_pdbx_audit_revision_category.category 
1 4 'Structure model' chem_comp_atom                
2 4 'Structure model' chem_comp_bond                
3 4 'Structure model' database_2                    
4 5 'Structure model' pdbx_initial_refinement_model 
# 
loop_
_pdbx_audit_revision_item.ordinal 
_pdbx_audit_revision_item.revision_ordinal 
_pdbx_audit_revision_item.data_content_type 
_pdbx_audit_revision_item.item 
1 4 'Structure model' '_database_2.pdbx_DOI'                
2 4 'Structure model' '_database_2.pdbx_database_accession' 
# 
_pdbx_database_status.status_code                     REL 
_pdbx_database_status.entry_id                        4RS9 
_pdbx_database_status.recvd_initial_deposition_date   2014-11-07 
_pdbx_database_status.deposit_site                    RCSB 
_pdbx_database_status.process_site                    RCSB 
_pdbx_database_status.status_code_sf                  REL 
_pdbx_database_status.status_code_mr                  ? 
_pdbx_database_status.SG_entry                        ? 
_pdbx_database_status.status_code_cs                  ? 
_pdbx_database_status.methods_development_category    ? 
_pdbx_database_status.pdb_format_compatible           Y 
_pdbx_database_status.status_code_nmr_data            ? 
# 
loop_
_pdbx_database_related.db_name 
_pdbx_database_related.db_id 
_pdbx_database_related.details 
_pdbx_database_related.content_type 
PDB 4RQW 'Crystal structure of Myc3 N-terminal JAZ-binding domain [44-238] from Arabidopsis' unspecified 
PDB 4RRU 'Crystal structure of Myc3 N-terminal JAZ-binding domain [5-242] from arabidopsis'  unspecified 
# 
loop_
_audit_author.name 
_audit_author.pdbx_ordinal 
'Ke, J.'          1 
'Zhang, F.'       2 
'Zhou, X.E.'      3 
'Brunzelle, J.S.' 4 
'Zhou, M.'        5 
'Xu, H.E.'        6 
'Melcher, K.'     7 
'He, S.Y.'        8 
# 
_citation.id                        primary 
_citation.title                     'Structural basis of JAZ repression of MYC transcription factors in jasmonate signalling.' 
_citation.journal_abbrev            Nature 
_citation.journal_volume            525 
_citation.page_first                269 
_citation.page_last                 273 
_citation.year                      2015 
_citation.journal_id_ASTM           NATUAS 
_citation.country                   UK 
_citation.journal_id_ISSN           0028-0836 
_citation.journal_id_CSD            0006 
_citation.book_publisher            ? 
_citation.pdbx_database_id_PubMed   26258305 
_citation.pdbx_database_id_DOI      10.1038/nature14661 
# 
loop_
_citation_author.citation_id 
_citation_author.name 
_citation_author.ordinal 
_citation_author.identifier_ORCID 
primary 'Zhang, F.'     1  ? 
primary 'Yao, J.'       2  ? 
primary 'Ke, J.'        3  ? 
primary 'Zhang, L.'     4  ? 
primary 'Lam, V.Q.'     5  ? 
primary 'Xin, X.F.'     6  ? 
primary 'Zhou, X.E.'    7  ? 
primary 'Chen, J.'      8  ? 
primary 'Brunzelle, J.' 9  ? 
primary 'Griffin, P.R.' 10 ? 
primary 'Zhou, M.'      11 ? 
primary 'Xu, H.E.'      12 ? 
primary 'Melcher, K.'   13 ? 
primary 'He, S.Y.'      14 ? 
# 
loop_
_entity.id 
_entity.type 
_entity.src_method 
_entity.pdbx_description 
_entity.formula_weight 
_entity.pdbx_number_of_molecules 
_entity.pdbx_ec 
_entity.pdbx_mutation 
_entity.pdbx_fragment 
_entity.details 
1 polymer man 'Transcription factor MYC3' 21587.623 1   ? ? 'N-terminal JAZ-binding domain (UNP residues 44-238)' ? 
2 polymer syn 'Protein TIFY 7'            2622.164  1   ? ? 'Jas motif (UNP residues 218-239)'                    ? 
3 water   nat water                       18.015    137 ? ? ?                                                     ? 
# 
loop_
_entity_name_com.entity_id 
_entity_name_com.name 
1 
;Basic helix-loop-helix protein 5, AtbHLH5, bHLH 5, Protein ALTERED TRYPTOPHAN REGULATION 2, Transcription factor ATR2, Transcription factor EN 36, bHLH transcription factor bHLH005
;
2 'Jasmonate ZIM domain-containing protein 9' 
# 
loop_
_entity_poly.entity_id 
_entity_poly.type 
_entity_poly.nstd_linkage 
_entity_poly.nstd_monomer 
_entity_poly.pdbx_seq_one_letter_code 
_entity_poly.pdbx_seq_one_letter_code_can 
_entity_poly.pdbx_strand_id 
_entity_poly.pdbx_target_identifier 
1 'polypeptide(L)' no no 
;QPQFNEDTLQQRLQALIESAGENWTYAIFWQISHDFDSSTGDNTVILGWGDGYYKGEEDKEKKKNNTNTAEQEHRKRVIR
ELNSLISGGIGVSDESNDEEVTDTEWFFLVSMTQSFVNGVGLPGESFLNSRVIWLSGSGALTGSGCERAGQGQIYGLKTM
VCIATQNGVVELGSSEVISQSSDLMHKVNNLFNFN
;
;QPQFNEDTLQQRLQALIESAGENWTYAIFWQISHDFDSSTGDNTVILGWGDGYYKGEEDKEKKKNNTNTAEQEHRKRVIR
ELNSLISGGIGVSDESNDEEVTDTEWFFLVSMTQSFVNGVGLPGESFLNSRVIWLSGSGALTGSGCERAGQGQIYGLKTM
VCIATQNGVVELGSSEVISQSSDLMHKVNNLFNFN
;
A ? 
2 'polypeptide(L)' no no SVPQARKASLARFLEKRKERLM SVPQARKASLARFLEKRKERLM B ? 
# 
_pdbx_entity_nonpoly.entity_id   3 
_pdbx_entity_nonpoly.name        water 
_pdbx_entity_nonpoly.comp_id     HOH 
# 
loop_
_entity_poly_seq.entity_id 
_entity_poly_seq.num 
_entity_poly_seq.mon_id 
_entity_poly_seq.hetero 
1 1   GLN n 
1 2   PRO n 
1 3   GLN n 
1 4   PHE n 
1 5   ASN n 
1 6   GLU n 
1 7   ASP n 
1 8   THR n 
1 9   LEU n 
1 10  GLN n 
1 11  GLN n 
1 12  ARG n 
1 13  LEU n 
1 14  GLN n 
1 15  ALA n 
1 16  LEU n 
1 17  ILE n 
1 18  GLU n 
1 19  SER n 
1 20  ALA n 
1 21  GLY n 
1 22  GLU n 
1 23  ASN n 
1 24  TRP n 
1 25  THR n 
1 26  TYR n 
1 27  ALA n 
1 28  ILE n 
1 29  PHE n 
1 30  TRP n 
1 31  GLN n 
1 32  ILE n 
1 33  SER n 
1 34  HIS n 
1 35  ASP n 
1 36  PHE n 
1 37  ASP n 
1 38  SER n 
1 39  SER n 
1 40  THR n 
1 41  GLY n 
1 42  ASP n 
1 43  ASN n 
1 44  THR n 
1 45  VAL n 
1 46  ILE n 
1 47  LEU n 
1 48  GLY n 
1 49  TRP n 
1 50  GLY n 
1 51  ASP n 
1 52  GLY n 
1 53  TYR n 
1 54  TYR n 
1 55  LYS n 
1 56  GLY n 
1 57  GLU n 
1 58  GLU n 
1 59  ASP n 
1 60  LYS n 
1 61  GLU n 
1 62  LYS n 
1 63  LYS n 
1 64  LYS n 
1 65  ASN n 
1 66  ASN n 
1 67  THR n 
1 68  ASN n 
1 69  THR n 
1 70  ALA n 
1 71  GLU n 
1 72  GLN n 
1 73  GLU n 
1 74  HIS n 
1 75  ARG n 
1 76  LYS n 
1 77  ARG n 
1 78  VAL n 
1 79  ILE n 
1 80  ARG n 
1 81  GLU n 
1 82  LEU n 
1 83  ASN n 
1 84  SER n 
1 85  LEU n 
1 86  ILE n 
1 87  SER n 
1 88  GLY n 
1 89  GLY n 
1 90  ILE n 
1 91  GLY n 
1 92  VAL n 
1 93  SER n 
1 94  ASP n 
1 95  GLU n 
1 96  SER n 
1 97  ASN n 
1 98  ASP n 
1 99  GLU n 
1 100 GLU n 
1 101 VAL n 
1 102 THR n 
1 103 ASP n 
1 104 THR n 
1 105 GLU n 
1 106 TRP n 
1 107 PHE n 
1 108 PHE n 
1 109 LEU n 
1 110 VAL n 
1 111 SER n 
1 112 MET n 
1 113 THR n 
1 114 GLN n 
1 115 SER n 
1 116 PHE n 
1 117 VAL n 
1 118 ASN n 
1 119 GLY n 
1 120 VAL n 
1 121 GLY n 
1 122 LEU n 
1 123 PRO n 
1 124 GLY n 
1 125 GLU n 
1 126 SER n 
1 127 PHE n 
1 128 LEU n 
1 129 ASN n 
1 130 SER n 
1 131 ARG n 
1 132 VAL n 
1 133 ILE n 
1 134 TRP n 
1 135 LEU n 
1 136 SER n 
1 137 GLY n 
1 138 SER n 
1 139 GLY n 
1 140 ALA n 
1 141 LEU n 
1 142 THR n 
1 143 GLY n 
1 144 SER n 
1 145 GLY n 
1 146 CYS n 
1 147 GLU n 
1 148 ARG n 
1 149 ALA n 
1 150 GLY n 
1 151 GLN n 
1 152 GLY n 
1 153 GLN n 
1 154 ILE n 
1 155 TYR n 
1 156 GLY n 
1 157 LEU n 
1 158 LYS n 
1 159 THR n 
1 160 MET n 
1 161 VAL n 
1 162 CYS n 
1 163 ILE n 
1 164 ALA n 
1 165 THR n 
1 166 GLN n 
1 167 ASN n 
1 168 GLY n 
1 169 VAL n 
1 170 VAL n 
1 171 GLU n 
1 172 LEU n 
1 173 GLY n 
1 174 SER n 
1 175 SER n 
1 176 GLU n 
1 177 VAL n 
1 178 ILE n 
1 179 SER n 
1 180 GLN n 
1 181 SER n 
1 182 SER n 
1 183 ASP n 
1 184 LEU n 
1 185 MET n 
1 186 HIS n 
1 187 LYS n 
1 188 VAL n 
1 189 ASN n 
1 190 ASN n 
1 191 LEU n 
1 192 PHE n 
1 193 ASN n 
1 194 PHE n 
1 195 ASN n 
2 1   SER n 
2 2   VAL n 
2 3   PRO n 
2 4   GLN n 
2 5   ALA n 
2 6   ARG n 
2 7   LYS n 
2 8   ALA n 
2 9   SER n 
2 10  LEU n 
2 11  ALA n 
2 12  ARG n 
2 13  PHE n 
2 14  LEU n 
2 15  GLU n 
2 16  LYS n 
2 17  ARG n 
2 18  LYS n 
2 19  GLU n 
2 20  ARG n 
2 21  LEU n 
2 22  MET n 
# 
_entity_src_gen.entity_id                          1 
_entity_src_gen.pdbx_src_id                        1 
_entity_src_gen.pdbx_alt_source_flag               sample 
_entity_src_gen.pdbx_seq_type                      ? 
_entity_src_gen.pdbx_beg_seq_num                   ? 
_entity_src_gen.pdbx_end_seq_num                   ? 
_entity_src_gen.gene_src_common_name               'mouse-ear cress,thale-cress' 
_entity_src_gen.gene_src_genus                     ? 
_entity_src_gen.pdbx_gene_src_gene                 'At5g46760, ATR2, BHLH5, EN36, MYC3, MZA15.18' 
_entity_src_gen.gene_src_species                   ? 
_entity_src_gen.gene_src_strain                    ? 
_entity_src_gen.gene_src_tissue                    ? 
_entity_src_gen.gene_src_tissue_fraction           ? 
_entity_src_gen.gene_src_details                   ? 
_entity_src_gen.pdbx_gene_src_fragment             ? 
_entity_src_gen.pdbx_gene_src_scientific_name      'Arabidopsis thaliana' 
_entity_src_gen.pdbx_gene_src_ncbi_taxonomy_id     3702 
_entity_src_gen.pdbx_gene_src_variant              ? 
_entity_src_gen.pdbx_gene_src_cell_line            ? 
_entity_src_gen.pdbx_gene_src_atcc                 ? 
_entity_src_gen.pdbx_gene_src_organ                ? 
_entity_src_gen.pdbx_gene_src_organelle            ? 
_entity_src_gen.pdbx_gene_src_cell                 ? 
_entity_src_gen.pdbx_gene_src_cellular_location    ? 
_entity_src_gen.host_org_common_name               ? 
_entity_src_gen.pdbx_host_org_scientific_name      'Escherichia coli' 
_entity_src_gen.pdbx_host_org_ncbi_taxonomy_id     469008 
_entity_src_gen.host_org_genus                     ? 
_entity_src_gen.pdbx_host_org_gene                 ? 
_entity_src_gen.pdbx_host_org_organ                ? 
_entity_src_gen.host_org_species                   ? 
_entity_src_gen.pdbx_host_org_tissue               ? 
_entity_src_gen.pdbx_host_org_tissue_fraction      ? 
_entity_src_gen.pdbx_host_org_strain               'BL21 (DE3)' 
_entity_src_gen.pdbx_host_org_variant              ? 
_entity_src_gen.pdbx_host_org_cell_line            ? 
_entity_src_gen.pdbx_host_org_atcc                 ? 
_entity_src_gen.pdbx_host_org_culture_collection   ? 
_entity_src_gen.pdbx_host_org_cell                 ? 
_entity_src_gen.pdbx_host_org_organelle            ? 
_entity_src_gen.pdbx_host_org_cellular_location    ? 
_entity_src_gen.pdbx_host_org_vector_type          PLASMID 
_entity_src_gen.pdbx_host_org_vector               ? 
_entity_src_gen.host_org_details                   ? 
_entity_src_gen.expression_system_id               ? 
_entity_src_gen.plasmid_name                       pSUMO 
_entity_src_gen.plasmid_details                    ? 
_entity_src_gen.pdbx_description                   ? 
# 
_pdbx_entity_src_syn.entity_id              2 
_pdbx_entity_src_syn.pdbx_src_id            1 
_pdbx_entity_src_syn.pdbx_alt_source_flag   sample 
_pdbx_entity_src_syn.pdbx_beg_seq_num       ? 
_pdbx_entity_src_syn.pdbx_end_seq_num       ? 
_pdbx_entity_src_syn.organism_scientific    'Arabidopsis thaliana' 
_pdbx_entity_src_syn.organism_common_name   'mouse-ear cress,thale-cress' 
_pdbx_entity_src_syn.ncbi_taxonomy_id       3702 
_pdbx_entity_src_syn.details                ? 
# 
loop_
_chem_comp.id 
_chem_comp.type 
_chem_comp.mon_nstd_flag 
_chem_comp.name 
_chem_comp.pdbx_synonyms 
_chem_comp.formula 
_chem_comp.formula_weight 
ALA 'L-peptide linking' y ALANINE         ? 'C3 H7 N O2'     89.093  
ARG 'L-peptide linking' y ARGININE        ? 'C6 H15 N4 O2 1' 175.209 
ASN 'L-peptide linking' y ASPARAGINE      ? 'C4 H8 N2 O3'    132.118 
ASP 'L-peptide linking' y 'ASPARTIC ACID' ? 'C4 H7 N O4'     133.103 
CYS 'L-peptide linking' y CYSTEINE        ? 'C3 H7 N O2 S'   121.158 
GLN 'L-peptide linking' y GLUTAMINE       ? 'C5 H10 N2 O3'   146.144 
GLU 'L-peptide linking' y 'GLUTAMIC ACID' ? 'C5 H9 N O4'     147.129 
GLY 'peptide linking'   y GLYCINE         ? 'C2 H5 N O2'     75.067  
HIS 'L-peptide linking' y HISTIDINE       ? 'C6 H10 N3 O2 1' 156.162 
HOH non-polymer         . WATER           ? 'H2 O'           18.015  
ILE 'L-peptide linking' y ISOLEUCINE      ? 'C6 H13 N O2'    131.173 
LEU 'L-peptide linking' y LEUCINE         ? 'C6 H13 N O2'    131.173 
LYS 'L-peptide linking' y LYSINE          ? 'C6 H15 N2 O2 1' 147.195 
MET 'L-peptide linking' y METHIONINE      ? 'C5 H11 N O2 S'  149.211 
PHE 'L-peptide linking' y PHENYLALANINE   ? 'C9 H11 N O2'    165.189 
PRO 'L-peptide linking' y PROLINE         ? 'C5 H9 N O2'     115.130 
SER 'L-peptide linking' y SERINE          ? 'C3 H7 N O3'     105.093 
THR 'L-peptide linking' y THREONINE       ? 'C4 H9 N O3'     119.119 
TRP 'L-peptide linking' y TRYPTOPHAN      ? 'C11 H12 N2 O2'  204.225 
TYR 'L-peptide linking' y TYROSINE        ? 'C9 H11 N O3'    181.189 
VAL 'L-peptide linking' y VALINE          ? 'C5 H11 N O2'    117.146 
# 
loop_
_pdbx_poly_seq_scheme.asym_id 
_pdbx_poly_seq_scheme.entity_id 
_pdbx_poly_seq_scheme.seq_id 
_pdbx_poly_seq_scheme.mon_id 
_pdbx_poly_seq_scheme.ndb_seq_num 
_pdbx_poly_seq_scheme.pdb_seq_num 
_pdbx_poly_seq_scheme.auth_seq_num 
_pdbx_poly_seq_scheme.pdb_mon_id 
_pdbx_poly_seq_scheme.auth_mon_id 
_pdbx_poly_seq_scheme.pdb_strand_id 
_pdbx_poly_seq_scheme.pdb_ins_code 
_pdbx_poly_seq_scheme.hetero 
A 1 1   GLN 1   44  ?   ?   ?   A . n 
A 1 2   PRO 2   45  45  PRO PRO A . n 
A 1 3   GLN 3   46  46  GLN GLN A . n 
A 1 4   PHE 4   47  47  PHE PHE A . n 
A 1 5   ASN 5   48  48  ASN ASN A . n 
A 1 6   GLU 6   49  49  GLU GLU A . n 
A 1 7   ASP 7   50  50  ASP ASP A . n 
A 1 8   THR 8   51  51  THR THR A . n 
A 1 9   LEU 9   52  52  LEU LEU A . n 
A 1 10  GLN 10  53  53  GLN GLN A . n 
A 1 11  GLN 11  54  54  GLN GLN A . n 
A 1 12  ARG 12  55  55  ARG ARG A . n 
A 1 13  LEU 13  56  56  LEU LEU A . n 
A 1 14  GLN 14  57  57  GLN GLN A . n 
A 1 15  ALA 15  58  58  ALA ALA A . n 
A 1 16  LEU 16  59  59  LEU LEU A . n 
A 1 17  ILE 17  60  60  ILE ILE A . n 
A 1 18  GLU 18  61  61  GLU GLU A . n 
A 1 19  SER 19  62  62  SER SER A . n 
A 1 20  ALA 20  63  63  ALA ALA A . n 
A 1 21  GLY 21  64  64  GLY GLY A . n 
A 1 22  GLU 22  65  65  GLU GLU A . n 
A 1 23  ASN 23  66  66  ASN ASN A . n 
A 1 24  TRP 24  67  67  TRP TRP A . n 
A 1 25  THR 25  68  68  THR THR A . n 
A 1 26  TYR 26  69  69  TYR TYR A . n 
A 1 27  ALA 27  70  70  ALA ALA A . n 
A 1 28  ILE 28  71  71  ILE ILE A . n 
A 1 29  PHE 29  72  72  PHE PHE A . n 
A 1 30  TRP 30  73  73  TRP TRP A . n 
A 1 31  GLN 31  74  74  GLN GLN A . n 
A 1 32  ILE 32  75  75  ILE ILE A . n 
A 1 33  SER 33  76  76  SER SER A . n 
A 1 34  HIS 34  77  77  HIS HIS A . n 
A 1 35  ASP 35  78  78  ASP ASP A . n 
A 1 36  PHE 36  79  79  PHE PHE A . n 
A 1 37  ASP 37  80  80  ASP ASP A . n 
A 1 38  SER 38  81  81  SER SER A . n 
A 1 39  SER 39  82  82  SER SER A . n 
A 1 40  THR 40  83  83  THR THR A . n 
A 1 41  GLY 41  84  84  GLY GLY A . n 
A 1 42  ASP 42  85  85  ASP ASP A . n 
A 1 43  ASN 43  86  86  ASN ASN A . n 
A 1 44  THR 44  87  87  THR THR A . n 
A 1 45  VAL 45  88  88  VAL VAL A . n 
A 1 46  ILE 46  89  89  ILE ILE A . n 
A 1 47  LEU 47  90  90  LEU LEU A . n 
A 1 48  GLY 48  91  91  GLY GLY A . n 
A 1 49  TRP 49  92  92  TRP TRP A . n 
A 1 50  GLY 50  93  93  GLY GLY A . n 
A 1 51  ASP 51  94  94  ASP ASP A . n 
A 1 52  GLY 52  95  95  GLY GLY A . n 
A 1 53  TYR 53  96  96  TYR TYR A . n 
A 1 54  TYR 54  97  97  TYR TYR A . n 
A 1 55  LYS 55  98  98  LYS LYS A . n 
A 1 56  GLY 56  99  99  GLY GLY A . n 
A 1 57  GLU 57  100 100 GLU GLU A . n 
A 1 58  GLU 58  101 ?   ?   ?   A . n 
A 1 59  ASP 59  102 ?   ?   ?   A . n 
A 1 60  LYS 60  103 ?   ?   ?   A . n 
A 1 61  GLU 61  104 ?   ?   ?   A . n 
A 1 62  LYS 62  105 ?   ?   ?   A . n 
A 1 63  LYS 63  106 ?   ?   ?   A . n 
A 1 64  LYS 64  107 ?   ?   ?   A . n 
A 1 65  ASN 65  108 ?   ?   ?   A . n 
A 1 66  ASN 66  109 ?   ?   ?   A . n 
A 1 67  THR 67  110 ?   ?   ?   A . n 
A 1 68  ASN 68  111 111 ASN ASN A . n 
A 1 69  THR 69  112 112 THR THR A . n 
A 1 70  ALA 70  113 113 ALA ALA A . n 
A 1 71  GLU 71  114 114 GLU GLU A . n 
A 1 72  GLN 72  115 115 GLN GLN A . n 
A 1 73  GLU 73  116 116 GLU GLU A . n 
A 1 74  HIS 74  117 117 HIS HIS A . n 
A 1 75  ARG 75  118 118 ARG ARG A . n 
A 1 76  LYS 76  119 119 LYS LYS A . n 
A 1 77  ARG 77  120 120 ARG ARG A . n 
A 1 78  VAL 78  121 121 VAL VAL A . n 
A 1 79  ILE 79  122 122 ILE ILE A . n 
A 1 80  ARG 80  123 123 ARG ARG A . n 
A 1 81  GLU 81  124 124 GLU GLU A . n 
A 1 82  LEU 82  125 125 LEU LEU A . n 
A 1 83  ASN 83  126 126 ASN ASN A . n 
A 1 84  SER 84  127 127 SER SER A . n 
A 1 85  LEU 85  128 128 LEU LEU A . n 
A 1 86  ILE 86  129 ?   ?   ?   A . n 
A 1 87  SER 87  130 ?   ?   ?   A . n 
A 1 88  GLY 88  131 ?   ?   ?   A . n 
A 1 89  GLY 89  132 ?   ?   ?   A . n 
A 1 90  ILE 90  133 ?   ?   ?   A . n 
A 1 91  GLY 91  134 ?   ?   ?   A . n 
A 1 92  VAL 92  135 ?   ?   ?   A . n 
A 1 93  SER 93  136 ?   ?   ?   A . n 
A 1 94  ASP 94  137 ?   ?   ?   A . n 
A 1 95  GLU 95  138 ?   ?   ?   A . n 
A 1 96  SER 96  139 ?   ?   ?   A . n 
A 1 97  ASN 97  140 ?   ?   ?   A . n 
A 1 98  ASP 98  141 ?   ?   ?   A . n 
A 1 99  GLU 99  142 142 GLU GLU A . n 
A 1 100 GLU 100 143 143 GLU GLU A . n 
A 1 101 VAL 101 144 144 VAL VAL A . n 
A 1 102 THR 102 145 145 THR THR A . n 
A 1 103 ASP 103 146 146 ASP ASP A . n 
A 1 104 THR 104 147 147 THR THR A . n 
A 1 105 GLU 105 148 148 GLU GLU A . n 
A 1 106 TRP 106 149 149 TRP TRP A . n 
A 1 107 PHE 107 150 150 PHE PHE A . n 
A 1 108 PHE 108 151 151 PHE PHE A . n 
A 1 109 LEU 109 152 152 LEU LEU A . n 
A 1 110 VAL 110 153 153 VAL VAL A . n 
A 1 111 SER 111 154 154 SER SER A . n 
A 1 112 MET 112 155 155 MET MET A . n 
A 1 113 THR 113 156 156 THR THR A . n 
A 1 114 GLN 114 157 157 GLN GLN A . n 
A 1 115 SER 115 158 158 SER SER A . n 
A 1 116 PHE 116 159 159 PHE PHE A . n 
A 1 117 VAL 117 160 160 VAL VAL A . n 
A 1 118 ASN 118 161 161 ASN ASN A . n 
A 1 119 GLY 119 162 162 GLY GLY A . n 
A 1 120 VAL 120 163 163 VAL VAL A . n 
A 1 121 GLY 121 164 164 GLY GLY A . n 
A 1 122 LEU 122 165 165 LEU LEU A . n 
A 1 123 PRO 123 166 166 PRO PRO A . n 
A 1 124 GLY 124 167 167 GLY GLY A . n 
A 1 125 GLU 125 168 168 GLU GLU A . n 
A 1 126 SER 126 169 169 SER SER A . n 
A 1 127 PHE 127 170 170 PHE PHE A . n 
A 1 128 LEU 128 171 171 LEU LEU A . n 
A 1 129 ASN 129 172 172 ASN ASN A . n 
A 1 130 SER 130 173 173 SER SER A . n 
A 1 131 ARG 131 174 174 ARG ARG A . n 
A 1 132 VAL 132 175 175 VAL VAL A . n 
A 1 133 ILE 133 176 176 ILE ILE A . n 
A 1 134 TRP 134 177 177 TRP TRP A . n 
A 1 135 LEU 135 178 178 LEU LEU A . n 
A 1 136 SER 136 179 179 SER SER A . n 
A 1 137 GLY 137 180 180 GLY GLY A . n 
A 1 138 SER 138 181 181 SER SER A . n 
A 1 139 GLY 139 182 182 GLY GLY A . n 
A 1 140 ALA 140 183 183 ALA ALA A . n 
A 1 141 LEU 141 184 184 LEU LEU A . n 
A 1 142 THR 142 185 185 THR THR A . n 
A 1 143 GLY 143 186 186 GLY GLY A . n 
A 1 144 SER 144 187 187 SER SER A . n 
A 1 145 GLY 145 188 188 GLY GLY A . n 
A 1 146 CYS 146 189 189 CYS CYS A . n 
A 1 147 GLU 147 190 190 GLU GLU A . n 
A 1 148 ARG 148 191 191 ARG ARG A . n 
A 1 149 ALA 149 192 192 ALA ALA A . n 
A 1 150 GLY 150 193 193 GLY GLY A . n 
A 1 151 GLN 151 194 194 GLN GLN A . n 
A 1 152 GLY 152 195 195 GLY GLY A . n 
A 1 153 GLN 153 196 196 GLN GLN A . n 
A 1 154 ILE 154 197 197 ILE ILE A . n 
A 1 155 TYR 155 198 198 TYR TYR A . n 
A 1 156 GLY 156 199 199 GLY GLY A . n 
A 1 157 LEU 157 200 200 LEU LEU A . n 
A 1 158 LYS 158 201 201 LYS LYS A . n 
A 1 159 THR 159 202 202 THR THR A . n 
A 1 160 MET 160 203 203 MET MET A . n 
A 1 161 VAL 161 204 204 VAL VAL A . n 
A 1 162 CYS 162 205 205 CYS CYS A . n 
A 1 163 ILE 163 206 206 ILE ILE A . n 
A 1 164 ALA 164 207 207 ALA ALA A . n 
A 1 165 THR 165 208 208 THR THR A . n 
A 1 166 GLN 166 209 209 GLN GLN A . n 
A 1 167 ASN 167 210 210 ASN ASN A . n 
A 1 168 GLY 168 211 211 GLY GLY A . n 
A 1 169 VAL 169 212 212 VAL VAL A . n 
A 1 170 VAL 170 213 213 VAL VAL A . n 
A 1 171 GLU 171 214 214 GLU GLU A . n 
A 1 172 LEU 172 215 215 LEU LEU A . n 
A 1 173 GLY 173 216 216 GLY GLY A . n 
A 1 174 SER 174 217 217 SER SER A . n 
A 1 175 SER 175 218 218 SER SER A . n 
A 1 176 GLU 176 219 219 GLU GLU A . n 
A 1 177 VAL 177 220 220 VAL VAL A . n 
A 1 178 ILE 178 221 221 ILE ILE A . n 
A 1 179 SER 179 222 222 SER SER A . n 
A 1 180 GLN 180 223 223 GLN GLN A . n 
A 1 181 SER 181 224 224 SER SER A . n 
A 1 182 SER 182 225 225 SER SER A . n 
A 1 183 ASP 183 226 226 ASP ASP A . n 
A 1 184 LEU 184 227 227 LEU LEU A . n 
A 1 185 MET 185 228 228 MET MET A . n 
A 1 186 HIS 186 229 229 HIS HIS A . n 
A 1 187 LYS 187 230 230 LYS LYS A . n 
A 1 188 VAL 188 231 231 VAL VAL A . n 
A 1 189 ASN 189 232 232 ASN ASN A . n 
A 1 190 ASN 190 233 233 ASN ASN A . n 
A 1 191 LEU 191 234 234 LEU LEU A . n 
A 1 192 PHE 192 235 235 PHE PHE A . n 
A 1 193 ASN 193 236 236 ASN ASN A . n 
A 1 194 PHE 194 237 237 PHE PHE A . n 
A 1 195 ASN 195 238 238 ASN ASN A . n 
B 2 1   SER 1   218 218 SER SER B . n 
B 2 2   VAL 2   219 219 VAL VAL B . n 
B 2 3   PRO 3   220 220 PRO PRO B . n 
B 2 4   GLN 4   221 221 GLN GLN B . n 
B 2 5   ALA 5   222 222 ALA ALA B . n 
B 2 6   ARG 6   223 223 ARG ARG B . n 
B 2 7   LYS 7   224 224 LYS LYS B . n 
B 2 8   ALA 8   225 225 ALA ALA B . n 
B 2 9   SER 9   226 226 SER SER B . n 
B 2 10  LEU 10  227 227 LEU LEU B . n 
B 2 11  ALA 11  228 228 ALA ALA B . n 
B 2 12  ARG 12  229 229 ARG ARG B . n 
B 2 13  PHE 13  230 230 PHE PHE B . n 
B 2 14  LEU 14  231 231 LEU LEU B . n 
B 2 15  GLU 15  232 232 GLU GLU B . n 
B 2 16  LYS 16  233 233 LYS LYS B . n 
B 2 17  ARG 17  234 234 ARG ARG B . n 
B 2 18  LYS 18  235 235 LYS LYS B . n 
B 2 19  GLU 19  236 236 GLU GLU B . n 
B 2 20  ARG 20  237 ?   ?   ?   B . n 
B 2 21  LEU 21  238 ?   ?   ?   B . n 
B 2 22  MET 22  239 ?   ?   ?   B . n 
# 
loop_
_pdbx_nonpoly_scheme.asym_id 
_pdbx_nonpoly_scheme.entity_id 
_pdbx_nonpoly_scheme.mon_id 
_pdbx_nonpoly_scheme.ndb_seq_num 
_pdbx_nonpoly_scheme.pdb_seq_num 
_pdbx_nonpoly_scheme.auth_seq_num 
_pdbx_nonpoly_scheme.pdb_mon_id 
_pdbx_nonpoly_scheme.auth_mon_id 
_pdbx_nonpoly_scheme.pdb_strand_id 
_pdbx_nonpoly_scheme.pdb_ins_code 
C 3 HOH 1   301 1   HOH HOH A . 
C 3 HOH 2   302 2   HOH HOH A . 
C 3 HOH 3   303 3   HOH HOH A . 
C 3 HOH 4   304 4   HOH HOH A . 
C 3 HOH 5   305 5   HOH HOH A . 
C 3 HOH 6   306 6   HOH HOH A . 
C 3 HOH 7   307 7   HOH HOH A . 
C 3 HOH 8   308 8   HOH HOH A . 
C 3 HOH 9   309 9   HOH HOH A . 
C 3 HOH 10  310 10  HOH HOH A . 
C 3 HOH 11  311 11  HOH HOH A . 
C 3 HOH 12  312 12  HOH HOH A . 
C 3 HOH 13  313 13  HOH HOH A . 
C 3 HOH 14  314 14  HOH HOH A . 
C 3 HOH 15  315 15  HOH HOH A . 
C 3 HOH 16  316 16  HOH HOH A . 
C 3 HOH 17  317 17  HOH HOH A . 
C 3 HOH 18  318 18  HOH HOH A . 
C 3 HOH 19  319 19  HOH HOH A . 
C 3 HOH 20  320 20  HOH HOH A . 
C 3 HOH 21  321 21  HOH HOH A . 
C 3 HOH 22  322 22  HOH HOH A . 
C 3 HOH 23  323 23  HOH HOH A . 
C 3 HOH 24  324 24  HOH HOH A . 
C 3 HOH 25  325 25  HOH HOH A . 
C 3 HOH 26  326 26  HOH HOH A . 
C 3 HOH 27  327 27  HOH HOH A . 
C 3 HOH 28  328 28  HOH HOH A . 
C 3 HOH 29  329 29  HOH HOH A . 
C 3 HOH 30  330 30  HOH HOH A . 
C 3 HOH 31  331 31  HOH HOH A . 
C 3 HOH 32  332 32  HOH HOH A . 
C 3 HOH 33  333 33  HOH HOH A . 
C 3 HOH 34  334 34  HOH HOH A . 
C 3 HOH 35  335 35  HOH HOH A . 
C 3 HOH 36  336 36  HOH HOH A . 
C 3 HOH 37  337 37  HOH HOH A . 
C 3 HOH 38  338 38  HOH HOH A . 
C 3 HOH 39  339 39  HOH HOH A . 
C 3 HOH 40  340 40  HOH HOH A . 
C 3 HOH 41  341 41  HOH HOH A . 
C 3 HOH 42  342 42  HOH HOH A . 
C 3 HOH 43  343 43  HOH HOH A . 
C 3 HOH 44  344 44  HOH HOH A . 
C 3 HOH 45  345 45  HOH HOH A . 
C 3 HOH 46  346 46  HOH HOH A . 
C 3 HOH 47  347 48  HOH HOH A . 
C 3 HOH 48  348 49  HOH HOH A . 
C 3 HOH 49  349 50  HOH HOH A . 
C 3 HOH 50  350 51  HOH HOH A . 
C 3 HOH 51  351 52  HOH HOH A . 
C 3 HOH 52  352 53  HOH HOH A . 
C 3 HOH 53  353 54  HOH HOH A . 
C 3 HOH 54  354 55  HOH HOH A . 
C 3 HOH 55  355 56  HOH HOH A . 
C 3 HOH 56  356 57  HOH HOH A . 
C 3 HOH 57  357 58  HOH HOH A . 
C 3 HOH 58  358 59  HOH HOH A . 
C 3 HOH 59  359 60  HOH HOH A . 
C 3 HOH 60  360 61  HOH HOH A . 
C 3 HOH 61  361 62  HOH HOH A . 
C 3 HOH 62  362 63  HOH HOH A . 
C 3 HOH 63  363 64  HOH HOH A . 
C 3 HOH 64  364 65  HOH HOH A . 
C 3 HOH 65  365 66  HOH HOH A . 
C 3 HOH 66  366 67  HOH HOH A . 
C 3 HOH 67  367 68  HOH HOH A . 
C 3 HOH 68  368 70  HOH HOH A . 
C 3 HOH 69  369 71  HOH HOH A . 
C 3 HOH 70  370 72  HOH HOH A . 
C 3 HOH 71  371 73  HOH HOH A . 
C 3 HOH 72  372 74  HOH HOH A . 
C 3 HOH 73  373 75  HOH HOH A . 
C 3 HOH 74  374 76  HOH HOH A . 
C 3 HOH 75  375 77  HOH HOH A . 
C 3 HOH 76  376 78  HOH HOH A . 
C 3 HOH 77  377 80  HOH HOH A . 
C 3 HOH 78  378 81  HOH HOH A . 
C 3 HOH 79  379 82  HOH HOH A . 
C 3 HOH 80  380 83  HOH HOH A . 
C 3 HOH 81  381 85  HOH HOH A . 
C 3 HOH 82  382 86  HOH HOH A . 
C 3 HOH 83  383 87  HOH HOH A . 
C 3 HOH 84  384 88  HOH HOH A . 
C 3 HOH 85  385 89  HOH HOH A . 
C 3 HOH 86  386 90  HOH HOH A . 
C 3 HOH 87  387 91  HOH HOH A . 
C 3 HOH 88  388 92  HOH HOH A . 
C 3 HOH 89  389 93  HOH HOH A . 
C 3 HOH 90  390 94  HOH HOH A . 
C 3 HOH 91  391 95  HOH HOH A . 
C 3 HOH 92  392 96  HOH HOH A . 
C 3 HOH 93  393 97  HOH HOH A . 
C 3 HOH 94  394 98  HOH HOH A . 
C 3 HOH 95  395 99  HOH HOH A . 
C 3 HOH 96  396 100 HOH HOH A . 
C 3 HOH 97  397 101 HOH HOH A . 
C 3 HOH 98  398 102 HOH HOH A . 
C 3 HOH 99  399 103 HOH HOH A . 
C 3 HOH 100 400 104 HOH HOH A . 
C 3 HOH 101 401 105 HOH HOH A . 
C 3 HOH 102 402 106 HOH HOH A . 
C 3 HOH 103 403 107 HOH HOH A . 
C 3 HOH 104 404 109 HOH HOH A . 
C 3 HOH 105 405 111 HOH HOH A . 
C 3 HOH 106 406 112 HOH HOH A . 
C 3 HOH 107 407 113 HOH HOH A . 
C 3 HOH 108 408 114 HOH HOH A . 
C 3 HOH 109 409 115 HOH HOH A . 
C 3 HOH 110 410 116 HOH HOH A . 
C 3 HOH 111 411 118 HOH HOH A . 
C 3 HOH 112 412 119 HOH HOH A . 
C 3 HOH 113 413 120 HOH HOH A . 
C 3 HOH 114 414 123 HOH HOH A . 
C 3 HOH 115 415 124 HOH HOH A . 
C 3 HOH 116 416 125 HOH HOH A . 
C 3 HOH 117 417 126 HOH HOH A . 
C 3 HOH 118 418 127 HOH HOH A . 
C 3 HOH 119 419 128 HOH HOH A . 
C 3 HOH 120 420 129 HOH HOH A . 
C 3 HOH 121 421 130 HOH HOH A . 
C 3 HOH 122 422 131 HOH HOH A . 
C 3 HOH 123 423 132 HOH HOH A . 
C 3 HOH 124 424 134 HOH HOH A . 
C 3 HOH 125 425 136 HOH HOH A . 
C 3 HOH 126 426 137 HOH HOH A . 
C 3 HOH 127 427 138 HOH HOH A . 
C 3 HOH 128 428 139 HOH HOH A . 
C 3 HOH 129 429 429 HOH HOH A . 
D 3 HOH 1   301 47  HOH HOH B . 
D 3 HOH 2   302 69  HOH HOH B . 
D 3 HOH 3   303 79  HOH HOH B . 
D 3 HOH 4   304 84  HOH HOH B . 
D 3 HOH 5   305 108 HOH HOH B . 
D 3 HOH 6   306 110 HOH HOH B . 
D 3 HOH 7   307 121 HOH HOH B . 
D 3 HOH 8   308 122 HOH HOH B . 
# 
loop_
_software.name 
_software.classification 
_software.version 
_software.citation_id 
_software.pdbx_ordinal 
MD2    'data collection' program  ? 1 
PHASER phasing           .        ? 2 
REFMAC refinement        5.7.0032 ? 3 
XDS    'data reduction'  .        ? 4 
SCALA  'data scaling'    .        ? 5 
# 
_cell.entry_id           4RS9 
_cell.length_a           85.745 
_cell.length_b           85.745 
_cell.length_c           59.983 
_cell.angle_alpha        90.00 
_cell.angle_beta         90.00 
_cell.angle_gamma        120.00 
_cell.Z_PDB              6 
_cell.pdbx_unique_axis   ? 
# 
_symmetry.entry_id                         4RS9 
_symmetry.space_group_name_H-M             'P 32 2 1' 
_symmetry.pdbx_full_space_group_name_H-M   ? 
_symmetry.cell_setting                     ? 
_symmetry.Int_Tables_number                154 
# 
_exptl.entry_id          4RS9 
_exptl.method            'X-RAY DIFFRACTION' 
_exptl.crystals_number   1 
# 
_exptl_crystal.id                    1 
_exptl_crystal.density_meas          ? 
_exptl_crystal.density_Matthews      2.63 
_exptl_crystal.density_percent_sol   53.22 
_exptl_crystal.description           ? 
_exptl_crystal.F_000                 ? 
_exptl_crystal.preparation           ? 
# 
_exptl_crystal_grow.crystal_id      1 
_exptl_crystal_grow.method          'VAPOR DIFFUSION, SITTING DROP' 
_exptl_crystal_grow.temp            293 
_exptl_crystal_grow.temp_details    ? 
_exptl_crystal_grow.pH              8.5 
_exptl_crystal_grow.pdbx_details    
;0.2 M magnesium chloride, 0.1 M Tris, pH 8.5, and 30% (w/v) polyethylene glycol 4000, VAPOR DIFFUSION, SITTING DROP, temperature 293K
;
_exptl_crystal_grow.pdbx_pH_range   ? 
# 
_diffrn.id                     1 
_diffrn.ambient_temp           100 
_diffrn.ambient_temp_details   ? 
_diffrn.crystal_id             1 
# 
_diffrn_detector.diffrn_id              1 
_diffrn_detector.detector               CCD 
_diffrn_detector.type                   'MARMOSAIC 300 mm CCD' 
_diffrn_detector.pdbx_collection_date   2013-10-25 
_diffrn_detector.details                ? 
# 
_diffrn_radiation.diffrn_id                        1 
_diffrn_radiation.wavelength_id                    1 
_diffrn_radiation.pdbx_monochromatic_or_laue_m_l   M 
_diffrn_radiation.monochromator                    'Ni FILTER' 
_diffrn_radiation.pdbx_diffrn_protocol             'SINGLE WAVELENGTH' 
_diffrn_radiation.pdbx_scattering_type             x-ray 
# 
_diffrn_radiation_wavelength.id           1 
_diffrn_radiation_wavelength.wavelength   0.97856 
_diffrn_radiation_wavelength.wt           1.0 
# 
_diffrn_source.diffrn_id                   1 
_diffrn_source.source                      SYNCHROTRON 
_diffrn_source.type                        'APS BEAMLINE 21-ID-G' 
_diffrn_source.pdbx_synchrotron_site       APS 
_diffrn_source.pdbx_synchrotron_beamline   21-ID-G 
_diffrn_source.pdbx_wavelength             ? 
_diffrn_source.pdbx_wavelength_list        0.97856 
# 
_reflns.entry_id                     4RS9 
_reflns.observed_criterion_sigma_I   ? 
_reflns.observed_criterion_sigma_F   ? 
_reflns.d_resolution_low             50 
_reflns.d_resolution_high            1.95 
_reflns.number_obs                   18916 
_reflns.number_all                   18916 
_reflns.percent_possible_obs         100 
_reflns.pdbx_Rmerge_I_obs            0.057 
_reflns.pdbx_Rsym_value              ? 
_reflns.pdbx_netI_over_sigmaI        23.7 
_reflns.B_iso_Wilson_estimate        ? 
_reflns.pdbx_redundancy              12.0 
_reflns.R_free_details               ? 
_reflns.limit_h_max                  ? 
_reflns.limit_h_min                  ? 
_reflns.limit_k_max                  ? 
_reflns.limit_k_min                  ? 
_reflns.limit_l_max                  ? 
_reflns.limit_l_min                  ? 
_reflns.observed_criterion_F_max     ? 
_reflns.observed_criterion_F_min     ? 
_reflns.pdbx_chi_squared             ? 
_reflns.pdbx_scaling_rejects         ? 
_reflns.pdbx_ordinal                 1 
_reflns.pdbx_diffrn_id               1 
# 
_reflns_shell.d_res_high             1.95 
_reflns_shell.d_res_low              2.06 
_reflns_shell.percent_possible_all   100 
_reflns_shell.Rmerge_I_obs           ? 
_reflns_shell.pdbx_Rsym_value        ? 
_reflns_shell.meanI_over_sigI_obs    ? 
_reflns_shell.pdbx_redundancy        ? 
_reflns_shell.percent_possible_obs   ? 
_reflns_shell.number_unique_all      ? 
_reflns_shell.number_measured_all    ? 
_reflns_shell.number_measured_obs    ? 
_reflns_shell.number_unique_obs      ? 
_reflns_shell.pdbx_chi_squared       ? 
_reflns_shell.pdbx_ordinal           1 
_reflns_shell.pdbx_diffrn_id         1 
# 
_refine.entry_id                                 4RS9 
_refine.ls_number_reflns_obs                     17922 
_refine.ls_number_reflns_all                     17936 
_refine.pdbx_ls_sigma_I                          ? 
_refine.pdbx_ls_sigma_F                          ? 
_refine.pdbx_data_cutoff_high_absF               ? 
_refine.pdbx_data_cutoff_low_absF                ? 
_refine.pdbx_data_cutoff_high_rms_absF           ? 
_refine.ls_d_res_low                             42.91 
_refine.ls_d_res_high                            1.95 
_refine.ls_percent_reflns_obs                    99.92 
_refine.ls_R_factor_obs                          0.20149 
_refine.ls_R_factor_all                          ? 
_refine.ls_R_factor_R_work                       0.19987 
_refine.ls_R_factor_R_free                       0.23440 
_refine.ls_R_factor_R_free_error                 ? 
_refine.ls_R_factor_R_free_error_details         ? 
_refine.ls_percent_reflns_R_free                 5.1 
_refine.ls_number_reflns_R_free                  971 
_refine.ls_number_parameters                     ? 
_refine.ls_number_restraints                     ? 
_refine.occupancy_min                            ? 
_refine.occupancy_max                            ? 
_refine.correlation_coeff_Fo_to_Fc               0.962 
_refine.correlation_coeff_Fo_to_Fc_free          0.947 
_refine.B_iso_mean                               50.080 
_refine.aniso_B[1][1]                            -0.57 
_refine.aniso_B[2][2]                            -0.57 
_refine.aniso_B[3][3]                            1.86 
_refine.aniso_B[1][2]                            -0.57 
_refine.aniso_B[1][3]                            -0.00 
_refine.aniso_B[2][3]                            -0.00 
_refine.solvent_model_details                    MASK 
_refine.solvent_model_param_ksol                 ? 
_refine.solvent_model_param_bsol                 ? 
_refine.pdbx_solvent_vdw_probe_radii             1.20 
_refine.pdbx_solvent_ion_probe_radii             0.80 
_refine.pdbx_solvent_shrinkage_radii             0.80 
_refine.pdbx_ls_cross_valid_method               THROUGHOUT 
_refine.details                                  'HYDROGENS HAVE BEEN USED IF PRESENT IN THE INPUT' 
_refine.pdbx_starting_model                      'Myc3[44-238]' 
_refine.pdbx_method_to_determine_struct          'MOLECULAR REPLACEMENT' 
_refine.pdbx_isotropic_thermal_model             ? 
_refine.pdbx_stereochemistry_target_values       'MAXIMUM LIKELIHOOD' 
_refine.pdbx_stereochem_target_val_spec_case     ? 
_refine.pdbx_R_Free_selection_details            RANDOM 
_refine.pdbx_overall_ESU_R                       0.150 
_refine.pdbx_overall_ESU_R_Free                  0.140 
_refine.overall_SU_ML                            0.101 
_refine.pdbx_overall_phase_error                 ? 
_refine.overall_SU_B                             3.519 
_refine.overall_SU_R_Cruickshank_DPI             ? 
_refine.ls_redundancy_reflns_obs                 ? 
_refine.B_iso_min                                ? 
_refine.B_iso_max                                ? 
_refine.overall_SU_R_free                        ? 
_refine.ls_wR_factor_R_free                      ? 
_refine.ls_wR_factor_R_work                      ? 
_refine.overall_FOM_free_R_set                   ? 
_refine.overall_FOM_work_R_set                   ? 
_refine.pdbx_diffrn_id                           1 
_refine.pdbx_refine_id                           'X-RAY DIFFRACTION' 
_refine.pdbx_TLS_residual_ADP_flag               ? 
_refine.pdbx_overall_SU_R_free_Cruickshank_DPI   ? 
_refine.pdbx_overall_SU_R_Blow_DPI               ? 
_refine.pdbx_overall_SU_R_free_Blow_DPI          ? 
# 
_refine_hist.pdbx_refine_id                   'X-RAY DIFFRACTION' 
_refine_hist.cycle_id                         LAST 
_refine_hist.pdbx_number_atoms_protein        1493 
_refine_hist.pdbx_number_atoms_nucleic_acid   0 
_refine_hist.pdbx_number_atoms_ligand         0 
_refine_hist.number_atoms_solvent             137 
_refine_hist.number_atoms_total               1630 
_refine_hist.d_res_high                       1.95 
_refine_hist.d_res_low                        42.91 
# 
loop_
_refine_ls_restr.type 
_refine_ls_restr.dev_ideal 
_refine_ls_restr.dev_ideal_target 
_refine_ls_restr.weight 
_refine_ls_restr.number 
_refine_ls_restr.pdbx_restraint_function 
_refine_ls_restr.pdbx_refine_id 
r_bond_refined_d       0.006  0.019  ? 1519 ? 'X-RAY DIFFRACTION' 
r_angle_refined_deg    1.008  1.924  ? 2047 ? 'X-RAY DIFFRACTION' 
r_dihedral_angle_1_deg 4.993  5.000  ? 186  ? 'X-RAY DIFFRACTION' 
r_dihedral_angle_2_deg 35.533 24.872 ? 78   ? 'X-RAY DIFFRACTION' 
r_dihedral_angle_3_deg 13.279 15.000 ? 258  ? 'X-RAY DIFFRACTION' 
r_dihedral_angle_4_deg 12.392 15.000 ? 9    ? 'X-RAY DIFFRACTION' 
r_chiral_restr         0.073  0.200  ? 222  ? 'X-RAY DIFFRACTION' 
r_gen_planes_refined   0.004  0.020  ? 1155 ? 'X-RAY DIFFRACTION' 
r_mcbond_it            1.965  4.710  ? 756  ? 'X-RAY DIFFRACTION' 
r_mcangle_it           3.136  7.020  ? 938  ? 'X-RAY DIFFRACTION' 
r_scbond_it            2.387  5.064  ? 761  ? 'X-RAY DIFFRACTION' 
r_long_range_B_refined 6.945  44.582 ? 6519 ? 'X-RAY DIFFRACTION' 
# 
_refine_ls_shell.pdbx_total_number_of_bins_used   20 
_refine_ls_shell.d_res_high                       1.950 
_refine_ls_shell.d_res_low                        2.001 
_refine_ls_shell.number_reflns_R_work             1317 
_refine_ls_shell.R_factor_R_work                  0.291 
_refine_ls_shell.percent_reflns_obs               100.00 
_refine_ls_shell.R_factor_R_free                  0.273 
_refine_ls_shell.R_factor_R_free_error            ? 
_refine_ls_shell.percent_reflns_R_free            ? 
_refine_ls_shell.number_reflns_R_free             74 
_refine_ls_shell.number_reflns_all                ? 
_refine_ls_shell.R_factor_all                     ? 
_refine_ls_shell.number_reflns_obs                ? 
_refine_ls_shell.redundancy_reflns_obs            ? 
_refine_ls_shell.pdbx_refine_id                   'X-RAY DIFFRACTION' 
# 
_struct.entry_id                  4RS9 
_struct.title                     'Structure of Myc3 N-terminal JAZ-binding domain [44-238] in complex with Jas motif of JAZ9' 
_struct.pdbx_model_details        ? 
_struct.pdbx_CASP_flag            ? 
_struct.pdbx_model_type_details   ? 
# 
_struct_keywords.entry_id        4RS9 
_struct_keywords.pdbx_keywords   'TRANSCRIPTION REGULATOR' 
_struct_keywords.text            
;Helix-Sheet-Helix, alpha+beta structural fold, Transcription factor, bind JAZ corepressors or mediator subunit MED25, Nuclear, TRANSCRIPTION REGULATOR
;
# 
loop_
_struct_asym.id 
_struct_asym.pdbx_blank_PDB_chainid_flag 
_struct_asym.pdbx_modified 
_struct_asym.entity_id 
_struct_asym.details 
A N N 1 ? 
B N N 2 ? 
C N N 3 ? 
D N N 3 ? 
# 
loop_
_struct_ref.id 
_struct_ref.db_name 
_struct_ref.db_code 
_struct_ref.pdbx_db_accession 
_struct_ref.entity_id 
_struct_ref.pdbx_seq_one_letter_code 
_struct_ref.pdbx_align_begin 
_struct_ref.pdbx_db_isoform 
1 UNP MYC3_ARATH Q9FIP9 1 
;QPQFNEDTLQQRLQALIESAGENWTYAIFWQISHDFDSSTGDNTVILGWGDGYYKGEEDKEKKKNNTNTAEQEHRKRVIR
ELNSLISGGIGVSDESNDEEVTDTEWFFLVSMTQSFVNGVGLPGESFLNSRVIWLSGSGALTGSGCERAGQGQIYGLKTM
VCIATQNGVVELGSSEVISQSSDLMHKVNNLFNFN
;
44  ? 
2 UNP TIF7_ARATH Q8W4J8 2 SVPQARKASLARFLEKRKERLM 218 ? 
# 
loop_
_struct_ref_seq.align_id 
_struct_ref_seq.ref_id 
_struct_ref_seq.pdbx_PDB_id_code 
_struct_ref_seq.pdbx_strand_id 
_struct_ref_seq.seq_align_beg 
_struct_ref_seq.pdbx_seq_align_beg_ins_code 
_struct_ref_seq.seq_align_end 
_struct_ref_seq.pdbx_seq_align_end_ins_code 
_struct_ref_seq.pdbx_db_accession 
_struct_ref_seq.db_align_beg 
_struct_ref_seq.pdbx_db_align_beg_ins_code 
_struct_ref_seq.db_align_end 
_struct_ref_seq.pdbx_db_align_end_ins_code 
_struct_ref_seq.pdbx_auth_seq_align_beg 
_struct_ref_seq.pdbx_auth_seq_align_end 
1 1 4RS9 A 1 ? 195 ? Q9FIP9 44  ? 238 ? 44  238 
2 2 4RS9 B 1 ? 22  ? Q8W4J8 218 ? 239 ? 218 239 
# 
_pdbx_struct_assembly.id                   1 
_pdbx_struct_assembly.details              author_and_software_defined_assembly 
_pdbx_struct_assembly.method_details       PISA 
_pdbx_struct_assembly.oligomeric_details   dimeric 
_pdbx_struct_assembly.oligomeric_count     2 
# 
loop_
_pdbx_struct_assembly_prop.biol_id 
_pdbx_struct_assembly_prop.type 
_pdbx_struct_assembly_prop.value 
_pdbx_struct_assembly_prop.details 
1 'ABSA (A^2)' 1340 ? 
1 MORE         -6   ? 
1 'SSA (A^2)'  9950 ? 
# 
_pdbx_struct_assembly_gen.assembly_id       1 
_pdbx_struct_assembly_gen.oper_expression   1 
_pdbx_struct_assembly_gen.asym_id_list      A,B,C,D 
# 
_pdbx_struct_oper_list.id                   1 
_pdbx_struct_oper_list.type                 'identity operation' 
_pdbx_struct_oper_list.name                 1_555 
_pdbx_struct_oper_list.symmetry_operation   x,y,z 
_pdbx_struct_oper_list.matrix[1][1]         1.0000000000 
_pdbx_struct_oper_list.matrix[1][2]         0.0000000000 
_pdbx_struct_oper_list.matrix[1][3]         0.0000000000 
_pdbx_struct_oper_list.vector[1]            0.0000000000 
_pdbx_struct_oper_list.matrix[2][1]         0.0000000000 
_pdbx_struct_oper_list.matrix[2][2]         1.0000000000 
_pdbx_struct_oper_list.matrix[2][3]         0.0000000000 
_pdbx_struct_oper_list.vector[2]            0.0000000000 
_pdbx_struct_oper_list.matrix[3][1]         0.0000000000 
_pdbx_struct_oper_list.matrix[3][2]         0.0000000000 
_pdbx_struct_oper_list.matrix[3][3]         1.0000000000 
_pdbx_struct_oper_list.vector[3]            0.0000000000 
# 
_struct_biol.id        1 
_struct_biol.details   ? 
# 
loop_
_struct_conf.conf_type_id 
_struct_conf.id 
_struct_conf.pdbx_PDB_helix_id 
_struct_conf.beg_label_comp_id 
_struct_conf.beg_label_asym_id 
_struct_conf.beg_label_seq_id 
_struct_conf.pdbx_beg_PDB_ins_code 
_struct_conf.end_label_comp_id 
_struct_conf.end_label_asym_id 
_struct_conf.end_label_seq_id 
_struct_conf.pdbx_end_PDB_ins_code 
_struct_conf.beg_auth_comp_id 
_struct_conf.beg_auth_asym_id 
_struct_conf.beg_auth_seq_id 
_struct_conf.end_auth_comp_id 
_struct_conf.end_auth_asym_id 
_struct_conf.end_auth_seq_id 
_struct_conf.pdbx_PDB_helix_class 
_struct_conf.details 
_struct_conf.pdbx_PDB_helix_length 
HELX_P HELX_P1 1 ASN A 5   ? ASP A 7   ? ASN A 48  ASP A 50  5 ? 3  
HELX_P HELX_P2 2 THR A 8   ? ALA A 20  ? THR A 51  ALA A 63  1 ? 13 
HELX_P HELX_P3 3 THR A 69  ? LEU A 85  ? THR A 112 LEU A 128 1 ? 17 
HELX_P HELX_P4 4 THR A 102 ? MET A 112 ? THR A 145 MET A 155 1 ? 11 
HELX_P HELX_P5 5 VAL A 120 ? ASN A 129 ? VAL A 163 ASN A 172 1 ? 10 
HELX_P HELX_P6 6 GLY A 137 ? GLY A 143 ? GLY A 180 GLY A 186 1 ? 7  
HELX_P HELX_P7 7 CYS A 146 ? TYR A 155 ? CYS A 189 TYR A 198 1 ? 10 
HELX_P HELX_P8 8 SER A 181 ? PHE A 192 ? SER A 224 PHE A 235 1 ? 12 
HELX_P HELX_P9 9 VAL B 2   ? LYS B 18  ? VAL B 219 LYS B 235 1 ? 17 
# 
_struct_conf_type.id          HELX_P 
_struct_conf_type.criteria    ? 
_struct_conf_type.reference   ? 
# 
_struct_sheet.id               A 
_struct_sheet.type             ? 
_struct_sheet.number_strands   6 
_struct_sheet.details          ? 
# 
loop_
_struct_sheet_order.sheet_id 
_struct_sheet_order.range_id_1 
_struct_sheet_order.range_id_2 
_struct_sheet_order.offset 
_struct_sheet_order.sense 
A 1 2 ? anti-parallel 
A 2 3 ? anti-parallel 
A 3 4 ? anti-parallel 
A 4 5 ? anti-parallel 
A 5 6 ? anti-parallel 
# 
loop_
_struct_sheet_range.sheet_id 
_struct_sheet_range.id 
_struct_sheet_range.beg_label_comp_id 
_struct_sheet_range.beg_label_asym_id 
_struct_sheet_range.beg_label_seq_id 
_struct_sheet_range.pdbx_beg_PDB_ins_code 
_struct_sheet_range.end_label_comp_id 
_struct_sheet_range.end_label_asym_id 
_struct_sheet_range.end_label_seq_id 
_struct_sheet_range.pdbx_end_PDB_ins_code 
_struct_sheet_range.beg_auth_comp_id 
_struct_sheet_range.beg_auth_asym_id 
_struct_sheet_range.beg_auth_seq_id 
_struct_sheet_range.end_auth_comp_id 
_struct_sheet_range.end_auth_asym_id 
_struct_sheet_range.end_auth_seq_id 
A 1 SER A 115 ? VAL A 117 ? SER A 158 VAL A 160 
A 2 ASN A 43  ? TYR A 54  ? ASN A 86  TYR A 97  
A 3 TYR A 26  ? PHE A 36  ? TYR A 69  PHE A 79  
A 4 GLY A 168 ? SER A 174 ? GLY A 211 SER A 217 
A 5 THR A 159 ? THR A 165 ? THR A 202 THR A 208 
A 6 VAL A 132 ? SER A 136 ? VAL A 175 SER A 179 
# 
loop_
_pdbx_struct_sheet_hbond.sheet_id 
_pdbx_struct_sheet_hbond.range_id_1 
_pdbx_struct_sheet_hbond.range_id_2 
_pdbx_struct_sheet_hbond.range_1_label_atom_id 
_pdbx_struct_sheet_hbond.range_1_label_comp_id 
_pdbx_struct_sheet_hbond.range_1_label_asym_id 
_pdbx_struct_sheet_hbond.range_1_label_seq_id 
_pdbx_struct_sheet_hbond.range_1_PDB_ins_code 
_pdbx_struct_sheet_hbond.range_1_auth_atom_id 
_pdbx_struct_sheet_hbond.range_1_auth_comp_id 
_pdbx_struct_sheet_hbond.range_1_auth_asym_id 
_pdbx_struct_sheet_hbond.range_1_auth_seq_id 
_pdbx_struct_sheet_hbond.range_2_label_atom_id 
_pdbx_struct_sheet_hbond.range_2_label_comp_id 
_pdbx_struct_sheet_hbond.range_2_label_asym_id 
_pdbx_struct_sheet_hbond.range_2_label_seq_id 
_pdbx_struct_sheet_hbond.range_2_PDB_ins_code 
_pdbx_struct_sheet_hbond.range_2_auth_atom_id 
_pdbx_struct_sheet_hbond.range_2_auth_comp_id 
_pdbx_struct_sheet_hbond.range_2_auth_asym_id 
_pdbx_struct_sheet_hbond.range_2_auth_seq_id 
A 1 2 O PHE A 116 ? O PHE A 159 N LEU A 47  ? N LEU A 90  
A 2 3 O ASP A 51  ? O ASP A 94  N PHE A 29  ? N PHE A 72  
A 3 4 N ILE A 28  ? N ILE A 71  O GLU A 171 ? O GLU A 214 
A 4 5 O GLY A 168 ? O GLY A 211 N THR A 165 ? N THR A 208 
A 5 6 O CYS A 162 ? O CYS A 205 N ILE A 133 ? N ILE A 176 
# 
loop_
_pdbx_validate_torsion.id 
_pdbx_validate_torsion.PDB_model_num 
_pdbx_validate_torsion.auth_comp_id 
_pdbx_validate_torsion.auth_asym_id 
_pdbx_validate_torsion.auth_seq_id 
_pdbx_validate_torsion.PDB_ins_code 
_pdbx_validate_torsion.label_alt_id 
_pdbx_validate_torsion.phi 
_pdbx_validate_torsion.psi 
1 1 GLN A 46 ? ? -163.71 92.94 
2 1 ASN A 86 ? ? -105.83 74.45 
# 
loop_
_pdbx_unobs_or_zero_occ_residues.id 
_pdbx_unobs_or_zero_occ_residues.PDB_model_num 
_pdbx_unobs_or_zero_occ_residues.polymer_flag 
_pdbx_unobs_or_zero_occ_residues.occupancy_flag 
_pdbx_unobs_or_zero_occ_residues.auth_asym_id 
_pdbx_unobs_or_zero_occ_residues.auth_comp_id 
_pdbx_unobs_or_zero_occ_residues.auth_seq_id 
_pdbx_unobs_or_zero_occ_residues.PDB_ins_code 
_pdbx_unobs_or_zero_occ_residues.label_asym_id 
_pdbx_unobs_or_zero_occ_residues.label_comp_id 
_pdbx_unobs_or_zero_occ_residues.label_seq_id 
1  1 Y 1 A GLN 44  ? A GLN 1  
2  1 Y 1 A GLU 101 ? A GLU 58 
3  1 Y 1 A ASP 102 ? A ASP 59 
4  1 Y 1 A LYS 103 ? A LYS 60 
5  1 Y 1 A GLU 104 ? A GLU 61 
6  1 Y 1 A LYS 105 ? A LYS 62 
7  1 Y 1 A LYS 106 ? A LYS 63 
8  1 Y 1 A LYS 107 ? A LYS 64 
9  1 Y 1 A ASN 108 ? A ASN 65 
10 1 Y 1 A ASN 109 ? A ASN 66 
11 1 Y 1 A THR 110 ? A THR 67 
12 1 Y 1 A ILE 129 ? A ILE 86 
13 1 Y 1 A SER 130 ? A SER 87 
14 1 Y 1 A GLY 131 ? A GLY 88 
15 1 Y 1 A GLY 132 ? A GLY 89 
16 1 Y 1 A ILE 133 ? A ILE 90 
17 1 Y 1 A GLY 134 ? A GLY 91 
18 1 Y 1 A VAL 135 ? A VAL 92 
19 1 Y 1 A SER 136 ? A SER 93 
20 1 Y 1 A ASP 137 ? A ASP 94 
21 1 Y 1 A GLU 138 ? A GLU 95 
22 1 Y 1 A SER 139 ? A SER 96 
23 1 Y 1 A ASN 140 ? A ASN 97 
24 1 Y 1 A ASP 141 ? A ASP 98 
25 1 Y 1 B ARG 237 ? B ARG 20 
26 1 Y 1 B LEU 238 ? B LEU 21 
27 1 Y 1 B MET 239 ? B MET 22 
# 
loop_
_chem_comp_atom.comp_id 
_chem_comp_atom.atom_id 
_chem_comp_atom.type_symbol 
_chem_comp_atom.pdbx_aromatic_flag 
_chem_comp_atom.pdbx_stereo_config 
_chem_comp_atom.pdbx_ordinal 
ALA N    N N N 1   
ALA CA   C N S 2   
ALA C    C N N 3   
ALA O    O N N 4   
ALA CB   C N N 5   
ALA OXT  O N N 6   
ALA H    H N N 7   
ALA H2   H N N 8   
ALA HA   H N N 9   
ALA HB1  H N N 10  
ALA HB2  H N N 11  
ALA HB3  H N N 12  
ALA HXT  H N N 13  
ARG N    N N N 14  
ARG CA   C N S 15  
ARG C    C N N 16  
ARG O    O N N 17  
ARG CB   C N N 18  
ARG CG   C N N 19  
ARG CD   C N N 20  
ARG NE   N N N 21  
ARG CZ   C N N 22  
ARG NH1  N N N 23  
ARG NH2  N N N 24  
ARG OXT  O N N 25  
ARG H    H N N 26  
ARG H2   H N N 27  
ARG HA   H N N 28  
ARG HB2  H N N 29  
ARG HB3  H N N 30  
ARG HG2  H N N 31  
ARG HG3  H N N 32  
ARG HD2  H N N 33  
ARG HD3  H N N 34  
ARG HE   H N N 35  
ARG HH11 H N N 36  
ARG HH12 H N N 37  
ARG HH21 H N N 38  
ARG HH22 H N N 39  
ARG HXT  H N N 40  
ASN N    N N N 41  
ASN CA   C N S 42  
ASN C    C N N 43  
ASN O    O N N 44  
ASN CB   C N N 45  
ASN CG   C N N 46  
ASN OD1  O N N 47  
ASN ND2  N N N 48  
ASN OXT  O N N 49  
ASN H    H N N 50  
ASN H2   H N N 51  
ASN HA   H N N 52  
ASN HB2  H N N 53  
ASN HB3  H N N 54  
ASN HD21 H N N 55  
ASN HD22 H N N 56  
ASN HXT  H N N 57  
ASP N    N N N 58  
ASP CA   C N S 59  
ASP C    C N N 60  
ASP O    O N N 61  
ASP CB   C N N 62  
ASP CG   C N N 63  
ASP OD1  O N N 64  
ASP OD2  O N N 65  
ASP OXT  O N N 66  
ASP H    H N N 67  
ASP H2   H N N 68  
ASP HA   H N N 69  
ASP HB2  H N N 70  
ASP HB3  H N N 71  
ASP HD2  H N N 72  
ASP HXT  H N N 73  
CYS N    N N N 74  
CYS CA   C N R 75  
CYS C    C N N 76  
CYS O    O N N 77  
CYS CB   C N N 78  
CYS SG   S N N 79  
CYS OXT  O N N 80  
CYS H    H N N 81  
CYS H2   H N N 82  
CYS HA   H N N 83  
CYS HB2  H N N 84  
CYS HB3  H N N 85  
CYS HG   H N N 86  
CYS HXT  H N N 87  
GLN N    N N N 88  
GLN CA   C N S 89  
GLN C    C N N 90  
GLN O    O N N 91  
GLN CB   C N N 92  
GLN CG   C N N 93  
GLN CD   C N N 94  
GLN OE1  O N N 95  
GLN NE2  N N N 96  
GLN OXT  O N N 97  
GLN H    H N N 98  
GLN H2   H N N 99  
GLN HA   H N N 100 
GLN HB2  H N N 101 
GLN HB3  H N N 102 
GLN HG2  H N N 103 
GLN HG3  H N N 104 
GLN HE21 H N N 105 
GLN HE22 H N N 106 
GLN HXT  H N N 107 
GLU N    N N N 108 
GLU CA   C N S 109 
GLU C    C N N 110 
GLU O    O N N 111 
GLU CB   C N N 112 
GLU CG   C N N 113 
GLU CD   C N N 114 
GLU OE1  O N N 115 
GLU OE2  O N N 116 
GLU OXT  O N N 117 
GLU H    H N N 118 
GLU H2   H N N 119 
GLU HA   H N N 120 
GLU HB2  H N N 121 
GLU HB3  H N N 122 
GLU HG2  H N N 123 
GLU HG3  H N N 124 
GLU HE2  H N N 125 
GLU HXT  H N N 126 
GLY N    N N N 127 
GLY CA   C N N 128 
GLY C    C N N 129 
GLY O    O N N 130 
GLY OXT  O N N 131 
GLY H    H N N 132 
GLY H2   H N N 133 
GLY HA2  H N N 134 
GLY HA3  H N N 135 
GLY HXT  H N N 136 
HIS N    N N N 137 
HIS CA   C N S 138 
HIS C    C N N 139 
HIS O    O N N 140 
HIS CB   C N N 141 
HIS CG   C Y N 142 
HIS ND1  N Y N 143 
HIS CD2  C Y N 144 
HIS CE1  C Y N 145 
HIS NE2  N Y N 146 
HIS OXT  O N N 147 
HIS H    H N N 148 
HIS H2   H N N 149 
HIS HA   H N N 150 
HIS HB2  H N N 151 
HIS HB3  H N N 152 
HIS HD1  H N N 153 
HIS HD2  H N N 154 
HIS HE1  H N N 155 
HIS HE2  H N N 156 
HIS HXT  H N N 157 
HOH O    O N N 158 
HOH H1   H N N 159 
HOH H2   H N N 160 
ILE N    N N N 161 
ILE CA   C N S 162 
ILE C    C N N 163 
ILE O    O N N 164 
ILE CB   C N S 165 
ILE CG1  C N N 166 
ILE CG2  C N N 167 
ILE CD1  C N N 168 
ILE OXT  O N N 169 
ILE H    H N N 170 
ILE H2   H N N 171 
ILE HA   H N N 172 
ILE HB   H N N 173 
ILE HG12 H N N 174 
ILE HG13 H N N 175 
ILE HG21 H N N 176 
ILE HG22 H N N 177 
ILE HG23 H N N 178 
ILE HD11 H N N 179 
ILE HD12 H N N 180 
ILE HD13 H N N 181 
ILE HXT  H N N 182 
LEU N    N N N 183 
LEU CA   C N S 184 
LEU C    C N N 185 
LEU O    O N N 186 
LEU CB   C N N 187 
LEU CG   C N N 188 
LEU CD1  C N N 189 
LEU CD2  C N N 190 
LEU OXT  O N N 191 
LEU H    H N N 192 
LEU H2   H N N 193 
LEU HA   H N N 194 
LEU HB2  H N N 195 
LEU HB3  H N N 196 
LEU HG   H N N 197 
LEU HD11 H N N 198 
LEU HD12 H N N 199 
LEU HD13 H N N 200 
LEU HD21 H N N 201 
LEU HD22 H N N 202 
LEU HD23 H N N 203 
LEU HXT  H N N 204 
LYS N    N N N 205 
LYS CA   C N S 206 
LYS C    C N N 207 
LYS O    O N N 208 
LYS CB   C N N 209 
LYS CG   C N N 210 
LYS CD   C N N 211 
LYS CE   C N N 212 
LYS NZ   N N N 213 
LYS OXT  O N N 214 
LYS H    H N N 215 
LYS H2   H N N 216 
LYS HA   H N N 217 
LYS HB2  H N N 218 
LYS HB3  H N N 219 
LYS HG2  H N N 220 
LYS HG3  H N N 221 
LYS HD2  H N N 222 
LYS HD3  H N N 223 
LYS HE2  H N N 224 
LYS HE3  H N N 225 
LYS HZ1  H N N 226 
LYS HZ2  H N N 227 
LYS HZ3  H N N 228 
LYS HXT  H N N 229 
MET N    N N N 230 
MET CA   C N S 231 
MET C    C N N 232 
MET O    O N N 233 
MET CB   C N N 234 
MET CG   C N N 235 
MET SD   S N N 236 
MET CE   C N N 237 
MET OXT  O N N 238 
MET H    H N N 239 
MET H2   H N N 240 
MET HA   H N N 241 
MET HB2  H N N 242 
MET HB3  H N N 243 
MET HG2  H N N 244 
MET HG3  H N N 245 
MET HE1  H N N 246 
MET HE2  H N N 247 
MET HE3  H N N 248 
MET HXT  H N N 249 
PHE N    N N N 250 
PHE CA   C N S 251 
PHE C    C N N 252 
PHE O    O N N 253 
PHE CB   C N N 254 
PHE CG   C Y N 255 
PHE CD1  C Y N 256 
PHE CD2  C Y N 257 
PHE CE1  C Y N 258 
PHE CE2  C Y N 259 
PHE CZ   C Y N 260 
PHE OXT  O N N 261 
PHE H    H N N 262 
PHE H2   H N N 263 
PHE HA   H N N 264 
PHE HB2  H N N 265 
PHE HB3  H N N 266 
PHE HD1  H N N 267 
PHE HD2  H N N 268 
PHE HE1  H N N 269 
PHE HE2  H N N 270 
PHE HZ   H N N 271 
PHE HXT  H N N 272 
PRO N    N N N 273 
PRO CA   C N S 274 
PRO C    C N N 275 
PRO O    O N N 276 
PRO CB   C N N 277 
PRO CG   C N N 278 
PRO CD   C N N 279 
PRO OXT  O N N 280 
PRO H    H N N 281 
PRO HA   H N N 282 
PRO HB2  H N N 283 
PRO HB3  H N N 284 
PRO HG2  H N N 285 
PRO HG3  H N N 286 
PRO HD2  H N N 287 
PRO HD3  H N N 288 
PRO HXT  H N N 289 
SER N    N N N 290 
SER CA   C N S 291 
SER C    C N N 292 
SER O    O N N 293 
SER CB   C N N 294 
SER OG   O N N 295 
SER OXT  O N N 296 
SER H    H N N 297 
SER H2   H N N 298 
SER HA   H N N 299 
SER HB2  H N N 300 
SER HB3  H N N 301 
SER HG   H N N 302 
SER HXT  H N N 303 
THR N    N N N 304 
THR CA   C N S 305 
THR C    C N N 306 
THR O    O N N 307 
THR CB   C N R 308 
THR OG1  O N N 309 
THR CG2  C N N 310 
THR OXT  O N N 311 
THR H    H N N 312 
THR H2   H N N 313 
THR HA   H N N 314 
THR HB   H N N 315 
THR HG1  H N N 316 
THR HG21 H N N 317 
THR HG22 H N N 318 
THR HG23 H N N 319 
THR HXT  H N N 320 
TRP N    N N N 321 
TRP CA   C N S 322 
TRP C    C N N 323 
TRP O    O N N 324 
TRP CB   C N N 325 
TRP CG   C Y N 326 
TRP CD1  C Y N 327 
TRP CD2  C Y N 328 
TRP NE1  N Y N 329 
TRP CE2  C Y N 330 
TRP CE3  C Y N 331 
TRP CZ2  C Y N 332 
TRP CZ3  C Y N 333 
TRP CH2  C Y N 334 
TRP OXT  O N N 335 
TRP H    H N N 336 
TRP H2   H N N 337 
TRP HA   H N N 338 
TRP HB2  H N N 339 
TRP HB3  H N N 340 
TRP HD1  H N N 341 
TRP HE1  H N N 342 
TRP HE3  H N N 343 
TRP HZ2  H N N 344 
TRP HZ3  H N N 345 
TRP HH2  H N N 346 
TRP HXT  H N N 347 
TYR N    N N N 348 
TYR CA   C N S 349 
TYR C    C N N 350 
TYR O    O N N 351 
TYR CB   C N N 352 
TYR CG   C Y N 353 
TYR CD1  C Y N 354 
TYR CD2  C Y N 355 
TYR CE1  C Y N 356 
TYR CE2  C Y N 357 
TYR CZ   C Y N 358 
TYR OH   O N N 359 
TYR OXT  O N N 360 
TYR H    H N N 361 
TYR H2   H N N 362 
TYR HA   H N N 363 
TYR HB2  H N N 364 
TYR HB3  H N N 365 
TYR HD1  H N N 366 
TYR HD2  H N N 367 
TYR HE1  H N N 368 
TYR HE2  H N N 369 
TYR HH   H N N 370 
TYR HXT  H N N 371 
VAL N    N N N 372 
VAL CA   C N S 373 
VAL C    C N N 374 
VAL O    O N N 375 
VAL CB   C N N 376 
VAL CG1  C N N 377 
VAL CG2  C N N 378 
VAL OXT  O N N 379 
VAL H    H N N 380 
VAL H2   H N N 381 
VAL HA   H N N 382 
VAL HB   H N N 383 
VAL HG11 H N N 384 
VAL HG12 H N N 385 
VAL HG13 H N N 386 
VAL HG21 H N N 387 
VAL HG22 H N N 388 
VAL HG23 H N N 389 
VAL HXT  H N N 390 
# 
loop_
_chem_comp_bond.comp_id 
_chem_comp_bond.atom_id_1 
_chem_comp_bond.atom_id_2 
_chem_comp_bond.value_order 
_chem_comp_bond.pdbx_aromatic_flag 
_chem_comp_bond.pdbx_stereo_config 
_chem_comp_bond.pdbx_ordinal 
ALA N   CA   sing N N 1   
ALA N   H    sing N N 2   
ALA N   H2   sing N N 3   
ALA CA  C    sing N N 4   
ALA CA  CB   sing N N 5   
ALA CA  HA   sing N N 6   
ALA C   O    doub N N 7   
ALA C   OXT  sing N N 8   
ALA CB  HB1  sing N N 9   
ALA CB  HB2  sing N N 10  
ALA CB  HB3  sing N N 11  
ALA OXT HXT  sing N N 12  
ARG N   CA   sing N N 13  
ARG N   H    sing N N 14  
ARG N   H2   sing N N 15  
ARG CA  C    sing N N 16  
ARG CA  CB   sing N N 17  
ARG CA  HA   sing N N 18  
ARG C   O    doub N N 19  
ARG C   OXT  sing N N 20  
ARG CB  CG   sing N N 21  
ARG CB  HB2  sing N N 22  
ARG CB  HB3  sing N N 23  
ARG CG  CD   sing N N 24  
ARG CG  HG2  sing N N 25  
ARG CG  HG3  sing N N 26  
ARG CD  NE   sing N N 27  
ARG CD  HD2  sing N N 28  
ARG CD  HD3  sing N N 29  
ARG NE  CZ   sing N N 30  
ARG NE  HE   sing N N 31  
ARG CZ  NH1  sing N N 32  
ARG CZ  NH2  doub N N 33  
ARG NH1 HH11 sing N N 34  
ARG NH1 HH12 sing N N 35  
ARG NH2 HH21 sing N N 36  
ARG NH2 HH22 sing N N 37  
ARG OXT HXT  sing N N 38  
ASN N   CA   sing N N 39  
ASN N   H    sing N N 40  
ASN N   H2   sing N N 41  
ASN CA  C    sing N N 42  
ASN CA  CB   sing N N 43  
ASN CA  HA   sing N N 44  
ASN C   O    doub N N 45  
ASN C   OXT  sing N N 46  
ASN CB  CG   sing N N 47  
ASN CB  HB2  sing N N 48  
ASN CB  HB3  sing N N 49  
ASN CG  OD1  doub N N 50  
ASN CG  ND2  sing N N 51  
ASN ND2 HD21 sing N N 52  
ASN ND2 HD22 sing N N 53  
ASN OXT HXT  sing N N 54  
ASP N   CA   sing N N 55  
ASP N   H    sing N N 56  
ASP N   H2   sing N N 57  
ASP CA  C    sing N N 58  
ASP CA  CB   sing N N 59  
ASP CA  HA   sing N N 60  
ASP C   O    doub N N 61  
ASP C   OXT  sing N N 62  
ASP CB  CG   sing N N 63  
ASP CB  HB2  sing N N 64  
ASP CB  HB3  sing N N 65  
ASP CG  OD1  doub N N 66  
ASP CG  OD2  sing N N 67  
ASP OD2 HD2  sing N N 68  
ASP OXT HXT  sing N N 69  
CYS N   CA   sing N N 70  
CYS N   H    sing N N 71  
CYS N   H2   sing N N 72  
CYS CA  C    sing N N 73  
CYS CA  CB   sing N N 74  
CYS CA  HA   sing N N 75  
CYS C   O    doub N N 76  
CYS C   OXT  sing N N 77  
CYS CB  SG   sing N N 78  
CYS CB  HB2  sing N N 79  
CYS CB  HB3  sing N N 80  
CYS SG  HG   sing N N 81  
CYS OXT HXT  sing N N 82  
GLN N   CA   sing N N 83  
GLN N   H    sing N N 84  
GLN N   H2   sing N N 85  
GLN CA  C    sing N N 86  
GLN CA  CB   sing N N 87  
GLN CA  HA   sing N N 88  
GLN C   O    doub N N 89  
GLN C   OXT  sing N N 90  
GLN CB  CG   sing N N 91  
GLN CB  HB2  sing N N 92  
GLN CB  HB3  sing N N 93  
GLN CG  CD   sing N N 94  
GLN CG  HG2  sing N N 95  
GLN CG  HG3  sing N N 96  
GLN CD  OE1  doub N N 97  
GLN CD  NE2  sing N N 98  
GLN NE2 HE21 sing N N 99  
GLN NE2 HE22 sing N N 100 
GLN OXT HXT  sing N N 101 
GLU N   CA   sing N N 102 
GLU N   H    sing N N 103 
GLU N   H2   sing N N 104 
GLU CA  C    sing N N 105 
GLU CA  CB   sing N N 106 
GLU CA  HA   sing N N 107 
GLU C   O    doub N N 108 
GLU C   OXT  sing N N 109 
GLU CB  CG   sing N N 110 
GLU CB  HB2  sing N N 111 
GLU CB  HB3  sing N N 112 
GLU CG  CD   sing N N 113 
GLU CG  HG2  sing N N 114 
GLU CG  HG3  sing N N 115 
GLU CD  OE1  doub N N 116 
GLU CD  OE2  sing N N 117 
GLU OE2 HE2  sing N N 118 
GLU OXT HXT  sing N N 119 
GLY N   CA   sing N N 120 
GLY N   H    sing N N 121 
GLY N   H2   sing N N 122 
GLY CA  C    sing N N 123 
GLY CA  HA2  sing N N 124 
GLY CA  HA3  sing N N 125 
GLY C   O    doub N N 126 
GLY C   OXT  sing N N 127 
GLY OXT HXT  sing N N 128 
HIS N   CA   sing N N 129 
HIS N   H    sing N N 130 
HIS N   H2   sing N N 131 
HIS CA  C    sing N N 132 
HIS CA  CB   sing N N 133 
HIS CA  HA   sing N N 134 
HIS C   O    doub N N 135 
HIS C   OXT  sing N N 136 
HIS CB  CG   sing N N 137 
HIS CB  HB2  sing N N 138 
HIS CB  HB3  sing N N 139 
HIS CG  ND1  sing Y N 140 
HIS CG  CD2  doub Y N 141 
HIS ND1 CE1  doub Y N 142 
HIS ND1 HD1  sing N N 143 
HIS CD2 NE2  sing Y N 144 
HIS CD2 HD2  sing N N 145 
HIS CE1 NE2  sing Y N 146 
HIS CE1 HE1  sing N N 147 
HIS NE2 HE2  sing N N 148 
HIS OXT HXT  sing N N 149 
HOH O   H1   sing N N 150 
HOH O   H2   sing N N 151 
ILE N   CA   sing N N 152 
ILE N   H    sing N N 153 
ILE N   H2   sing N N 154 
ILE CA  C    sing N N 155 
ILE CA  CB   sing N N 156 
ILE CA  HA   sing N N 157 
ILE C   O    doub N N 158 
ILE C   OXT  sing N N 159 
ILE CB  CG1  sing N N 160 
ILE CB  CG2  sing N N 161 
ILE CB  HB   sing N N 162 
ILE CG1 CD1  sing N N 163 
ILE CG1 HG12 sing N N 164 
ILE CG1 HG13 sing N N 165 
ILE CG2 HG21 sing N N 166 
ILE CG2 HG22 sing N N 167 
ILE CG2 HG23 sing N N 168 
ILE CD1 HD11 sing N N 169 
ILE CD1 HD12 sing N N 170 
ILE CD1 HD13 sing N N 171 
ILE OXT HXT  sing N N 172 
LEU N   CA   sing N N 173 
LEU N   H    sing N N 174 
LEU N   H2   sing N N 175 
LEU CA  C    sing N N 176 
LEU CA  CB   sing N N 177 
LEU CA  HA   sing N N 178 
LEU C   O    doub N N 179 
LEU C   OXT  sing N N 180 
LEU CB  CG   sing N N 181 
LEU CB  HB2  sing N N 182 
LEU CB  HB3  sing N N 183 
LEU CG  CD1  sing N N 184 
LEU CG  CD2  sing N N 185 
LEU CG  HG   sing N N 186 
LEU CD1 HD11 sing N N 187 
LEU CD1 HD12 sing N N 188 
LEU CD1 HD13 sing N N 189 
LEU CD2 HD21 sing N N 190 
LEU CD2 HD22 sing N N 191 
LEU CD2 HD23 sing N N 192 
LEU OXT HXT  sing N N 193 
LYS N   CA   sing N N 194 
LYS N   H    sing N N 195 
LYS N   H2   sing N N 196 
LYS CA  C    sing N N 197 
LYS CA  CB   sing N N 198 
LYS CA  HA   sing N N 199 
LYS C   O    doub N N 200 
LYS C   OXT  sing N N 201 
LYS CB  CG   sing N N 202 
LYS CB  HB2  sing N N 203 
LYS CB  HB3  sing N N 204 
LYS CG  CD   sing N N 205 
LYS CG  HG2  sing N N 206 
LYS CG  HG3  sing N N 207 
LYS CD  CE   sing N N 208 
LYS CD  HD2  sing N N 209 
LYS CD  HD3  sing N N 210 
LYS CE  NZ   sing N N 211 
LYS CE  HE2  sing N N 212 
LYS CE  HE3  sing N N 213 
LYS NZ  HZ1  sing N N 214 
LYS NZ  HZ2  sing N N 215 
LYS NZ  HZ3  sing N N 216 
LYS OXT HXT  sing N N 217 
MET N   CA   sing N N 218 
MET N   H    sing N N 219 
MET N   H2   sing N N 220 
MET CA  C    sing N N 221 
MET CA  CB   sing N N 222 
MET CA  HA   sing N N 223 
MET C   O    doub N N 224 
MET C   OXT  sing N N 225 
MET CB  CG   sing N N 226 
MET CB  HB2  sing N N 227 
MET CB  HB3  sing N N 228 
MET CG  SD   sing N N 229 
MET CG  HG2  sing N N 230 
MET CG  HG3  sing N N 231 
MET SD  CE   sing N N 232 
MET CE  HE1  sing N N 233 
MET CE  HE2  sing N N 234 
MET CE  HE3  sing N N 235 
MET OXT HXT  sing N N 236 
PHE N   CA   sing N N 237 
PHE N   H    sing N N 238 
PHE N   H2   sing N N 239 
PHE CA  C    sing N N 240 
PHE CA  CB   sing N N 241 
PHE CA  HA   sing N N 242 
PHE C   O    doub N N 243 
PHE C   OXT  sing N N 244 
PHE CB  CG   sing N N 245 
PHE CB  HB2  sing N N 246 
PHE CB  HB3  sing N N 247 
PHE CG  CD1  doub Y N 248 
PHE CG  CD2  sing Y N 249 
PHE CD1 CE1  sing Y N 250 
PHE CD1 HD1  sing N N 251 
PHE CD2 CE2  doub Y N 252 
PHE CD2 HD2  sing N N 253 
PHE CE1 CZ   doub Y N 254 
PHE CE1 HE1  sing N N 255 
PHE CE2 CZ   sing Y N 256 
PHE CE2 HE2  sing N N 257 
PHE CZ  HZ   sing N N 258 
PHE OXT HXT  sing N N 259 
PRO N   CA   sing N N 260 
PRO N   CD   sing N N 261 
PRO N   H    sing N N 262 
PRO CA  C    sing N N 263 
PRO CA  CB   sing N N 264 
PRO CA  HA   sing N N 265 
PRO C   O    doub N N 266 
PRO C   OXT  sing N N 267 
PRO CB  CG   sing N N 268 
PRO CB  HB2  sing N N 269 
PRO CB  HB3  sing N N 270 
PRO CG  CD   sing N N 271 
PRO CG  HG2  sing N N 272 
PRO CG  HG3  sing N N 273 
PRO CD  HD2  sing N N 274 
PRO CD  HD3  sing N N 275 
PRO OXT HXT  sing N N 276 
SER N   CA   sing N N 277 
SER N   H    sing N N 278 
SER N   H2   sing N N 279 
SER CA  C    sing N N 280 
SER CA  CB   sing N N 281 
SER CA  HA   sing N N 282 
SER C   O    doub N N 283 
SER C   OXT  sing N N 284 
SER CB  OG   sing N N 285 
SER CB  HB2  sing N N 286 
SER CB  HB3  sing N N 287 
SER OG  HG   sing N N 288 
SER OXT HXT  sing N N 289 
THR N   CA   sing N N 290 
THR N   H    sing N N 291 
THR N   H2   sing N N 292 
THR CA  C    sing N N 293 
THR CA  CB   sing N N 294 
THR CA  HA   sing N N 295 
THR C   O    doub N N 296 
THR C   OXT  sing N N 297 
THR CB  OG1  sing N N 298 
THR CB  CG2  sing N N 299 
THR CB  HB   sing N N 300 
THR OG1 HG1  sing N N 301 
THR CG2 HG21 sing N N 302 
THR CG2 HG22 sing N N 303 
THR CG2 HG23 sing N N 304 
THR OXT HXT  sing N N 305 
TRP N   CA   sing N N 306 
TRP N   H    sing N N 307 
TRP N   H2   sing N N 308 
TRP CA  C    sing N N 309 
TRP CA  CB   sing N N 310 
TRP CA  HA   sing N N 311 
TRP C   O    doub N N 312 
TRP C   OXT  sing N N 313 
TRP CB  CG   sing N N 314 
TRP CB  HB2  sing N N 315 
TRP CB  HB3  sing N N 316 
TRP CG  CD1  doub Y N 317 
TRP CG  CD2  sing Y N 318 
TRP CD1 NE1  sing Y N 319 
TRP CD1 HD1  sing N N 320 
TRP CD2 CE2  doub Y N 321 
TRP CD2 CE3  sing Y N 322 
TRP NE1 CE2  sing Y N 323 
TRP NE1 HE1  sing N N 324 
TRP CE2 CZ2  sing Y N 325 
TRP CE3 CZ3  doub Y N 326 
TRP CE3 HE3  sing N N 327 
TRP CZ2 CH2  doub Y N 328 
TRP CZ2 HZ2  sing N N 329 
TRP CZ3 CH2  sing Y N 330 
TRP CZ3 HZ3  sing N N 331 
TRP CH2 HH2  sing N N 332 
TRP OXT HXT  sing N N 333 
TYR N   CA   sing N N 334 
TYR N   H    sing N N 335 
TYR N   H2   sing N N 336 
TYR CA  C    sing N N 337 
TYR CA  CB   sing N N 338 
TYR CA  HA   sing N N 339 
TYR C   O    doub N N 340 
TYR C   OXT  sing N N 341 
TYR CB  CG   sing N N 342 
TYR CB  HB2  sing N N 343 
TYR CB  HB3  sing N N 344 
TYR CG  CD1  doub Y N 345 
TYR CG  CD2  sing Y N 346 
TYR CD1 CE1  sing Y N 347 
TYR CD1 HD1  sing N N 348 
TYR CD2 CE2  doub Y N 349 
TYR CD2 HD2  sing N N 350 
TYR CE1 CZ   doub Y N 351 
TYR CE1 HE1  sing N N 352 
TYR CE2 CZ   sing Y N 353 
TYR CE2 HE2  sing N N 354 
TYR CZ  OH   sing N N 355 
TYR OH  HH   sing N N 356 
TYR OXT HXT  sing N N 357 
VAL N   CA   sing N N 358 
VAL N   H    sing N N 359 
VAL N   H2   sing N N 360 
VAL CA  C    sing N N 361 
VAL CA  CB   sing N N 362 
VAL CA  HA   sing N N 363 
VAL C   O    doub N N 364 
VAL C   OXT  sing N N 365 
VAL CB  CG1  sing N N 366 
VAL CB  CG2  sing N N 367 
VAL CB  HB   sing N N 368 
VAL CG1 HG11 sing N N 369 
VAL CG1 HG12 sing N N 370 
VAL CG1 HG13 sing N N 371 
VAL CG2 HG21 sing N N 372 
VAL CG2 HG22 sing N N 373 
VAL CG2 HG23 sing N N 374 
VAL OXT HXT  sing N N 375 
# 
_pdbx_initial_refinement_model.accession_code   ? 
_pdbx_initial_refinement_model.id               1 
_pdbx_initial_refinement_model.entity_id_list   ? 
_pdbx_initial_refinement_model.type             'experimental model' 
_pdbx_initial_refinement_model.source_name      Other 
_pdbx_initial_refinement_model.details          'Myc3[44-238]' 
# 
_atom_sites.entry_id                    4RS9 
_atom_sites.Cartn_transform_axes        ? 
_atom_sites.fract_transf_matrix[1][1]   -0.00963541 
_atom_sites.fract_transf_matrix[1][2]   0.00127104 
_atom_sites.fract_transf_matrix[1][3]   -0.00932088 
_atom_sites.fract_transf_matrix[2][1]   -0.00625056 
_atom_sites.fract_transf_matrix[2][2]   0.01181311 
_atom_sites.fract_transf_matrix[2][3]   -0.00165561 
_atom_sites.fract_transf_matrix[3][1]   0.01146459 
_atom_sites.fract_transf_matrix[3][2]   0.00449099 
_atom_sites.fract_transf_matrix[3][3]   -0.01123905 
_atom_sites.fract_transf_vector[1]      0.389646 
_atom_sites.fract_transf_vector[2]      0.197089 
_atom_sites.fract_transf_vector[3]      0.003042 
# 
loop_
_atom_type.symbol 
C 
N 
O 
S 
# 
loop_
_atom_site.group_PDB 
_atom_site.id 
_atom_site.type_symbol 
_atom_site.label_atom_id 
_atom_site.label_alt_id 
_atom_site.label_comp_id 
_atom_site.label_asym_id 
_atom_site.label_entity_id 
_atom_site.label_seq_id 
_atom_site.pdbx_PDB_ins_code 
_atom_site.Cartn_x 
_atom_site.Cartn_y 
_atom_site.Cartn_z 
_atom_site.occupancy 
_atom_site.B_iso_or_equiv 
_atom_site.pdbx_formal_charge 
_atom_site.auth_seq_id 
_atom_site.auth_comp_id 
_atom_site.auth_asym_id 
_atom_site.auth_atom_id 
_atom_site.pdbx_PDB_model_num 
ATOM   1    N N   . PRO A 1 2   ? -1.777  -12.685 -19.832 1.00 81.69  ? 45  PRO A N   1 
ATOM   2    C CA  . PRO A 1 2   ? -0.536  -12.029 -19.446 1.00 81.39  ? 45  PRO A CA  1 
ATOM   3    C C   . PRO A 1 2   ? -0.452  -10.568 -19.903 1.00 80.14  ? 45  PRO A C   1 
ATOM   4    O O   . PRO A 1 2   ? 0.550   -10.153 -20.492 1.00 85.40  ? 45  PRO A O   1 
ATOM   5    C CB  . PRO A 1 2   ? 0.525   -12.892 -20.127 1.00 80.77  ? 45  PRO A CB  1 
ATOM   6    C CG  . PRO A 1 2   ? -0.065  -14.265 -20.111 1.00 83.52  ? 45  PRO A CG  1 
ATOM   7    C CD  . PRO A 1 2   ? -1.570  -14.119 -20.102 1.00 84.47  ? 45  PRO A CD  1 
ATOM   8    N N   . GLN A 1 3   ? -1.519  -9.819  -19.643 1.00 74.62  ? 46  GLN A N   1 
ATOM   9    C CA  . GLN A 1 3   ? -1.526  -8.360  -19.715 1.00 71.35  ? 46  GLN A CA  1 
ATOM   10   C C   . GLN A 1 3   ? -2.757  -7.879  -18.973 1.00 68.42  ? 46  GLN A C   1 
ATOM   11   O O   . GLN A 1 3   ? -3.854  -7.781  -19.532 1.00 68.18  ? 46  GLN A O   1 
ATOM   12   C CB  . GLN A 1 3   ? -1.492  -7.829  -21.154 1.00 71.53  ? 46  GLN A CB  1 
ATOM   13   C CG  . GLN A 1 3   ? -1.874  -6.352  -21.308 1.00 72.45  ? 46  GLN A CG  1 
ATOM   14   C CD  . GLN A 1 3   ? -0.877  -5.359  -20.709 1.00 74.31  ? 46  GLN A CD  1 
ATOM   15   O OE1 . GLN A 1 3   ? -0.123  -5.676  -19.789 1.00 75.32  ? 46  GLN A OE1 1 
ATOM   16   N NE2 . GLN A 1 3   ? -0.892  -4.137  -21.228 1.00 75.01  ? 46  GLN A NE2 1 
ATOM   17   N N   . PHE A 1 4   ? -2.555  -7.591  -17.697 1.00 62.12  ? 47  PHE A N   1 
ATOM   18   C CA  . PHE A 1 4   ? -3.650  -7.289  -16.799 1.00 57.31  ? 47  PHE A CA  1 
ATOM   19   C C   . PHE A 1 4   ? -4.085  -5.845  -16.902 1.00 58.84  ? 47  PHE A C   1 
ATOM   20   O O   . PHE A 1 4   ? -3.272  -4.951  -17.155 1.00 57.05  ? 47  PHE A O   1 
ATOM   21   C CB  . PHE A 1 4   ? -3.257  -7.632  -15.364 1.00 54.11  ? 47  PHE A CB  1 
ATOM   22   C CG  . PHE A 1 4   ? -2.712  -9.021  -15.213 1.00 52.82  ? 47  PHE A CG  1 
ATOM   23   C CD1 . PHE A 1 4   ? -3.488  -10.125 -15.560 1.00 52.84  ? 47  PHE A CD1 1 
ATOM   24   C CD2 . PHE A 1 4   ? -1.426  -9.231  -14.730 1.00 50.40  ? 47  PHE A CD2 1 
ATOM   25   C CE1 . PHE A 1 4   ? -2.989  -11.413 -15.428 1.00 54.17  ? 47  PHE A CE1 1 
ATOM   26   C CE2 . PHE A 1 4   ? -0.922  -10.516 -14.597 1.00 52.46  ? 47  PHE A CE2 1 
ATOM   27   C CZ  . PHE A 1 4   ? -1.703  -11.608 -14.947 1.00 52.78  ? 47  PHE A CZ  1 
ATOM   28   N N   . ASN A 1 5   ? -5.384  -5.639  -16.706 1.00 57.52  ? 48  ASN A N   1 
ATOM   29   C CA  . ASN A 1 5   ? -5.976  -4.317  -16.695 1.00 57.86  ? 48  ASN A CA  1 
ATOM   30   C C   . ASN A 1 5   ? -6.526  -4.023  -15.313 1.00 54.00  ? 48  ASN A C   1 
ATOM   31   O O   . ASN A 1 5   ? -6.513  -4.888  -14.436 1.00 50.57  ? 48  ASN A O   1 
ATOM   32   C CB  . ASN A 1 5   ? -7.087  -4.226  -17.750 1.00 63.28  ? 48  ASN A CB  1 
ATOM   33   C CG  . ASN A 1 5   ? -6.646  -4.748  -19.109 1.00 67.63  ? 48  ASN A CG  1 
ATOM   34   O OD1 . ASN A 1 5   ? -7.140  -5.776  -19.577 1.00 67.95  ? 48  ASN A OD1 1 
ATOM   35   N ND2 . ASN A 1 5   ? -5.702  -4.051  -19.742 1.00 68.18  ? 48  ASN A ND2 1 
ATOM   36   N N   . GLU A 1 6   ? -7.011  -2.800  -15.129 1.00 53.79  ? 49  GLU A N   1 
ATOM   37   C CA  . GLU A 1 6   ? -7.585  -2.349  -13.865 1.00 54.95  ? 49  GLU A CA  1 
ATOM   38   C C   . GLU A 1 6   ? -8.698  -3.263  -13.346 1.00 55.57  ? 49  GLU A C   1 
ATOM   39   O O   . GLU A 1 6   ? -8.882  -3.407  -12.131 1.00 49.54  ? 49  GLU A O   1 
ATOM   40   C CB  . GLU A 1 6   ? -8.113  -0.922  -14.032 1.00 60.47  ? 49  GLU A CB  1 
ATOM   41   C CG  . GLU A 1 6   ? -8.632  -0.278  -12.758 1.00 69.66  ? 49  GLU A CG  1 
ATOM   42   C CD  . GLU A 1 6   ? -8.973  1.195   -12.927 1.00 77.15  ? 49  GLU A CD  1 
ATOM   43   O OE1 . GLU A 1 6   ? -8.822  1.731   -14.048 1.00 79.91  ? 49  GLU A OE1 1 
ATOM   44   O OE2 . GLU A 1 6   ? -9.396  1.821   -11.929 1.00 80.56  ? 49  GLU A OE2 1 
ATOM   45   N N   . ASP A 1 7   ? -9.438  -3.881  -14.261 1.00 54.95  ? 50  ASP A N   1 
ATOM   46   C CA  . ASP A 1 7   ? -10.612 -4.628  -13.841 1.00 54.32  ? 50  ASP A CA  1 
ATOM   47   C C   . ASP A 1 7   ? -10.319 -5.849  -12.984 1.00 50.64  ? 50  ASP A C   1 
ATOM   48   O O   . ASP A 1 7   ? -11.193 -6.285  -12.261 1.00 50.54  ? 50  ASP A O   1 
ATOM   49   C CB  . ASP A 1 7   ? -11.587 -4.939  -14.997 1.00 59.56  ? 50  ASP A CB  1 
ATOM   50   C CG  . ASP A 1 7   ? -10.949 -5.704  -16.150 1.00 62.56  ? 50  ASP A CG  1 
ATOM   51   O OD1 . ASP A 1 7   ? -10.150 -6.634  -15.927 1.00 68.27  ? 50  ASP A OD1 1 
ATOM   52   O OD2 . ASP A 1 7   ? -11.283 -5.384  -17.310 1.00 67.45  ? 50  ASP A OD2 1 
ATOM   53   N N   . THR A 1 8   ? -9.105  -6.391  -13.040 1.00 47.56  ? 51  THR A N   1 
ATOM   54   C CA  . THR A 1 8   ? -8.761  -7.528  -12.175 1.00 46.38  ? 51  THR A CA  1 
ATOM   55   C C   . THR A 1 8   ? -7.837  -7.156  -11.008 1.00 45.67  ? 51  THR A C   1 
ATOM   56   O O   . THR A 1 8   ? -7.411  -8.032  -10.245 1.00 41.68  ? 51  THR A O   1 
ATOM   57   C CB  . THR A 1 8   ? -8.102  -8.667  -12.967 1.00 47.07  ? 51  THR A CB  1 
ATOM   58   O OG1 . THR A 1 8   ? -6.919  -8.176  -13.613 1.00 45.61  ? 51  THR A OG1 1 
ATOM   59   C CG2 . THR A 1 8   ? -9.065  -9.214  -14.023 1.00 47.53  ? 51  THR A CG2 1 
ATOM   60   N N   . LEU A 1 9   ? -7.534  -5.866  -10.877 1.00 44.66  ? 52  LEU A N   1 
ATOM   61   C CA  . LEU A 1 9   ? -6.559  -5.405  -9.881  1.00 44.08  ? 52  LEU A CA  1 
ATOM   62   C C   . LEU A 1 9   ? -6.911  -5.837  -8.461  1.00 44.66  ? 52  LEU A C   1 
ATOM   63   O O   . LEU A 1 9   ? -6.049  -6.339  -7.738  1.00 43.99  ? 52  LEU A O   1 
ATOM   64   C CB  . LEU A 1 9   ? -6.378  -3.887  -9.948  1.00 42.36  ? 52  LEU A CB  1 
ATOM   65   C CG  . LEU A 1 9   ? -5.437  -3.266  -8.912  1.00 42.06  ? 52  LEU A CG  1 
ATOM   66   C CD1 . LEU A 1 9   ? -4.069  -3.953  -8.940  1.00 41.29  ? 52  LEU A CD1 1 
ATOM   67   C CD2 . LEU A 1 9   ? -5.313  -1.769  -9.161  1.00 41.60  ? 52  LEU A CD2 1 
ATOM   68   N N   . GLN A 1 10  ? -8.172  -5.656  -8.064  1.00 42.89  ? 53  GLN A N   1 
ATOM   69   C CA  . GLN A 1 10  ? -8.602  -6.047  -6.719  1.00 43.95  ? 53  GLN A CA  1 
ATOM   70   C C   . GLN A 1 10  ? -8.476  -7.547  -6.482  1.00 44.17  ? 53  GLN A C   1 
ATOM   71   O O   . GLN A 1 10  ? -8.066  -7.985  -5.400  1.00 44.48  ? 53  GLN A O   1 
ATOM   72   C CB  . GLN A 1 10  ? -10.038 -5.581  -6.430  1.00 45.02  ? 53  GLN A CB  1 
ATOM   73   C CG  . GLN A 1 10  ? -10.629 -6.113  -5.128  1.00 46.70  ? 53  GLN A CG  1 
ATOM   74   C CD  . GLN A 1 10  ? -9.906  -5.640  -3.866  1.00 48.29  ? 53  GLN A CD  1 
ATOM   75   O OE1 . GLN A 1 10  ? -9.930  -6.318  -2.835  1.00 48.09  ? 53  GLN A OE1 1 
ATOM   76   N NE2 . GLN A 1 10  ? -9.275  -4.471  -3.937  1.00 45.41  ? 53  GLN A NE2 1 
ATOM   77   N N   . GLN A 1 11  ? -8.847  -8.326  -7.495  1.00 44.38  ? 54  GLN A N   1 
ATOM   78   C CA  . GLN A 1 11  ? -8.731  -9.783  -7.443  1.00 42.63  ? 54  GLN A CA  1 
ATOM   79   C C   . GLN A 1 11  ? -7.265  -10.213 -7.345  1.00 41.36  ? 54  GLN A C   1 
ATOM   80   O O   . GLN A 1 11  ? -6.941  -11.199 -6.685  1.00 39.47  ? 54  GLN A O   1 
ATOM   81   C CB  . GLN A 1 11  ? -9.359  -10.414 -8.691  1.00 45.45  ? 54  GLN A CB  1 
ATOM   82   C CG  . GLN A 1 11  ? -10.883 -10.461 -8.691  1.00 46.33  ? 54  GLN A CG  1 
ATOM   83   C CD  . GLN A 1 11  ? -11.442 -10.662 -10.087 1.00 48.44  ? 54  GLN A CD  1 
ATOM   84   O OE1 . GLN A 1 11  ? -11.520 -9.722  -10.880 1.00 50.27  ? 54  GLN A OE1 1 
ATOM   85   N NE2 . GLN A 1 11  ? -11.828 -11.889 -10.395 1.00 46.70  ? 54  GLN A NE2 1 
ATOM   86   N N   . ARG A 1 12  ? -6.385  -9.481  -8.019  1.00 39.21  ? 55  ARG A N   1 
ATOM   87   C CA  . ARG A 1 12  ? -4.967  -9.846  -8.035  1.00 41.03  ? 55  ARG A CA  1 
ATOM   88   C C   . ARG A 1 12  ? -4.295  -9.526  -6.695  1.00 40.03  ? 55  ARG A C   1 
ATOM   89   O O   . ARG A 1 12  ? -3.479  -10.305 -6.213  1.00 41.52  ? 55  ARG A O   1 
ATOM   90   C CB  . ARG A 1 12  ? -4.251  -9.209  -9.220  1.00 39.90  ? 55  ARG A CB  1 
ATOM   91   C CG  . ARG A 1 12  ? -4.711  -9.791  -10.556 1.00 42.23  ? 55  ARG A CG  1 
ATOM   92   C CD  . ARG A 1 12  ? -3.986  -9.208  -11.761 1.00 41.64  ? 55  ARG A CD  1 
ATOM   93   N NE  . ARG A 1 12  ? -4.508  -7.905  -12.183 1.00 40.68  ? 55  ARG A NE  1 
ATOM   94   C CZ  . ARG A 1 12  ? -3.835  -6.756  -12.106 1.00 41.68  ? 55  ARG A CZ  1 
ATOM   95   N NH1 . ARG A 1 12  ? -2.587  -6.730  -11.627 1.00 37.33  ? 55  ARG A NH1 1 
ATOM   96   N NH2 . ARG A 1 12  ? -4.401  -5.628  -12.527 1.00 39.63  ? 55  ARG A NH2 1 
ATOM   97   N N   . LEU A 1 13  ? -4.673  -8.404  -6.086  1.00 39.48  ? 56  LEU A N   1 
ATOM   98   C CA  . LEU A 1 13  ? -4.192  -8.059  -4.746  1.00 39.07  ? 56  LEU A CA  1 
ATOM   99   C C   . LEU A 1 13  ? -4.675  -9.072  -3.709  1.00 42.10  ? 56  LEU A C   1 
ATOM   100  O O   . LEU A 1 13  ? -3.900  -9.505  -2.844  1.00 40.91  ? 56  LEU A O   1 
ATOM   101  C CB  . LEU A 1 13  ? -4.604  -6.635  -4.362  1.00 37.98  ? 56  LEU A CB  1 
ATOM   102  C CG  . LEU A 1 13  ? -3.901  -5.509  -5.138  1.00 37.11  ? 56  LEU A CG  1 
ATOM   103  C CD1 . LEU A 1 13  ? -4.687  -4.207  -5.073  1.00 36.59  ? 56  LEU A CD1 1 
ATOM   104  C CD2 . LEU A 1 13  ? -2.467  -5.281  -4.651  1.00 39.14  ? 56  LEU A CD2 1 
ATOM   105  N N   . GLN A 1 14  ? -5.947  -9.464  -3.810  1.00 42.50  ? 57  GLN A N   1 
ATOM   106  C CA  . GLN A 1 14  ? -6.496  -10.485 -2.919  1.00 45.67  ? 57  GLN A CA  1 
ATOM   107  C C   . GLN A 1 14  ? -5.760  -11.817 -3.089  1.00 44.04  ? 57  GLN A C   1 
ATOM   108  O O   . GLN A 1 14  ? -5.406  -12.462 -2.103  1.00 45.85  ? 57  GLN A O   1 
ATOM   109  C CB  . GLN A 1 14  ? -8.007  -10.676 -3.136  1.00 46.98  ? 57  GLN A CB  1 
ATOM   110  C CG  . GLN A 1 14  ? -8.539  -11.967 -2.518  1.00 54.20  ? 57  GLN A CG  1 
ATOM   111  C CD  . GLN A 1 14  ? -10.051 -12.089 -2.550  1.00 57.12  ? 57  GLN A CD  1 
ATOM   112  O OE1 . GLN A 1 14  ? -10.766 -11.110 -2.382  1.00 59.61  ? 57  GLN A OE1 1 
ATOM   113  N NE2 . GLN A 1 14  ? -10.543 -13.308 -2.747  1.00 59.22  ? 57  GLN A NE2 1 
ATOM   114  N N   . ALA A 1 15  ? -5.541  -12.228 -4.337  1.00 42.88  ? 58  ALA A N   1 
ATOM   115  C CA  . ALA A 1 15  ? -4.829  -13.474 -4.610  1.00 41.53  ? 58  ALA A CA  1 
ATOM   116  C C   . ALA A 1 15  ? -3.429  -13.450 -4.004  1.00 43.61  ? 58  ALA A C   1 
ATOM   117  O O   . ALA A 1 15  ? -3.002  -14.434 -3.392  1.00 43.75  ? 58  ALA A O   1 
ATOM   118  C CB  . ALA A 1 15  ? -4.757  -13.754 -6.113  1.00 40.41  ? 58  ALA A CB  1 
ATOM   119  N N   . LEU A 1 16  ? -2.736  -12.321 -4.164  1.00 41.39  ? 59  LEU A N   1 
ATOM   120  C CA  . LEU A 1 16  ? -1.352  -12.189 -3.698  1.00 42.77  ? 59  LEU A CA  1 
ATOM   121  C C   . LEU A 1 16  ? -1.214  -12.551 -2.223  1.00 44.16  ? 59  LEU A C   1 
ATOM   122  O O   . LEU A 1 16  ? -0.364  -13.352 -1.865  1.00 47.25  ? 59  LEU A O   1 
ATOM   123  C CB  . LEU A 1 16  ? -0.790  -10.786 -3.980  1.00 39.49  ? 59  LEU A CB  1 
ATOM   124  C CG  . LEU A 1 16  ? 0.620   -10.455 -3.451  1.00 41.04  ? 59  LEU A CG  1 
ATOM   125  C CD1 . LEU A 1 16  ? 1.709   -11.316 -4.084  1.00 39.55  ? 59  LEU A CD1 1 
ATOM   126  C CD2 . LEU A 1 16  ? 0.930   -8.983  -3.677  1.00 40.24  ? 59  LEU A CD2 1 
ATOM   127  N N   . ILE A 1 17  ? -2.058  -11.997 -1.364  1.00 45.90  ? 60  ILE A N   1 
ATOM   128  C CA  . ILE A 1 17  ? -1.876  -12.280 0.054   1.00 48.97  ? 60  ILE A CA  1 
ATOM   129  C C   . ILE A 1 17  ? -2.805  -13.333 0.670   1.00 48.03  ? 60  ILE A C   1 
ATOM   130  O O   . ILE A 1 17  ? -2.565  -13.770 1.784   1.00 45.90  ? 60  ILE A O   1 
ATOM   131  C CB  . ILE A 1 17  ? -1.852  -11.007 0.910   1.00 52.01  ? 60  ILE A CB  1 
ATOM   132  C CG1 . ILE A 1 17  ? -3.161  -10.249 0.774   1.00 50.90  ? 60  ILE A CG1 1 
ATOM   133  C CG2 . ILE A 1 17  ? -0.669  -10.121 0.526   1.00 50.40  ? 60  ILE A CG2 1 
ATOM   134  C CD1 . ILE A 1 17  ? -3.179  -9.006  1.633   1.00 54.25  ? 60  ILE A CD1 1 
ATOM   135  N N   . GLU A 1 18  ? -3.869  -13.722 -0.019  1.00 50.91  ? 61  GLU A N   1 
ATOM   136  C CA  . GLU A 1 18  ? -4.637  -14.865 0.478   1.00 55.47  ? 61  GLU A CA  1 
ATOM   137  C C   . GLU A 1 18  ? -3.865  -16.149 0.196   1.00 57.06  ? 61  GLU A C   1 
ATOM   138  O O   . GLU A 1 18  ? -3.840  -17.062 1.021   1.00 58.81  ? 61  GLU A O   1 
ATOM   139  C CB  . GLU A 1 18  ? -6.056  -14.930 -0.104  1.00 56.23  ? 61  GLU A CB  1 
ATOM   140  C CG  . GLU A 1 18  ? -7.025  -13.866 0.419   1.00 59.63  ? 61  GLU A CG  1 
ATOM   141  C CD  . GLU A 1 18  ? -7.245  -13.888 1.930   1.00 62.25  ? 61  GLU A CD  1 
ATOM   142  O OE1 . GLU A 1 18  ? -6.852  -14.868 2.605   1.00 64.48  ? 61  GLU A OE1 1 
ATOM   143  O OE2 . GLU A 1 18  ? -7.829  -12.912 2.453   1.00 63.86  ? 61  GLU A OE2 1 
ATOM   144  N N   . SER A 1 19  ? -3.207  -16.199 -0.958  1.00 57.93  ? 62  SER A N   1 
ATOM   145  C CA  . SER A 1 19  ? -2.467  -17.390 -1.358  1.00 59.71  ? 62  SER A CA  1 
ATOM   146  C C   . SER A 1 19  ? -1.051  -17.450 -0.779  1.00 61.62  ? 62  SER A C   1 
ATOM   147  O O   . SER A 1 19  ? -0.449  -18.523 -0.740  1.00 61.09  ? 62  SER A O   1 
ATOM   148  C CB  . SER A 1 19  ? -2.400  -17.500 -2.883  1.00 58.55  ? 62  SER A CB  1 
ATOM   149  O OG  . SER A 1 19  ? -1.498  -16.543 -3.413  1.00 60.72  ? 62  SER A OG  1 
ATOM   150  N N   . ALA A 1 20  ? -0.518  -16.305 -0.350  1.00 60.15  ? 63  ALA A N   1 
ATOM   151  C CA  . ALA A 1 20  ? 0.858   -16.243 0.182   1.00 60.65  ? 63  ALA A CA  1 
ATOM   152  C C   . ALA A 1 20  ? 1.039   -17.137 1.409   1.00 60.27  ? 63  ALA A C   1 
ATOM   153  O O   . ALA A 1 20  ? 0.146   -17.232 2.248   1.00 62.94  ? 63  ALA A O   1 
ATOM   154  C CB  . ALA A 1 20  ? 1.250   -14.809 0.507   1.00 57.35  ? 63  ALA A CB  1 
ATOM   155  N N   . GLY A 1 21  ? 2.198   -17.784 1.509   1.00 58.19  ? 64  GLY A N   1 
ATOM   156  C CA  . GLY A 1 21  ? 2.480   -18.697 2.620   1.00 58.00  ? 64  GLY A CA  1 
ATOM   157  C C   . GLY A 1 21  ? 2.810   -18.002 3.932   1.00 57.96  ? 64  GLY A C   1 
ATOM   158  O O   . GLY A 1 21  ? 2.863   -18.639 4.986   1.00 59.78  ? 64  GLY A O   1 
ATOM   159  N N   . GLU A 1 22  ? 3.023   -16.693 3.864   1.00 52.30  ? 65  GLU A N   1 
ATOM   160  C CA  . GLU A 1 22  ? 3.461   -15.916 5.015   1.00 49.33  ? 65  GLU A CA  1 
ATOM   161  C C   . GLU A 1 22  ? 2.312   -15.026 5.478   1.00 46.30  ? 65  GLU A C   1 
ATOM   162  O O   . GLU A 1 22  ? 1.362   -14.810 4.733   1.00 45.88  ? 65  GLU A O   1 
ATOM   163  C CB  . GLU A 1 22  ? 4.695   -15.075 4.654   1.00 51.25  ? 65  GLU A CB  1 
ATOM   164  C CG  . GLU A 1 22  ? 5.838   -15.837 3.979   1.00 52.43  ? 65  GLU A CG  1 
ATOM   165  C CD  . GLU A 1 22  ? 6.069   -15.443 2.518   1.00 55.89  ? 65  GLU A CD  1 
ATOM   166  O OE1 . GLU A 1 22  ? 5.190   -14.808 1.892   1.00 53.77  ? 65  GLU A OE1 1 
ATOM   167  O OE2 . GLU A 1 22  ? 7.140   -15.794 1.982   1.00 57.69  ? 65  GLU A OE2 1 
ATOM   168  N N   . ASN A 1 23  ? 2.392   -14.516 6.704   1.00 43.13  ? 66  ASN A N   1 
ATOM   169  C CA  . ASN A 1 23  ? 1.321   -13.691 7.255   1.00 42.97  ? 66  ASN A CA  1 
ATOM   170  C C   . ASN A 1 23  ? 1.433   -12.203 6.888   1.00 41.60  ? 66  ASN A C   1 
ATOM   171  O O   . ASN A 1 23  ? 1.844   -11.382 7.705   1.00 39.71  ? 66  ASN A O   1 
ATOM   172  C CB  . ASN A 1 23  ? 1.242   -13.869 8.777   1.00 45.36  ? 66  ASN A CB  1 
ATOM   173  C CG  . ASN A 1 23  ? 0.050   -13.155 9.392   1.00 49.25  ? 66  ASN A CG  1 
ATOM   174  O OD1 . ASN A 1 23  ? -0.865  -12.724 8.691   1.00 52.79  ? 66  ASN A OD1 1 
ATOM   175  N ND2 . ASN A 1 23  ? 0.057   -13.023 10.716  1.00 53.56  ? 66  ASN A ND2 1 
ATOM   176  N N   . TRP A 1 24  ? 1.051   -11.859 5.663   1.00 40.23  ? 67  TRP A N   1 
ATOM   177  C CA  . TRP A 1 24  ? 1.041   -10.463 5.238   1.00 38.98  ? 67  TRP A CA  1 
ATOM   178  C C   . TRP A 1 24  ? -0.240  -9.776  5.708   1.00 39.98  ? 67  TRP A C   1 
ATOM   179  O O   . TRP A 1 24  ? -1.328  -10.336 5.616   1.00 40.96  ? 67  TRP A O   1 
ATOM   180  C CB  . TRP A 1 24  ? 1.178   -10.354 3.716   1.00 37.69  ? 67  TRP A CB  1 
ATOM   181  C CG  . TRP A 1 24  ? 2.496   -10.859 3.196   1.00 37.05  ? 67  TRP A CG  1 
ATOM   182  C CD1 . TRP A 1 24  ? 2.732   -12.054 2.575   1.00 38.07  ? 67  TRP A CD1 1 
ATOM   183  C CD2 . TRP A 1 24  ? 3.757   -10.185 3.263   1.00 35.85  ? 67  TRP A CD2 1 
ATOM   184  N NE1 . TRP A 1 24  ? 4.068   -12.165 2.250   1.00 37.45  ? 67  TRP A NE1 1 
ATOM   185  C CE2 . TRP A 1 24  ? 4.718   -11.030 2.660   1.00 35.87  ? 67  TRP A CE2 1 
ATOM   186  C CE3 . TRP A 1 24  ? 4.169   -8.945  3.776   1.00 33.97  ? 67  TRP A CE3 1 
ATOM   187  C CZ2 . TRP A 1 24  ? 6.068   -10.677 2.557   1.00 34.15  ? 67  TRP A CZ2 1 
ATOM   188  C CZ3 . TRP A 1 24  ? 5.513   -8.590  3.673   1.00 34.25  ? 67  TRP A CZ3 1 
ATOM   189  C CH2 . TRP A 1 24  ? 6.447   -9.456  3.064   1.00 34.69  ? 67  TRP A CH2 1 
ATOM   190  N N   . THR A 1 25  ? -0.107  -8.554  6.200   1.00 40.08  ? 68  THR A N   1 
ATOM   191  C CA  . THR A 1 25  ? -1.246  -7.826  6.742   1.00 41.59  ? 68  THR A CA  1 
ATOM   192  C C   . THR A 1 25  ? -2.102  -7.181  5.660   1.00 40.76  ? 68  THR A C   1 
ATOM   193  O O   . THR A 1 25  ? -3.332  -7.182  5.744   1.00 42.04  ? 68  THR A O   1 
ATOM   194  C CB  . THR A 1 25  ? -0.771  -6.742  7.724   1.00 44.11  ? 68  THR A CB  1 
ATOM   195  O OG1 . THR A 1 25  ? 0.070   -7.343  8.716   1.00 43.43  ? 68  THR A OG1 1 
ATOM   196  C CG2 . THR A 1 25  ? -1.959  -6.053  8.388   1.00 44.44  ? 68  THR A CG2 1 
ATOM   197  N N   . TYR A 1 26  ? -1.452  -6.614  4.649   1.00 38.85  ? 69  TYR A N   1 
ATOM   198  C CA  . TYR A 1 26  ? -2.154  -5.912  3.572   1.00 37.06  ? 69  TYR A CA  1 
ATOM   199  C C   . TYR A 1 26  ? -1.282  -5.879  2.326   1.00 36.43  ? 69  TYR A C   1 
ATOM   200  O O   . TYR A 1 26  ? -0.077  -6.118  2.389   1.00 34.23  ? 69  TYR A O   1 
ATOM   201  C CB  . TYR A 1 26  ? -2.486  -4.464  3.988   1.00 37.60  ? 69  TYR A CB  1 
ATOM   202  C CG  . TYR A 1 26  ? -1.235  -3.627  4.110   1.00 37.89  ? 69  TYR A CG  1 
ATOM   203  C CD1 . TYR A 1 26  ? -0.537  -3.567  5.315   1.00 37.69  ? 69  TYR A CD1 1 
ATOM   204  C CD2 . TYR A 1 26  ? -0.717  -2.940  3.006   1.00 35.62  ? 69  TYR A CD2 1 
ATOM   205  C CE1 . TYR A 1 26  ? 0.632   -2.829  5.420   1.00 38.19  ? 69  TYR A CE1 1 
ATOM   206  C CE2 . TYR A 1 26  ? 0.459   -2.212  3.102   1.00 38.22  ? 69  TYR A CE2 1 
ATOM   207  C CZ  . TYR A 1 26  ? 1.122   -2.155  4.317   1.00 36.27  ? 69  TYR A CZ  1 
ATOM   208  O OH  . TYR A 1 26  ? 2.294   -1.441  4.419   1.00 37.31  ? 69  TYR A OH  1 
ATOM   209  N N   . ALA A 1 27  ? -1.901  -5.564  1.196   1.00 36.79  ? 70  ALA A N   1 
ATOM   210  C CA  . ALA A 1 27  ? -1.182  -5.227  -0.017  1.00 35.12  ? 70  ALA A CA  1 
ATOM   211  C C   . ALA A 1 27  ? -1.742  -3.920  -0.576  1.00 36.46  ? 70  ALA A C   1 
ATOM   212  O O   . ALA A 1 27  ? -2.948  -3.683  -0.522  1.00 38.27  ? 70  ALA A O   1 
ATOM   213  C CB  . ALA A 1 27  ? -1.308  -6.347  -1.035  1.00 35.25  ? 70  ALA A CB  1 
ATOM   214  N N   . ILE A 1 28  ? -0.873  -3.074  -1.115  1.00 35.79  ? 71  ILE A N   1 
ATOM   215  C CA  . ILE A 1 28  ? -1.311  -1.833  -1.764  1.00 34.60  ? 71  ILE A CA  1 
ATOM   216  C C   . ILE A 1 28  ? -0.734  -1.763  -3.176  1.00 35.33  ? 71  ILE A C   1 
ATOM   217  O O   . ILE A 1 28  ? 0.400   -2.179  -3.414  1.00 35.40  ? 71  ILE A O   1 
ATOM   218  C CB  . ILE A 1 28  ? -0.911  -0.585  -0.932  1.00 34.26  ? 71  ILE A CB  1 
ATOM   219  C CG1 . ILE A 1 28  ? -1.752  -0.491  0.342   1.00 32.86  ? 71  ILE A CG1 1 
ATOM   220  C CG2 . ILE A 1 28  ? -1.081  0.712   -1.727  1.00 34.60  ? 71  ILE A CG2 1 
ATOM   221  C CD1 . ILE A 1 28  ? -1.284  0.587   1.308   1.00 36.26  ? 71  ILE A CD1 1 
ATOM   222  N N   . PHE A 1 29  ? -1.518  -1.259  -4.125  1.00 35.51  ? 72  PHE A N   1 
ATOM   223  C CA  . PHE A 1 29  ? -0.965  -0.907  -5.423  1.00 35.70  ? 72  PHE A CA  1 
ATOM   224  C C   . PHE A 1 29  ? -0.968  0.604   -5.602  1.00 36.26  ? 72  PHE A C   1 
ATOM   225  O O   . PHE A 1 29  ? -2.026  1.232   -5.586  1.00 36.90  ? 72  PHE A O   1 
ATOM   226  C CB  . PHE A 1 29  ? -1.706  -1.580  -6.582  1.00 36.59  ? 72  PHE A CB  1 
ATOM   227  C CG  . PHE A 1 29  ? -1.040  -1.363  -7.910  1.00 37.56  ? 72  PHE A CG  1 
ATOM   228  C CD1 . PHE A 1 29  ? 0.101   -2.084  -8.249  1.00 37.39  ? 72  PHE A CD1 1 
ATOM   229  C CD2 . PHE A 1 29  ? -1.513  -0.403  -8.795  1.00 38.28  ? 72  PHE A CD2 1 
ATOM   230  C CE1 . PHE A 1 29  ? 0.743   -1.874  -9.457  1.00 38.45  ? 72  PHE A CE1 1 
ATOM   231  C CE2 . PHE A 1 29  ? -0.884  -0.190  -10.010 1.00 37.48  ? 72  PHE A CE2 1 
ATOM   232  C CZ  . PHE A 1 29  ? 0.246   -0.926  -10.343 1.00 38.67  ? 72  PHE A CZ  1 
ATOM   233  N N   . TRP A 1 30  ? 0.225   1.176   -5.751  1.00 36.05  ? 73  TRP A N   1 
ATOM   234  C CA  . TRP A 1 30  ? 0.395   2.592   -6.057  1.00 35.33  ? 73  TRP A CA  1 
ATOM   235  C C   . TRP A 1 30  ? 0.393   2.784   -7.571  1.00 35.90  ? 73  TRP A C   1 
ATOM   236  O O   . TRP A 1 30  ? 1.238   2.223   -8.253  1.00 34.34  ? 73  TRP A O   1 
ATOM   237  C CB  . TRP A 1 30  ? 1.713   3.099   -5.458  1.00 34.19  ? 73  TRP A CB  1 
ATOM   238  C CG  . TRP A 1 30  ? 1.785   2.929   -3.956  1.00 34.64  ? 73  TRP A CG  1 
ATOM   239  C CD1 . TRP A 1 30  ? 2.587   2.058   -3.258  1.00 32.99  ? 73  TRP A CD1 1 
ATOM   240  C CD2 . TRP A 1 30  ? 1.015   3.644   -2.974  1.00 34.50  ? 73  TRP A CD2 1 
ATOM   241  N NE1 . TRP A 1 30  ? 2.367   2.202   -1.904  1.00 34.03  ? 73  TRP A NE1 1 
ATOM   242  C CE2 . TRP A 1 30  ? 1.414   3.168   -1.703  1.00 33.76  ? 73  TRP A CE2 1 
ATOM   243  C CE3 . TRP A 1 30  ? 0.043   4.655   -3.046  1.00 35.81  ? 73  TRP A CE3 1 
ATOM   244  C CZ2 . TRP A 1 30  ? 0.864   3.657   -0.509  1.00 34.59  ? 73  TRP A CZ2 1 
ATOM   245  C CZ3 . TRP A 1 30  ? -0.509  5.139   -1.859  1.00 36.40  ? 73  TRP A CZ3 1 
ATOM   246  C CH2 . TRP A 1 30  ? -0.094  4.639   -0.606  1.00 36.99  ? 73  TRP A CH2 1 
ATOM   247  N N   . GLN A 1 31  ? -0.560  3.559   -8.098  1.00 38.33  ? 74  GLN A N   1 
ATOM   248  C CA  . GLN A 1 31  ? -0.671  3.768   -9.551  1.00 42.28  ? 74  GLN A CA  1 
ATOM   249  C C   . GLN A 1 31  ? 0.051   5.041   -9.997  1.00 40.94  ? 74  GLN A C   1 
ATOM   250  O O   . GLN A 1 31  ? 0.090   6.021   -9.264  1.00 39.26  ? 74  GLN A O   1 
ATOM   251  C CB  . GLN A 1 31  ? -2.146  3.810   -9.985  1.00 43.69  ? 74  GLN A CB  1 
ATOM   252  C CG  . GLN A 1 31  ? -2.374  4.211   -11.441 1.00 50.30  ? 74  GLN A CG  1 
ATOM   253  C CD  . GLN A 1 31  ? -1.912  3.163   -12.447 1.00 51.10  ? 74  GLN A CD  1 
ATOM   254  O OE1 . GLN A 1 31  ? -1.027  3.413   -13.270 1.00 50.05  ? 74  GLN A OE1 1 
ATOM   255  N NE2 . GLN A 1 31  ? -2.521  1.982   -12.392 1.00 53.72  ? 74  GLN A NE2 1 
ATOM   256  N N   . ILE A 1 32  ? 0.622   5.021   -11.195 1.00 44.94  ? 75  ILE A N   1 
ATOM   257  C CA  . ILE A 1 32  ? 1.298   6.200   -11.725 1.00 48.74  ? 75  ILE A CA  1 
ATOM   258  C C   . ILE A 1 32  ? 0.297   7.210   -12.252 1.00 48.51  ? 75  ILE A C   1 
ATOM   259  O O   . ILE A 1 32  ? -0.675  6.858   -12.914 1.00 51.08  ? 75  ILE A O   1 
ATOM   260  C CB  . ILE A 1 32  ? 2.325   5.861   -12.825 1.00 52.64  ? 75  ILE A CB  1 
ATOM   261  C CG1 . ILE A 1 32  ? 1.731   4.896   -13.848 1.00 56.03  ? 75  ILE A CG1 1 
ATOM   262  C CG2 . ILE A 1 32  ? 3.577   5.247   -12.219 1.00 55.36  ? 75  ILE A CG2 1 
ATOM   263  C CD1 . ILE A 1 32  ? 2.761   4.275   -14.765 1.00 58.83  ? 75  ILE A CD1 1 
ATOM   264  N N   . SER A 1 33  ? 0.528   8.463   -11.903 1.00 47.88  ? 76  SER A N   1 
ATOM   265  C CA  . SER A 1 33  ? -0.216  9.576   -12.447 1.00 50.18  ? 76  SER A CA  1 
ATOM   266  C C   . SER A 1 33  ? 0.846   10.563  -12.887 1.00 49.03  ? 76  SER A C   1 
ATOM   267  O O   . SER A 1 33  ? 2.039   10.305  -12.712 1.00 47.20  ? 76  SER A O   1 
ATOM   268  C CB  . SER A 1 33  ? -1.129  10.176  -11.378 1.00 52.48  ? 76  SER A CB  1 
ATOM   269  O OG  . SER A 1 33  ? -1.989  11.144  -11.938 1.00 61.90  ? 76  SER A OG  1 
ATOM   270  N N   . HIS A 1 34  ? 0.437   11.678  -13.480 1.00 51.08  ? 77  HIS A N   1 
ATOM   271  C CA  . HIS A 1 34  ? 1.405   12.690  -13.882 1.00 50.70  ? 77  HIS A CA  1 
ATOM   272  C C   . HIS A 1 34  ? 1.006   14.055  -13.355 1.00 54.10  ? 77  HIS A C   1 
ATOM   273  O O   . HIS A 1 34  ? -0.177  14.335  -13.141 1.00 55.72  ? 77  HIS A O   1 
ATOM   274  C CB  . HIS A 1 34  ? 1.574   12.723  -15.399 1.00 48.81  ? 77  HIS A CB  1 
ATOM   275  C CG  . HIS A 1 34  ? 2.239   11.506  -15.965 1.00 47.19  ? 77  HIS A CG  1 
ATOM   276  N ND1 . HIS A 1 34  ? 1.538   10.380  -16.340 1.00 48.00  ? 77  HIS A ND1 1 
ATOM   277  C CD2 . HIS A 1 34  ? 3.541   11.243  -16.231 1.00 46.15  ? 77  HIS A CD2 1 
ATOM   278  C CE1 . HIS A 1 34  ? 2.378   9.474   -16.806 1.00 48.63  ? 77  HIS A CE1 1 
ATOM   279  N NE2 . HIS A 1 34  ? 3.600   9.973   -16.753 1.00 47.96  ? 77  HIS A NE2 1 
ATOM   280  N N   . ASP A 1 35  ? 2.009   14.890  -13.118 1.00 54.19  ? 78  ASP A N   1 
ATOM   281  C CA  . ASP A 1 35  ? 1.785   16.259  -12.706 1.00 57.43  ? 78  ASP A CA  1 
ATOM   282  C C   . ASP A 1 35  ? 2.687   17.150  -13.529 1.00 56.17  ? 78  ASP A C   1 
ATOM   283  O O   . ASP A 1 35  ? 3.883   17.254  -13.259 1.00 54.53  ? 78  ASP A O   1 
ATOM   284  C CB  . ASP A 1 35  ? 2.075   16.445  -11.219 1.00 61.56  ? 78  ASP A CB  1 
ATOM   285  C CG  . ASP A 1 35  ? 2.014   17.899  -10.792 1.00 66.29  ? 78  ASP A CG  1 
ATOM   286  O OD1 . ASP A 1 35  ? 3.022   18.623  -10.954 1.00 70.61  ? 78  ASP A OD1 1 
ATOM   287  O OD2 . ASP A 1 35  ? 0.952   18.316  -10.293 1.00 68.69  ? 78  ASP A OD2 1 
ATOM   288  N N   . PHE A 1 36  ? 2.105   17.780  -14.542 1.00 55.08  ? 79  PHE A N   1 
ATOM   289  C CA  . PHE A 1 36  ? 2.840   18.718  -15.375 1.00 53.05  ? 79  PHE A CA  1 
ATOM   290  C C   . PHE A 1 36  ? 3.133   19.989  -14.594 1.00 53.62  ? 79  PHE A C   1 
ATOM   291  O O   . PHE A 1 36  ? 2.235   20.554  -13.964 1.00 50.68  ? 79  PHE A O   1 
ATOM   292  C CB  . PHE A 1 36  ? 2.052   19.056  -16.647 1.00 51.26  ? 79  PHE A CB  1 
ATOM   293  C CG  . PHE A 1 36  ? 2.770   20.004  -17.559 1.00 49.52  ? 79  PHE A CG  1 
ATOM   294  C CD1 . PHE A 1 36  ? 3.717   19.534  -18.461 1.00 49.53  ? 79  PHE A CD1 1 
ATOM   295  C CD2 . PHE A 1 36  ? 2.508   21.370  -17.510 1.00 50.22  ? 79  PHE A CD2 1 
ATOM   296  C CE1 . PHE A 1 36  ? 4.385   20.407  -19.307 1.00 49.86  ? 79  PHE A CE1 1 
ATOM   297  C CE2 . PHE A 1 36  ? 3.178   22.250  -18.348 1.00 47.75  ? 79  PHE A CE2 1 
ATOM   298  C CZ  . PHE A 1 36  ? 4.117   21.767  -19.247 1.00 47.79  ? 79  PHE A CZ  1 
ATOM   299  N N   . ASP A 1 37  ? 4.385   20.434  -14.646 1.00 55.99  ? 80  ASP A N   1 
ATOM   300  C CA  . ASP A 1 37  ? 4.790   21.673  -13.980 1.00 62.62  ? 80  ASP A CA  1 
ATOM   301  C C   . ASP A 1 37  ? 4.976   22.830  -14.969 1.00 62.27  ? 80  ASP A C   1 
ATOM   302  O O   . ASP A 1 37  ? 5.979   22.893  -15.680 1.00 62.57  ? 80  ASP A O   1 
ATOM   303  C CB  . ASP A 1 37  ? 6.070   21.458  -13.159 1.00 64.30  ? 80  ASP A CB  1 
ATOM   304  C CG  . ASP A 1 37  ? 6.604   22.752  -12.550 1.00 67.38  ? 80  ASP A CG  1 
ATOM   305  O OD1 . ASP A 1 37  ? 5.802   23.678  -12.297 1.00 68.70  ? 80  ASP A OD1 1 
ATOM   306  O OD2 . ASP A 1 37  ? 7.831   22.841  -12.319 1.00 67.68  ? 80  ASP A OD2 1 
ATOM   307  N N   . SER A 1 38  ? 4.018   23.755  -14.978 1.00 64.37  ? 81  SER A N   1 
ATOM   308  C CA  . SER A 1 38  ? 4.056   24.928  -15.859 1.00 67.05  ? 81  SER A CA  1 
ATOM   309  C C   . SER A 1 38  ? 5.364   25.710  -15.760 1.00 68.42  ? 81  SER A C   1 
ATOM   310  O O   . SER A 1 38  ? 5.890   26.189  -16.768 1.00 69.30  ? 81  SER A O   1 
ATOM   311  C CB  . SER A 1 38  ? 2.887   25.863  -15.545 1.00 67.93  ? 81  SER A CB  1 
ATOM   312  O OG  . SER A 1 38  ? 1.684   25.134  -15.395 1.00 70.37  ? 81  SER A OG  1 
ATOM   313  N N   . SER A 1 39  ? 5.888   25.818  -14.543 1.00 71.31  ? 82  SER A N   1 
ATOM   314  C CA  . SER A 1 39  ? 7.058   26.646  -14.263 1.00 74.94  ? 82  SER A CA  1 
ATOM   315  C C   . SER A 1 39  ? 8.333   26.155  -14.947 1.00 74.38  ? 82  SER A C   1 
ATOM   316  O O   . SER A 1 39  ? 9.222   26.953  -15.248 1.00 78.26  ? 82  SER A O   1 
ATOM   317  C CB  . SER A 1 39  ? 7.276   26.759  -12.751 1.00 75.98  ? 82  SER A CB  1 
ATOM   318  O OG  . SER A 1 39  ? 8.463   27.475  -12.453 1.00 80.49  ? 82  SER A OG  1 
ATOM   319  N N   . THR A 1 40  ? 8.426   24.851  -15.184 1.00 71.64  ? 83  THR A N   1 
ATOM   320  C CA  . THR A 1 40  ? 9.625   24.274  -15.786 1.00 68.62  ? 83  THR A CA  1 
ATOM   321  C C   . THR A 1 40  ? 9.299   23.493  -17.053 1.00 68.50  ? 83  THR A C   1 
ATOM   322  O O   . THR A 1 40  ? 10.193  23.170  -17.840 1.00 69.62  ? 83  THR A O   1 
ATOM   323  C CB  . THR A 1 40  ? 10.341  23.328  -14.808 1.00 69.52  ? 83  THR A CB  1 
ATOM   324  O OG1 . THR A 1 40  ? 9.450   22.269  -14.436 1.00 68.42  ? 83  THR A OG1 1 
ATOM   325  C CG2 . THR A 1 40  ? 10.792  24.078  -13.560 1.00 70.05  ? 83  THR A CG2 1 
ATOM   326  N N   . GLY A 1 41  ? 8.016   23.186  -17.234 1.00 66.43  ? 84  GLY A N   1 
ATOM   327  C CA  . GLY A 1 41  ? 7.554   22.372  -18.354 1.00 64.45  ? 84  GLY A CA  1 
ATOM   328  C C   . GLY A 1 41  ? 7.860   20.887  -18.235 1.00 63.69  ? 84  GLY A C   1 
ATOM   329  O O   . GLY A 1 41  ? 7.985   20.198  -19.246 1.00 60.70  ? 84  GLY A O   1 
ATOM   330  N N   . ASP A 1 42  ? 7.976   20.379  -17.010 1.00 62.74  ? 85  ASP A N   1 
ATOM   331  C CA  . ASP A 1 42  ? 8.285   18.961  -16.816 1.00 60.42  ? 85  ASP A CA  1 
ATOM   332  C C   . ASP A 1 42  ? 7.045   18.144  -16.464 1.00 55.42  ? 85  ASP A C   1 
ATOM   333  O O   . ASP A 1 42  ? 6.160   18.633  -15.766 1.00 52.28  ? 85  ASP A O   1 
ATOM   334  C CB  . ASP A 1 42  ? 9.375   18.785  -15.754 1.00 67.33  ? 85  ASP A CB  1 
ATOM   335  C CG  . ASP A 1 42  ? 10.664  19.520  -16.108 1.00 72.24  ? 85  ASP A CG  1 
ATOM   336  O OD1 . ASP A 1 42  ? 10.843  19.911  -17.284 1.00 79.22  ? 85  ASP A OD1 1 
ATOM   337  O OD2 . ASP A 1 42  ? 11.501  19.715  -15.204 1.00 74.59  ? 85  ASP A OD2 1 
ATOM   338  N N   . ASN A 1 43  ? 7.001   16.902  -16.949 1.00 50.95  ? 86  ASN A N   1 
ATOM   339  C CA  . ASN A 1 43  ? 5.868   16.003  -16.730 1.00 50.19  ? 86  ASN A CA  1 
ATOM   340  C C   . ASN A 1 43  ? 6.183   14.904  -15.711 1.00 49.66  ? 86  ASN A C   1 
ATOM   341  O O   . ASN A 1 43  ? 6.347   13.739  -16.068 1.00 49.17  ? 86  ASN A O   1 
ATOM   342  C CB  . ASN A 1 43  ? 5.424   15.353  -18.044 1.00 45.75  ? 86  ASN A CB  1 
ATOM   343  C CG  . ASN A 1 43  ? 4.083   14.656  -17.919 1.00 43.68  ? 86  ASN A CG  1 
ATOM   344  O OD1 . ASN A 1 43  ? 3.235   15.066  -17.131 1.00 42.77  ? 86  ASN A OD1 1 
ATOM   345  N ND2 . ASN A 1 43  ? 3.879   13.608  -18.703 1.00 42.20  ? 86  ASN A ND2 1 
ATOM   346  N N   . THR A 1 44  ? 6.225   15.270  -14.440 1.00 49.65  ? 87  THR A N   1 
ATOM   347  C CA  . THR A 1 44  ? 6.750   14.363  -13.424 1.00 49.29  ? 87  THR A CA  1 
ATOM   348  C C   . THR A 1 44  ? 5.770   13.253  -13.051 1.00 46.17  ? 87  THR A C   1 
ATOM   349  O O   . THR A 1 44  ? 4.567   13.487  -12.908 1.00 44.33  ? 87  THR A O   1 
ATOM   350  C CB  . THR A 1 44  ? 7.190   15.139  -12.176 1.00 50.82  ? 87  THR A CB  1 
ATOM   351  O OG1 . THR A 1 44  ? 6.112   15.962  -11.733 1.00 58.11  ? 87  THR A OG1 1 
ATOM   352  C CG2 . THR A 1 44  ? 8.371   16.031  -12.504 1.00 52.59  ? 87  THR A CG2 1 
ATOM   353  N N   . VAL A 1 45  ? 6.294   12.039  -12.918 1.00 45.25  ? 88  VAL A N   1 
ATOM   354  C CA  . VAL A 1 45  ? 5.506   10.908  -12.446 1.00 42.21  ? 88  VAL A CA  1 
ATOM   355  C C   . VAL A 1 45  ? 5.204   11.069  -10.960 1.00 41.61  ? 88  VAL A C   1 
ATOM   356  O O   . VAL A 1 45  ? 6.099   11.371  -10.164 1.00 41.29  ? 88  VAL A O   1 
ATOM   357  C CB  . VAL A 1 45  ? 6.230   9.568   -12.687 1.00 46.02  ? 88  VAL A CB  1 
ATOM   358  C CG1 . VAL A 1 45  ? 5.503   8.426   -11.991 1.00 45.03  ? 88  VAL A CG1 1 
ATOM   359  C CG2 . VAL A 1 45  ? 6.350   9.291   -14.178 1.00 48.62  ? 88  VAL A CG2 1 
ATOM   360  N N   . ILE A 1 46  ? 3.933   10.886  -10.605 1.00 39.81  ? 89  ILE A N   1 
ATOM   361  C CA  . ILE A 1 46  ? 3.485   10.900  -9.215  1.00 41.46  ? 89  ILE A CA  1 
ATOM   362  C C   . ILE A 1 46  ? 2.724   9.604   -8.946  1.00 42.98  ? 89  ILE A C   1 
ATOM   363  O O   . ILE A 1 46  ? 1.821   9.240   -9.707  1.00 43.71  ? 89  ILE A O   1 
ATOM   364  C CB  . ILE A 1 46  ? 2.587   12.124  -8.912  1.00 44.72  ? 89  ILE A CB  1 
ATOM   365  C CG1 . ILE A 1 46  ? 3.398   13.425  -9.050  1.00 45.83  ? 89  ILE A CG1 1 
ATOM   366  C CG2 . ILE A 1 46  ? 1.964   12.025  -7.518  1.00 45.15  ? 89  ILE A CG2 1 
ATOM   367  C CD1 . ILE A 1 46  ? 2.808   14.611  -8.325  1.00 49.53  ? 89  ILE A CD1 1 
ATOM   368  N N   . LEU A 1 47  ? 3.097   8.900   -7.879  1.00 39.93  ? 90  LEU A N   1 
ATOM   369  C CA  . LEU A 1 47  ? 2.402   7.673   -7.493  1.00 39.49  ? 90  LEU A CA  1 
ATOM   370  C C   . LEU A 1 47  ? 1.311   8.009   -6.506  1.00 38.71  ? 90  LEU A C   1 
ATOM   371  O O   . LEU A 1 47  ? 1.544   8.756   -5.558  1.00 40.30  ? 90  LEU A O   1 
ATOM   372  C CB  . LEU A 1 47  ? 3.379   6.659   -6.881  1.00 40.30  ? 90  LEU A CB  1 
ATOM   373  C CG  . LEU A 1 47  ? 4.545   6.243   -7.778  1.00 42.65  ? 90  LEU A CG  1 
ATOM   374  C CD1 . LEU A 1 47  ? 5.733   5.760   -6.953  1.00 45.83  ? 90  LEU A CD1 1 
ATOM   375  C CD2 . LEU A 1 47  ? 4.119   5.169   -8.763  1.00 42.21  ? 90  LEU A CD2 1 
ATOM   376  N N   . GLY A 1 48  ? 0.115   7.475   -6.739  1.00 38.17  ? 91  GLY A N   1 
ATOM   377  C CA  . GLY A 1 48  ? -1.017  7.693   -5.847  1.00 37.13  ? 91  GLY A CA  1 
ATOM   378  C C   . GLY A 1 48  ? -1.773  6.396   -5.644  1.00 38.46  ? 91  GLY A C   1 
ATOM   379  O O   . GLY A 1 48  ? -1.498  5.395   -6.315  1.00 38.00  ? 91  GLY A O   1 
ATOM   380  N N   . TRP A 1 49  ? -2.724  6.412   -4.718  1.00 38.75  ? 92  TRP A N   1 
ATOM   381  C CA  . TRP A 1 49  ? -3.518  5.232   -4.400  1.00 41.74  ? 92  TRP A CA  1 
ATOM   382  C C   . TRP A 1 49  ? -4.192  4.641   -5.640  1.00 45.19  ? 92  TRP A C   1 
ATOM   383  O O   . TRP A 1 49  ? -4.961  5.323   -6.321  1.00 44.74  ? 92  TRP A O   1 
ATOM   384  C CB  . TRP A 1 49  ? -4.582  5.570   -3.357  1.00 41.23  ? 92  TRP A CB  1 
ATOM   385  C CG  . TRP A 1 49  ? -5.408  4.387   -2.958  1.00 41.90  ? 92  TRP A CG  1 
ATOM   386  C CD1 . TRP A 1 49  ? -6.568  3.959   -3.548  1.00 42.58  ? 92  TRP A CD1 1 
ATOM   387  C CD2 . TRP A 1 49  ? -5.140  3.470   -1.887  1.00 42.17  ? 92  TRP A CD2 1 
ATOM   388  N NE1 . TRP A 1 49  ? -7.034  2.835   -2.908  1.00 43.60  ? 92  TRP A NE1 1 
ATOM   389  C CE2 . TRP A 1 49  ? -6.180  2.512   -1.887  1.00 41.88  ? 92  TRP A CE2 1 
ATOM   390  C CE3 . TRP A 1 49  ? -4.120  3.365   -0.928  1.00 41.20  ? 92  TRP A CE3 1 
ATOM   391  C CZ2 . TRP A 1 49  ? -6.236  1.463   -0.963  1.00 43.64  ? 92  TRP A CZ2 1 
ATOM   392  C CZ3 . TRP A 1 49  ? -4.177  2.323   -0.006  1.00 41.15  ? 92  TRP A CZ3 1 
ATOM   393  C CH2 . TRP A 1 49  ? -5.228  1.383   -0.031  1.00 41.33  ? 92  TRP A CH2 1 
ATOM   394  N N   . GLY A 1 50  ? -3.890  3.373   -5.917  1.00 45.13  ? 93  GLY A N   1 
ATOM   395  C CA  . GLY A 1 50  ? -4.525  2.633   -7.010  1.00 44.86  ? 93  GLY A CA  1 
ATOM   396  C C   . GLY A 1 50  ? -5.615  1.736   -6.460  1.00 45.23  ? 93  GLY A C   1 
ATOM   397  O O   . GLY A 1 50  ? -6.790  1.880   -6.811  1.00 44.41  ? 93  GLY A O   1 
ATOM   398  N N   . ASP A 1 51  ? -5.220  0.808   -5.593  1.00 41.47  ? 94  ASP A N   1 
ATOM   399  C CA  . ASP A 1 51  ? -6.157  -0.057  -4.873  1.00 43.24  ? 94  ASP A CA  1 
ATOM   400  C C   . ASP A 1 51  ? -5.417  -0.689  -3.696  1.00 41.60  ? 94  ASP A C   1 
ATOM   401  O O   . ASP A 1 51  ? -4.206  -0.510  -3.550  1.00 40.54  ? 94  ASP A O   1 
ATOM   402  C CB  . ASP A 1 51  ? -6.737  -1.134  -5.809  1.00 44.34  ? 94  ASP A CB  1 
ATOM   403  C CG  . ASP A 1 51  ? -8.002  -1.802  -5.255  1.00 46.10  ? 94  ASP A CG  1 
ATOM   404  O OD1 . ASP A 1 51  ? -8.551  -1.364  -4.217  1.00 43.82  ? 94  ASP A OD1 1 
ATOM   405  O OD2 . ASP A 1 51  ? -8.449  -2.791  -5.874  1.00 47.15  ? 94  ASP A OD2 1 
ATOM   406  N N   . GLY A 1 52  ? -6.139  -1.418  -2.853  1.00 39.59  ? 95  GLY A N   1 
ATOM   407  C CA  . GLY A 1 52  ? -5.540  -2.061  -1.704  1.00 38.21  ? 95  GLY A CA  1 
ATOM   408  C C   . GLY A 1 52  ? -6.376  -3.230  -1.238  1.00 41.57  ? 95  GLY A C   1 
ATOM   409  O O   . GLY A 1 52  ? -7.564  -3.335  -1.560  1.00 40.55  ? 95  GLY A O   1 
ATOM   410  N N   . TYR A 1 53  ? -5.751  -4.123  -0.488  1.00 39.68  ? 96  TYR A N   1 
ATOM   411  C CA  . TYR A 1 53  ? -6.472  -5.228  0.115   1.00 41.71  ? 96  TYR A CA  1 
ATOM   412  C C   . TYR A 1 53  ? -5.955  -5.448  1.520   1.00 40.65  ? 96  TYR A C   1 
ATOM   413  O O   . TYR A 1 53  ? -4.790  -5.801  1.713   1.00 41.13  ? 96  TYR A O   1 
ATOM   414  C CB  . TYR A 1 53  ? -6.326  -6.500  -0.723  1.00 42.54  ? 96  TYR A CB  1 
ATOM   415  C CG  . TYR A 1 53  ? -7.026  -7.695  -0.104  1.00 48.36  ? 96  TYR A CG  1 
ATOM   416  C CD1 . TYR A 1 53  ? -8.400  -7.874  -0.253  1.00 49.63  ? 96  TYR A CD1 1 
ATOM   417  C CD2 . TYR A 1 53  ? -6.320  -8.633  0.642   1.00 48.12  ? 96  TYR A CD2 1 
ATOM   418  C CE1 . TYR A 1 53  ? -9.047  -8.959  0.317   1.00 53.70  ? 96  TYR A CE1 1 
ATOM   419  C CE2 . TYR A 1 53  ? -6.957  -9.723  1.217   1.00 51.69  ? 96  TYR A CE2 1 
ATOM   420  C CZ  . TYR A 1 53  ? -8.324  -9.882  1.049   1.00 53.75  ? 96  TYR A CZ  1 
ATOM   421  O OH  . TYR A 1 53  ? -8.973  -10.958 1.610   1.00 54.90  ? 96  TYR A OH  1 
ATOM   422  N N   . TYR A 1 54  ? -6.817  -5.223  2.503   1.00 41.85  ? 97  TYR A N   1 
ATOM   423  C CA  . TYR A 1 54  ? -6.425  -5.351  3.896   1.00 41.09  ? 97  TYR A CA  1 
ATOM   424  C C   . TYR A 1 54  ? -6.904  -6.688  4.451   1.00 45.27  ? 97  TYR A C   1 
ATOM   425  O O   . TYR A 1 54  ? -8.109  -6.965  4.457   1.00 46.01  ? 97  TYR A O   1 
ATOM   426  C CB  . TYR A 1 54  ? -6.980  -4.182  4.725   1.00 41.67  ? 97  TYR A CB  1 
ATOM   427  C CG  . TYR A 1 54  ? -6.627  -4.285  6.188   1.00 41.60  ? 97  TYR A CG  1 
ATOM   428  C CD1 . TYR A 1 54  ? -5.406  -3.810  6.664   1.00 41.52  ? 97  TYR A CD1 1 
ATOM   429  C CD2 . TYR A 1 54  ? -7.502  -4.882  7.096   1.00 41.97  ? 97  TYR A CD2 1 
ATOM   430  C CE1 . TYR A 1 54  ? -5.073  -3.913  8.005   1.00 40.86  ? 97  TYR A CE1 1 
ATOM   431  C CE2 . TYR A 1 54  ? -7.179  -4.992  8.435   1.00 41.37  ? 97  TYR A CE2 1 
ATOM   432  C CZ  . TYR A 1 54  ? -5.961  -4.506  8.884   1.00 41.60  ? 97  TYR A CZ  1 
ATOM   433  O OH  . TYR A 1 54  ? -5.627  -4.612  10.217  1.00 42.99  ? 97  TYR A OH  1 
ATOM   434  N N   . LYS A 1 55  ? -5.959  -7.513  4.900   1.00 45.52  ? 98  LYS A N   1 
ATOM   435  C CA  . LYS A 1 55  ? -6.264  -8.843  5.435   1.00 49.76  ? 98  LYS A CA  1 
ATOM   436  C C   . LYS A 1 55  ? -6.389  -8.803  6.954   1.00 53.09  ? 98  LYS A C   1 
ATOM   437  O O   . LYS A 1 55  ? -7.355  -9.317  7.514   1.00 54.85  ? 98  LYS A O   1 
ATOM   438  C CB  . LYS A 1 55  ? -5.194  -9.861  5.020   1.00 50.09  ? 98  LYS A CB  1 
ATOM   439  C CG  . LYS A 1 55  ? -5.592  -11.318 5.250   1.00 54.17  ? 98  LYS A CG  1 
ATOM   440  C CD  . LYS A 1 55  ? -4.399  -12.261 5.127   1.00 55.11  ? 98  LYS A CD  1 
ATOM   441  C CE  . LYS A 1 55  ? -3.663  -12.401 6.453   1.00 56.65  ? 98  LYS A CE  1 
ATOM   442  N NZ  . LYS A 1 55  ? -2.337  -13.069 6.315   1.00 57.16  ? 98  LYS A NZ  1 
ATOM   443  N N   . GLY A 1 56  ? -5.404  -8.195  7.612   1.00 54.83  ? 99  GLY A N   1 
ATOM   444  C CA  . GLY A 1 56  ? -5.404  -8.049  9.066   1.00 58.62  ? 99  GLY A CA  1 
ATOM   445  C C   . GLY A 1 56  ? -4.842  -9.263  9.774   1.00 64.27  ? 99  GLY A C   1 
ATOM   446  O O   . GLY A 1 56  ? -4.163  -10.092 9.163   1.00 64.92  ? 99  GLY A O   1 
ATOM   447  N N   . GLU A 1 57  ? -5.124  -9.360  11.069  1.00 70.92  ? 100 GLU A N   1 
ATOM   448  C CA  . GLU A 1 57  ? -4.681  -10.486 11.888  1.00 78.73  ? 100 GLU A CA  1 
ATOM   449  C C   . GLU A 1 57  ? -5.873  -11.209 12.505  1.00 80.69  ? 100 GLU A C   1 
ATOM   450  O O   . GLU A 1 57  ? -5.839  -12.424 12.708  1.00 85.65  ? 100 GLU A O   1 
ATOM   451  C CB  . GLU A 1 57  ? -3.724  -10.007 12.987  1.00 81.81  ? 100 GLU A CB  1 
ATOM   452  C CG  . GLU A 1 57  ? -3.216  -11.102 13.918  1.00 85.15  ? 100 GLU A CG  1 
ATOM   453  C CD  . GLU A 1 57  ? -2.062  -11.911 13.342  1.00 86.91  ? 100 GLU A CD  1 
ATOM   454  O OE1 . GLU A 1 57  ? -1.840  -11.883 12.111  1.00 86.54  ? 100 GLU A OE1 1 
ATOM   455  O OE2 . GLU A 1 57  ? -1.371  -12.587 14.132  1.00 89.11  ? 100 GLU A OE2 1 
ATOM   456  N N   . ASN A 1 68  ? -5.333  4.545   23.050  1.00 77.52  ? 111 ASN A N   1 
ATOM   457  C CA  . ASN A 1 68  ? -5.991  5.199   24.180  1.00 74.01  ? 111 ASN A CA  1 
ATOM   458  C C   . ASN A 1 68  ? -7.455  5.518   23.886  1.00 71.44  ? 111 ASN A C   1 
ATOM   459  O O   . ASN A 1 68  ? -7.902  5.407   22.742  1.00 70.12  ? 111 ASN A O   1 
ATOM   460  C CB  . ASN A 1 68  ? -5.222  6.465   24.606  1.00 75.14  ? 111 ASN A CB  1 
ATOM   461  C CG  . ASN A 1 68  ? -5.298  7.588   23.578  1.00 73.90  ? 111 ASN A CG  1 
ATOM   462  O OD1 . ASN A 1 68  ? -6.382  8.023   23.185  1.00 71.54  ? 111 ASN A OD1 1 
ATOM   463  N ND2 . ASN A 1 68  ? -4.138  8.083   23.158  1.00 74.63  ? 111 ASN A ND2 1 
ATOM   464  N N   . THR A 1 69  ? -8.188  5.927   24.920  1.00 68.28  ? 112 THR A N   1 
ATOM   465  C CA  . THR A 1 69  ? -9.599  6.270   24.780  1.00 67.21  ? 112 THR A CA  1 
ATOM   466  C C   . THR A 1 69  ? -9.831  7.339   23.717  1.00 62.10  ? 112 THR A C   1 
ATOM   467  O O   . THR A 1 69  ? -10.572 7.108   22.765  1.00 62.09  ? 112 THR A O   1 
ATOM   468  C CB  . THR A 1 69  ? -10.205 6.712   26.127  1.00 71.44  ? 112 THR A CB  1 
ATOM   469  O OG1 . THR A 1 69  ? -10.187 5.604   27.035  1.00 75.71  ? 112 THR A OG1 1 
ATOM   470  C CG2 . THR A 1 69  ? -11.643 7.183   25.953  1.00 69.58  ? 112 THR A CG2 1 
ATOM   471  N N   . ALA A 1 70  ? -9.191  8.497   23.881  1.00 57.82  ? 113 ALA A N   1 
ATOM   472  C CA  . ALA A 1 70  ? -9.335  9.613   22.939  1.00 54.02  ? 113 ALA A CA  1 
ATOM   473  C C   . ALA A 1 70  ? -8.972  9.220   21.506  1.00 51.20  ? 113 ALA A C   1 
ATOM   474  O O   . ALA A 1 70  ? -9.597  9.673   20.552  1.00 49.16  ? 113 ALA A O   1 
ATOM   475  C CB  . ALA A 1 70  ? -8.489  10.797  23.386  1.00 52.10  ? 113 ALA A CB  1 
ATOM   476  N N   . GLU A 1 71  ? -7.948  8.391   21.359  1.00 51.49  ? 114 GLU A N   1 
ATOM   477  C CA  . GLU A 1 71  ? -7.550  7.942   20.033  1.00 50.96  ? 114 GLU A CA  1 
ATOM   478  C C   . GLU A 1 71  ? -8.615  7.040   19.419  1.00 50.52  ? 114 GLU A C   1 
ATOM   479  O O   . GLU A 1 71  ? -9.027  7.254   18.282  1.00 48.04  ? 114 GLU A O   1 
ATOM   480  C CB  . GLU A 1 71  ? -6.203  7.232   20.076  1.00 51.02  ? 114 GLU A CB  1 
ATOM   481  C CG  . GLU A 1 71  ? -5.716  6.827   18.698  1.00 51.92  ? 114 GLU A CG  1 
ATOM   482  C CD  . GLU A 1 71  ? -4.278  6.363   18.708  1.00 54.16  ? 114 GLU A CD  1 
ATOM   483  O OE1 . GLU A 1 71  ? -3.973  5.391   19.433  1.00 57.31  ? 114 GLU A OE1 1 
ATOM   484  O OE2 . GLU A 1 71  ? -3.459  6.968   17.988  1.00 52.17  ? 114 GLU A OE2 1 
ATOM   485  N N   . GLN A 1 72  ? -9.057  6.042   20.182  1.00 54.45  ? 115 GLN A N   1 
ATOM   486  C CA  . GLN A 1 72  ? -10.096 5.118   19.722  1.00 56.08  ? 115 GLN A CA  1 
ATOM   487  C C   . GLN A 1 72  ? -11.376 5.838   19.350  1.00 58.07  ? 115 GLN A C   1 
ATOM   488  O O   . GLN A 1 72  ? -11.977 5.540   18.318  1.00 62.18  ? 115 GLN A O   1 
ATOM   489  C CB  . GLN A 1 72  ? -10.381 4.035   20.764  1.00 56.73  ? 115 GLN A CB  1 
ATOM   490  C CG  . GLN A 1 72  ? -9.431  2.851   20.689  1.00 55.86  ? 115 GLN A CG  1 
ATOM   491  C CD  . GLN A 1 72  ? -9.313  2.286   19.282  1.00 57.22  ? 115 GLN A CD  1 
ATOM   492  O OE1 . GLN A 1 72  ? -10.316 2.042   18.605  1.00 53.90  ? 115 GLN A OE1 1 
ATOM   493  N NE2 . GLN A 1 72  ? -8.078  2.073   18.835  1.00 55.91  ? 115 GLN A NE2 1 
ATOM   494  N N   . GLU A 1 73  ? -11.783 6.796   20.178  1.00 59.25  ? 116 GLU A N   1 
ATOM   495  C CA  . GLU A 1 73  ? -12.964 7.597   19.879  1.00 59.01  ? 116 GLU A CA  1 
ATOM   496  C C   . GLU A 1 73  ? -12.739 8.438   18.639  1.00 58.80  ? 116 GLU A C   1 
ATOM   497  O O   . GLU A 1 73  ? -13.653 8.612   17.836  1.00 59.30  ? 116 GLU A O   1 
ATOM   498  C CB  . GLU A 1 73  ? -13.339 8.497   21.057  1.00 63.79  ? 116 GLU A CB  1 
ATOM   499  C CG  . GLU A 1 73  ? -13.966 7.754   22.226  1.00 69.56  ? 116 GLU A CG  1 
ATOM   500  C CD  . GLU A 1 73  ? -13.811 8.480   23.553  1.00 75.39  ? 116 GLU A CD  1 
ATOM   501  O OE1 . GLU A 1 73  ? -13.127 9.529   23.605  1.00 78.56  ? 116 GLU A OE1 1 
ATOM   502  O OE2 . GLU A 1 73  ? -14.372 7.994   24.558  1.00 78.29  ? 116 GLU A OE2 1 
ATOM   503  N N   . HIS A 1 74  ? -11.530 8.969   18.477  1.00 55.31  ? 117 HIS A N   1 
ATOM   504  C CA  . HIS A 1 74  ? -11.230 9.730   17.271  1.00 54.91  ? 117 HIS A CA  1 
ATOM   505  C C   . HIS A 1 74  ? -11.309 8.833   16.036  1.00 53.12  ? 117 HIS A C   1 
ATOM   506  O O   . HIS A 1 74  ? -11.829 9.246   15.003  1.00 53.85  ? 117 HIS A O   1 
ATOM   507  C CB  . HIS A 1 74  ? -9.860  10.401  17.348  1.00 53.37  ? 117 HIS A CB  1 
ATOM   508  C CG  . HIS A 1 74  ? -9.386  10.936  16.033  1.00 53.65  ? 117 HIS A CG  1 
ATOM   509  N ND1 . HIS A 1 74  ? -10.086 11.889  15.323  1.00 53.29  ? 117 HIS A ND1 1 
ATOM   510  C CD2 . HIS A 1 74  ? -8.293  10.639  15.289  1.00 54.99  ? 117 HIS A CD2 1 
ATOM   511  C CE1 . HIS A 1 74  ? -9.439  12.164  14.205  1.00 54.45  ? 117 HIS A CE1 1 
ATOM   512  N NE2 . HIS A 1 74  ? -8.348  11.420  14.159  1.00 55.24  ? 117 HIS A NE2 1 
ATOM   513  N N   . ARG A 1 75  ? -10.787 7.614   16.160  1.00 53.32  ? 118 ARG A N   1 
ATOM   514  C CA  . ARG A 1 75  ? -10.768 6.652   15.052  1.00 53.97  ? 118 ARG A CA  1 
ATOM   515  C C   . ARG A 1 75  ? -12.181 6.149   14.756  1.00 55.12  ? 118 ARG A C   1 
ATOM   516  O O   . ARG A 1 75  ? -12.612 6.141   13.605  1.00 52.28  ? 118 ARG A O   1 
ATOM   517  C CB  . ARG A 1 75  ? -9.835  5.474   15.352  1.00 51.92  ? 118 ARG A CB  1 
ATOM   518  C CG  . ARG A 1 75  ? -8.347  5.787   15.236  1.00 50.03  ? 118 ARG A CG  1 
ATOM   519  C CD  . ARG A 1 75  ? -7.508  4.570   15.593  1.00 50.29  ? 118 ARG A CD  1 
ATOM   520  N NE  . ARG A 1 75  ? -6.085  4.898   15.695  1.00 49.70  ? 118 ARG A NE  1 
ATOM   521  C CZ  . ARG A 1 75  ? -5.118  4.007   15.900  1.00 49.20  ? 118 ARG A CZ  1 
ATOM   522  N NH1 . ARG A 1 75  ? -5.404  2.712   16.016  1.00 46.73  ? 118 ARG A NH1 1 
ATOM   523  N NH2 . ARG A 1 75  ? -3.854  4.411   15.981  1.00 48.88  ? 118 ARG A NH2 1 
ATOM   524  N N   . LYS A 1 76  ? -12.891 5.740   15.805  1.00 58.81  ? 119 LYS A N   1 
ATOM   525  C CA  . LYS A 1 76  ? -14.282 5.297   15.675  1.00 62.74  ? 119 LYS A CA  1 
ATOM   526  C C   . LYS A 1 76  ? -15.164 6.377   15.062  1.00 64.73  ? 119 LYS A C   1 
ATOM   527  O O   . LYS A 1 76  ? -16.076 6.068   14.301  1.00 71.28  ? 119 LYS A O   1 
ATOM   528  C CB  . LYS A 1 76  ? -14.844 4.853   17.028  1.00 61.33  ? 119 LYS A CB  1 
ATOM   529  C CG  . LYS A 1 76  ? -14.287 3.520   17.498  1.00 62.91  ? 119 LYS A CG  1 
ATOM   530  C CD  . LYS A 1 76  ? -14.610 3.239   18.955  1.00 64.95  ? 119 LYS A CD  1 
ATOM   531  C CE  . LYS A 1 76  ? -14.082 1.872   19.363  1.00 67.31  ? 119 LYS A CE  1 
ATOM   532  N NZ  . LYS A 1 76  ? -14.165 1.661   20.833  1.00 71.65  ? 119 LYS A NZ  1 
ATOM   533  N N   . ARG A 1 77  ? -14.879 7.638   15.380  1.00 69.70  ? 120 ARG A N   1 
ATOM   534  C CA  . ARG A 1 77  ? -15.648 8.763   14.838  1.00 72.67  ? 120 ARG A CA  1 
ATOM   535  C C   . ARG A 1 77  ? -15.379 8.997   13.353  1.00 72.90  ? 120 ARG A C   1 
ATOM   536  O O   . ARG A 1 77  ? -16.287 9.370   12.611  1.00 75.93  ? 120 ARG A O   1 
ATOM   537  C CB  . ARG A 1 77  ? -15.415 10.048  15.651  1.00 76.13  ? 120 ARG A CB  1 
ATOM   538  C CG  . ARG A 1 77  ? -15.394 11.337  14.834  1.00 80.00  ? 120 ARG A CG  1 
ATOM   539  C CD  . ARG A 1 77  ? -15.578 12.583  15.690  1.00 84.07  ? 120 ARG A CD  1 
ATOM   540  N NE  . ARG A 1 77  ? -15.230 13.810  14.965  1.00 88.89  ? 120 ARG A NE  1 
ATOM   541  C CZ  . ARG A 1 77  ? -15.975 14.373  14.014  1.00 91.21  ? 120 ARG A CZ  1 
ATOM   542  N NH1 . ARG A 1 77  ? -17.128 13.828  13.642  1.00 95.31  ? 120 ARG A NH1 1 
ATOM   543  N NH2 . ARG A 1 77  ? -15.560 15.486  13.422  1.00 90.08  ? 120 ARG A NH2 1 
ATOM   544  N N   . VAL A 1 78  ? -14.135 8.787   12.927  1.00 71.02  ? 121 VAL A N   1 
ATOM   545  C CA  . VAL A 1 78  ? -13.778 8.938   11.514  1.00 67.67  ? 121 VAL A CA  1 
ATOM   546  C C   . VAL A 1 78  ? -14.386 7.801   10.689  1.00 66.99  ? 121 VAL A C   1 
ATOM   547  O O   . VAL A 1 78  ? -14.850 8.018   9.567   1.00 67.32  ? 121 VAL A O   1 
ATOM   548  C CB  . VAL A 1 78  ? -12.245 9.007   11.306  1.00 67.40  ? 121 VAL A CB  1 
ATOM   549  C CG1 . VAL A 1 78  ? -11.883 8.925   9.827   1.00 65.10  ? 121 VAL A CG1 1 
ATOM   550  C CG2 . VAL A 1 78  ? -11.677 10.283  11.913  1.00 63.89  ? 121 VAL A CG2 1 
ATOM   551  N N   . ILE A 1 79  ? -14.392 6.600   11.261  1.00 66.90  ? 122 ILE A N   1 
ATOM   552  C CA  . ILE A 1 79  ? -14.905 5.417   10.576  1.00 69.94  ? 122 ILE A CA  1 
ATOM   553  C C   . ILE A 1 79  ? -16.397 5.535   10.283  1.00 74.36  ? 122 ILE A C   1 
ATOM   554  O O   . ILE A 1 79  ? -16.814 5.350   9.141   1.00 77.01  ? 122 ILE A O   1 
ATOM   555  C CB  . ILE A 1 79  ? -14.608 4.113   11.355  1.00 70.02  ? 122 ILE A CB  1 
ATOM   556  C CG1 . ILE A 1 79  ? -13.114 3.772   11.296  1.00 68.98  ? 122 ILE A CG1 1 
ATOM   557  C CG2 . ILE A 1 79  ? -15.421 2.944   10.809  1.00 68.66  ? 122 ILE A CG2 1 
ATOM   558  C CD1 . ILE A 1 79  ? -12.539 3.680   9.898   1.00 66.21  ? 122 ILE A CD1 1 
ATOM   559  N N   . ARG A 1 80  ? -17.198 5.847   11.299  1.00 76.35  ? 123 ARG A N   1 
ATOM   560  C CA  . ARG A 1 80  ? -18.642 5.932   11.084  1.00 80.08  ? 123 ARG A CA  1 
ATOM   561  C C   . ARG A 1 80  ? -18.990 7.156   10.248  1.00 79.10  ? 123 ARG A C   1 
ATOM   562  O O   . ARG A 1 80  ? -19.981 7.147   9.523   1.00 82.29  ? 123 ARG A O   1 
ATOM   563  C CB  . ARG A 1 80  ? -19.424 5.906   12.401  1.00 82.16  ? 123 ARG A CB  1 
ATOM   564  C CG  . ARG A 1 80  ? -19.620 7.256   13.072  1.00 85.56  ? 123 ARG A CG  1 
ATOM   565  C CD  . ARG A 1 80  ? -20.377 7.107   14.385  1.00 87.70  ? 123 ARG A CD  1 
ATOM   566  N NE  . ARG A 1 80  ? -19.717 6.166   15.293  1.00 89.72  ? 123 ARG A NE  1 
ATOM   567  C CZ  . ARG A 1 80  ? -18.928 6.516   16.307  1.00 91.30  ? 123 ARG A CZ  1 
ATOM   568  N NH1 . ARG A 1 80  ? -18.694 7.797   16.567  1.00 90.95  ? 123 ARG A NH1 1 
ATOM   569  N NH2 . ARG A 1 80  ? -18.374 5.581   17.069  1.00 90.46  ? 123 ARG A NH2 1 
ATOM   570  N N   . GLU A 1 81  ? -18.163 8.194   10.341  1.00 79.45  ? 124 GLU A N   1 
ATOM   571  C CA  . GLU A 1 81  ? -18.318 9.371   9.495   1.00 81.02  ? 124 GLU A CA  1 
ATOM   572  C C   . GLU A 1 81  ? -18.060 9.009   8.036   1.00 83.56  ? 124 GLU A C   1 
ATOM   573  O O   . GLU A 1 81  ? -18.712 9.541   7.135   1.00 84.49  ? 124 GLU A O   1 
ATOM   574  C CB  . GLU A 1 81  ? -17.373 10.483  9.942   1.00 82.43  ? 124 GLU A CB  1 
ATOM   575  C CG  . GLU A 1 81  ? -17.460 11.760  9.124   1.00 87.84  ? 124 GLU A CG  1 
ATOM   576  C CD  . GLU A 1 81  ? -16.654 12.899  9.727   1.00 93.04  ? 124 GLU A CD  1 
ATOM   577  O OE1 . GLU A 1 81  ? -16.331 12.840  10.934  1.00 94.01  ? 124 GLU A OE1 1 
ATOM   578  O OE2 . GLU A 1 81  ? -16.346 13.860  8.991   1.00 96.94  ? 124 GLU A OE2 1 
ATOM   579  N N   . LEU A 1 82  ? -17.105 8.107   7.812   1.00 81.73  ? 125 LEU A N   1 
ATOM   580  C CA  . LEU A 1 82  ? -16.837 7.596   6.472   1.00 82.35  ? 125 LEU A CA  1 
ATOM   581  C C   . LEU A 1 82  ? -17.972 6.688   6.018   1.00 82.67  ? 125 LEU A C   1 
ATOM   582  O O   . LEU A 1 82  ? -18.449 6.806   4.887   1.00 83.24  ? 125 LEU A O   1 
ATOM   583  C CB  . LEU A 1 82  ? -15.500 6.853   6.421   1.00 80.34  ? 125 LEU A CB  1 
ATOM   584  C CG  . LEU A 1 82  ? -14.236 7.715   6.482   1.00 79.56  ? 125 LEU A CG  1 
ATOM   585  C CD1 . LEU A 1 82  ? -12.997 6.837   6.399   1.00 80.34  ? 125 LEU A CD1 1 
ATOM   586  C CD2 . LEU A 1 82  ? -14.221 8.772   5.387   1.00 77.47  ? 125 LEU A CD2 1 
ATOM   587  N N   . ASN A 1 83  ? -18.398 5.794   6.914   1.00 84.35  ? 126 ASN A N   1 
ATOM   588  C CA  . ASN A 1 83  ? -19.550 4.919   6.687   1.00 87.37  ? 126 ASN A CA  1 
ATOM   589  C C   . ASN A 1 83  ? -20.749 5.710   6.185   1.00 91.44  ? 126 ASN A C   1 
ATOM   590  O O   . ASN A 1 83  ? -21.453 5.276   5.271   1.00 93.74  ? 126 ASN A O   1 
ATOM   591  C CB  . ASN A 1 83  ? -19.926 4.169   7.969   1.00 87.33  ? 126 ASN A CB  1 
ATOM   592  C CG  . ASN A 1 83  ? -19.063 2.941   8.212   1.00 88.19  ? 126 ASN A CG  1 
ATOM   593  O OD1 . ASN A 1 83  ? -18.812 2.145   7.304   1.00 88.55  ? 126 ASN A OD1 1 
ATOM   594  N ND2 . ASN A 1 83  ? -18.619 2.772   9.453   1.00 88.53  ? 126 ASN A ND2 1 
ATOM   595  N N   . SER A 1 84  ? -20.955 6.879   6.793   1.00 93.39  ? 127 SER A N   1 
ATOM   596  C CA  . SER A 1 84  ? -21.955 7.864   6.369   1.00 93.46  ? 127 SER A CA  1 
ATOM   597  C C   . SER A 1 84  ? -21.905 8.226   4.884   1.00 93.68  ? 127 SER A C   1 
ATOM   598  O O   . SER A 1 84  ? -22.879 8.030   4.155   1.00 93.34  ? 127 SER A O   1 
ATOM   599  C CB  . SER A 1 84  ? -21.798 9.148   7.184   1.00 93.90  ? 127 SER A CB  1 
ATOM   600  O OG  . SER A 1 84  ? -22.182 10.273  6.413   1.00 95.46  ? 127 SER A OG  1 
ATOM   601  N N   . LEU A 1 85  ? -20.781 8.799   4.464   1.00 92.96  ? 128 LEU A N   1 
ATOM   602  C CA  . LEU A 1 85  ? -20.588 9.200   3.080   1.00 93.23  ? 128 LEU A CA  1 
ATOM   603  C C   . LEU A 1 85  ? -20.019 8.047   2.259   1.00 93.48  ? 128 LEU A C   1 
ATOM   604  O O   . LEU A 1 85  ? -20.517 6.926   2.324   1.00 91.96  ? 128 LEU A O   1 
ATOM   605  C CB  . LEU A 1 85  ? -19.659 10.412  3.000   1.00 93.29  ? 128 LEU A CB  1 
ATOM   606  C CG  . LEU A 1 85  ? -19.083 10.754  1.623   1.00 94.66  ? 128 LEU A CG  1 
ATOM   607  C CD1 . LEU A 1 85  ? -20.159 11.246  0.662   1.00 94.57  ? 128 LEU A CD1 1 
ATOM   608  C CD2 . LEU A 1 85  ? -17.980 11.791  1.766   1.00 94.53  ? 128 LEU A CD2 1 
ATOM   609  N N   . GLU A 1 99  ? -15.428 -3.353  17.192  1.00 73.55  ? 142 GLU A N   1 
ATOM   610  C CA  . GLU A 1 99  ? -15.625 -1.935  17.393  1.00 71.34  ? 142 GLU A CA  1 
ATOM   611  C C   . GLU A 1 99  ? -14.285 -1.207  17.343  1.00 68.96  ? 142 GLU A C   1 
ATOM   612  O O   . GLU A 1 99  ? -14.173 -0.181  16.725  1.00 64.97  ? 142 GLU A O   1 
ATOM   613  C CB  . GLU A 1 99  ? -16.334 -1.684  18.716  1.00 72.78  ? 142 GLU A CB  1 
ATOM   614  C CG  . GLU A 1 99  ? -16.603 -0.252  18.998  1.00 78.83  ? 142 GLU A CG  1 
ATOM   615  C CD  . GLU A 1 99  ? -17.995 0.170   18.629  1.00 81.79  ? 142 GLU A CD  1 
ATOM   616  O OE1 . GLU A 1 99  ? -18.931 -0.337  19.260  1.00 85.20  ? 142 GLU A OE1 1 
ATOM   617  O OE2 . GLU A 1 99  ? -18.168 1.011   17.727  1.00 84.41  ? 142 GLU A OE2 1 
ATOM   618  N N   . GLU A 1 100 ? -13.279 -1.751  18.004  1.00 66.11  ? 143 GLU A N   1 
ATOM   619  C CA  . GLU A 1 100 ? -11.945 -1.163  17.950  1.00 67.83  ? 143 GLU A CA  1 
ATOM   620  C C   . GLU A 1 100 ? -11.418 -0.971  16.524  1.00 62.40  ? 143 GLU A C   1 
ATOM   621  O O   . GLU A 1 100 ? -11.640 -1.807  15.650  1.00 61.77  ? 143 GLU A O   1 
ATOM   622  C CB  . GLU A 1 100 ? -10.966 -2.013  18.768  1.00 71.12  ? 143 GLU A CB  1 
ATOM   623  C CG  . GLU A 1 100 ? -9.549  -2.023  18.222  1.00 77.00  ? 143 GLU A CG  1 
ATOM   624  C CD  . GLU A 1 100 ? -8.520  -2.400  19.267  1.00 81.23  ? 143 GLU A CD  1 
ATOM   625  O OE1 . GLU A 1 100 ? -8.108  -3.576  19.280  1.00 82.94  ? 143 GLU A OE1 1 
ATOM   626  O OE2 . GLU A 1 100 ? -8.125  -1.529  20.076  1.00 82.70  ? 143 GLU A OE2 1 
ATOM   627  N N   . VAL A 1 101 ? -10.732 0.148   16.308  1.00 59.13  ? 144 VAL A N   1 
ATOM   628  C CA  . VAL A 1 101 ? -9.982  0.380   15.078  1.00 53.61  ? 144 VAL A CA  1 
ATOM   629  C C   . VAL A 1 101 ? -8.503  0.178   15.380  1.00 51.61  ? 144 VAL A C   1 
ATOM   630  O O   . VAL A 1 101 ? -7.881  0.995   16.062  1.00 54.21  ? 144 VAL A O   1 
ATOM   631  C CB  . VAL A 1 101 ? -10.221 1.791   14.521  1.00 51.92  ? 144 VAL A CB  1 
ATOM   632  C CG1 . VAL A 1 101 ? -9.683  1.901   13.097  1.00 49.98  ? 144 VAL A CG1 1 
ATOM   633  C CG2 . VAL A 1 101 ? -11.704 2.125   14.561  1.00 54.90  ? 144 VAL A CG2 1 
ATOM   634  N N   . THR A 1 102 ? -7.948  -0.915  14.876  1.00 48.53  ? 145 THR A N   1 
ATOM   635  C CA  . THR A 1 102 ? -6.576  -1.298  15.200  1.00 46.84  ? 145 THR A CA  1 
ATOM   636  C C   . THR A 1 102 ? -5.548  -0.412  14.496  1.00 44.11  ? 145 THR A C   1 
ATOM   637  O O   . THR A 1 102 ? -5.859  0.265   13.514  1.00 43.34  ? 145 THR A O   1 
ATOM   638  C CB  . THR A 1 102 ? -6.302  -2.766  14.836  1.00 47.06  ? 145 THR A CB  1 
ATOM   639  O OG1 . THR A 1 102 ? -6.260  -2.895  13.411  1.00 49.83  ? 145 THR A OG1 1 
ATOM   640  C CG2 . THR A 1 102 ? -7.387  -3.677  15.399  1.00 48.54  ? 145 THR A CG2 1 
ATOM   641  N N   . ASP A 1 103 ? -4.321  -0.435  15.005  1.00 43.32  ? 146 ASP A N   1 
ATOM   642  C CA  . ASP A 1 103 ? -3.223  0.326   14.418  1.00 43.26  ? 146 ASP A CA  1 
ATOM   643  C C   . ASP A 1 103 ? -3.019  0.049   12.921  1.00 42.57  ? 146 ASP A C   1 
ATOM   644  O O   . ASP A 1 103 ? -2.874  0.986   12.134  1.00 40.20  ? 146 ASP A O   1 
ATOM   645  C CB  . ASP A 1 103 ? -1.921  0.091   15.199  1.00 44.79  ? 146 ASP A CB  1 
ATOM   646  C CG  . ASP A 1 103 ? -1.849  0.916   16.483  1.00 48.48  ? 146 ASP A CG  1 
ATOM   647  O OD1 . ASP A 1 103 ? -2.815  1.650   16.787  1.00 50.20  ? 146 ASP A OD1 1 
ATOM   648  O OD2 . ASP A 1 103 ? -0.828  0.834   17.193  1.00 49.04  ? 146 ASP A OD2 1 
ATOM   649  N N   . THR A 1 104 ? -3.035  -1.220  12.519  1.00 41.53  ? 147 THR A N   1 
ATOM   650  C CA  . THR A 1 104 ? -2.779  -1.542  11.106  1.00 42.74  ? 147 THR A CA  1 
ATOM   651  C C   . THR A 1 104 ? -3.941  -1.143  10.201  1.00 42.59  ? 147 THR A C   1 
ATOM   652  O O   . THR A 1 104 ? -3.722  -0.701  9.068   1.00 41.65  ? 147 THR A O   1 
ATOM   653  C CB  . THR A 1 104 ? -2.384  -3.020  10.869  1.00 42.12  ? 147 THR A CB  1 
ATOM   654  O OG1 . THR A 1 104 ? -3.392  -3.886  11.392  1.00 41.82  ? 147 THR A OG1 1 
ATOM   655  C CG2 . THR A 1 104 ? -1.048  -3.339  11.528  1.00 42.27  ? 147 THR A CG2 1 
ATOM   656  N N   . GLU A 1 105 ? -5.171  -1.292  10.700  1.00 42.64  ? 148 GLU A N   1 
ATOM   657  C CA  . GLU A 1 105 ? -6.349  -0.796  9.985   1.00 41.92  ? 148 GLU A CA  1 
ATOM   658  C C   . GLU A 1 105 ? -6.234  0.697   9.722   1.00 40.85  ? 148 GLU A C   1 
ATOM   659  O O   . GLU A 1 105 ? -6.491  1.169   8.610   1.00 40.36  ? 148 GLU A O   1 
ATOM   660  C CB  . GLU A 1 105 ? -7.629  -1.043  10.791  1.00 45.80  ? 148 GLU A CB  1 
ATOM   661  C CG  . GLU A 1 105 ? -8.235  -2.426  10.632  1.00 48.68  ? 148 GLU A CG  1 
ATOM   662  C CD  . GLU A 1 105 ? -9.510  -2.594  11.441  1.00 50.64  ? 148 GLU A CD  1 
ATOM   663  O OE1 . GLU A 1 105 ? -9.484  -2.376  12.672  1.00 49.07  ? 148 GLU A OE1 1 
ATOM   664  O OE2 . GLU A 1 105 ? -10.544 -2.947  10.841  1.00 53.55  ? 148 GLU A OE2 1 
ATOM   665  N N   . TRP A 1 106 ? -5.873  1.438   10.769  1.00 42.20  ? 149 TRP A N   1 
ATOM   666  C CA  . TRP A 1 106 ? -5.708  2.881   10.671  1.00 42.59  ? 149 TRP A CA  1 
ATOM   667  C C   . TRP A 1 106 ? -4.616  3.248   9.667   1.00 39.16  ? 149 TRP A C   1 
ATOM   668  O O   . TRP A 1 106 ? -4.810  4.134   8.829   1.00 39.59  ? 149 TRP A O   1 
ATOM   669  C CB  . TRP A 1 106 ? -5.412  3.487   12.050  1.00 43.48  ? 149 TRP A CB  1 
ATOM   670  C CG  . TRP A 1 106 ? -5.474  4.973   12.035  1.00 45.79  ? 149 TRP A CG  1 
ATOM   671  C CD1 . TRP A 1 106 ? -4.426  5.841   12.142  1.00 47.37  ? 149 TRP A CD1 1 
ATOM   672  C CD2 . TRP A 1 106 ? -6.647  5.775   11.873  1.00 47.72  ? 149 TRP A CD2 1 
ATOM   673  N NE1 . TRP A 1 106 ? -4.879  7.138   12.077  1.00 47.46  ? 149 TRP A NE1 1 
ATOM   674  C CE2 . TRP A 1 106 ? -6.238  7.125   11.909  1.00 46.93  ? 149 TRP A CE2 1 
ATOM   675  C CE3 . TRP A 1 106 ? -8.011  5.484   11.715  1.00 47.18  ? 149 TRP A CE3 1 
ATOM   676  C CZ2 . TRP A 1 106 ? -7.141  8.184   11.784  1.00 48.21  ? 149 TRP A CZ2 1 
ATOM   677  C CZ3 . TRP A 1 106 ? -8.907  6.540   11.591  1.00 48.99  ? 149 TRP A CZ3 1 
ATOM   678  C CH2 . TRP A 1 106 ? -8.466  7.873   11.625  1.00 47.96  ? 149 TRP A CH2 1 
ATOM   679  N N   . PHE A 1 107 ? -3.482  2.550   9.732   1.00 38.78  ? 150 PHE A N   1 
ATOM   680  C CA  . PHE A 1 107 ? -2.385  2.790   8.787   1.00 37.24  ? 150 PHE A CA  1 
ATOM   681  C C   . PHE A 1 107 ? -2.858  2.595   7.353   1.00 36.37  ? 150 PHE A C   1 
ATOM   682  O O   . PHE A 1 107 ? -2.593  3.435   6.488   1.00 35.91  ? 150 PHE A O   1 
ATOM   683  C CB  . PHE A 1 107 ? -1.175  1.883   9.069   1.00 35.79  ? 150 PHE A CB  1 
ATOM   684  C CG  . PHE A 1 107 ? -0.024  2.111   8.128   1.00 35.50  ? 150 PHE A CG  1 
ATOM   685  C CD1 . PHE A 1 107 ? 0.648   3.339   8.109   1.00 35.27  ? 150 PHE A CD1 1 
ATOM   686  C CD2 . PHE A 1 107 ? 0.385   1.114   7.251   1.00 36.08  ? 150 PHE A CD2 1 
ATOM   687  C CE1 . PHE A 1 107 ? 1.702   3.555   7.239   1.00 35.05  ? 150 PHE A CE1 1 
ATOM   688  C CE2 . PHE A 1 107 ? 1.441   1.328   6.375   1.00 35.85  ? 150 PHE A CE2 1 
ATOM   689  C CZ  . PHE A 1 107 ? 2.102   2.546   6.371   1.00 34.68  ? 150 PHE A CZ  1 
ATOM   690  N N   . PHE A 1 108 ? -3.561  1.488   7.117   1.00 36.45  ? 151 PHE A N   1 
ATOM   691  C CA  . PHE A 1 108 ? -4.150  1.185   5.807   1.00 38.27  ? 151 PHE A CA  1 
ATOM   692  C C   . PHE A 1 108 ? -5.073  2.318   5.327   1.00 39.06  ? 151 PHE A C   1 
ATOM   693  O O   . PHE A 1 108 ? -4.961  2.777   4.187   1.00 38.44  ? 151 PHE A O   1 
ATOM   694  C CB  . PHE A 1 108 ? -4.893  -0.164  5.864   1.00 37.62  ? 151 PHE A CB  1 
ATOM   695  C CG  . PHE A 1 108 ? -5.394  -0.655  4.527   1.00 38.34  ? 151 PHE A CG  1 
ATOM   696  C CD1 . PHE A 1 108 ? -4.533  -1.292  3.632   1.00 37.09  ? 151 PHE A CD1 1 
ATOM   697  C CD2 . PHE A 1 108 ? -6.739  -0.511  4.173   1.00 39.25  ? 151 PHE A CD2 1 
ATOM   698  C CE1 . PHE A 1 108 ? -4.992  -1.755  2.411   1.00 37.03  ? 151 PHE A CE1 1 
ATOM   699  C CE2 . PHE A 1 108 ? -7.206  -0.976  2.947   1.00 39.26  ? 151 PHE A CE2 1 
ATOM   700  C CZ  . PHE A 1 108 ? -6.332  -1.597  2.065   1.00 39.90  ? 151 PHE A CZ  1 
ATOM   701  N N   . LEU A 1 109 ? -5.964  2.781   6.205   1.00 41.67  ? 152 LEU A N   1 
ATOM   702  C CA  . LEU A 1 109 ? -6.909  3.851   5.854   1.00 42.41  ? 152 LEU A CA  1 
ATOM   703  C C   . LEU A 1 109 ? -6.201  5.166   5.510   1.00 40.78  ? 152 LEU A C   1 
ATOM   704  O O   . LEU A 1 109 ? -6.473  5.793   4.481   1.00 40.83  ? 152 LEU A O   1 
ATOM   705  C CB  . LEU A 1 109 ? -7.909  4.075   6.996   1.00 45.47  ? 152 LEU A CB  1 
ATOM   706  C CG  . LEU A 1 109 ? -8.892  5.227   6.736   1.00 49.70  ? 152 LEU A CG  1 
ATOM   707  C CD1 . LEU A 1 109 ? -9.751  4.947   5.508   1.00 49.73  ? 152 LEU A CD1 1 
ATOM   708  C CD2 . LEU A 1 109 ? -9.770  5.511   7.949   1.00 50.37  ? 152 LEU A CD2 1 
ATOM   709  N N   . VAL A 1 110 ? -5.287  5.552   6.395   1.00 39.40  ? 153 VAL A N   1 
ATOM   710  C CA  . VAL A 1 110 ? -4.465  6.752   6.290   1.00 40.03  ? 153 VAL A CA  1 
ATOM   711  C C   . VAL A 1 110 ? -3.621  6.752   5.007   1.00 38.58  ? 153 VAL A C   1 
ATOM   712  O O   . VAL A 1 110 ? -3.382  7.800   4.393   1.00 38.34  ? 153 VAL A O   1 
ATOM   713  C CB  . VAL A 1 110 ? -3.622  6.865   7.589   1.00 42.22  ? 153 VAL A CB  1 
ATOM   714  C CG1 . VAL A 1 110 ? -2.224  7.393   7.344   1.00 43.07  ? 153 VAL A CG1 1 
ATOM   715  C CG2 . VAL A 1 110 ? -4.375  7.668   8.645   1.00 41.48  ? 153 VAL A CG2 1 
ATOM   716  N N   . SER A 1 111 ? -3.206  5.564   4.586   1.00 37.73  ? 154 SER A N   1 
ATOM   717  C CA  . SER A 1 111 ? -2.438  5.403   3.356   1.00 37.59  ? 154 SER A CA  1 
ATOM   718  C C   . SER A 1 111 ? -3.182  5.906   2.123   1.00 38.32  ? 154 SER A C   1 
ATOM   719  O O   . SER A 1 111 ? -2.564  6.370   1.172   1.00 36.78  ? 154 SER A O   1 
ATOM   720  C CB  . SER A 1 111 ? -2.055  3.931   3.158   1.00 40.06  ? 154 SER A CB  1 
ATOM   721  O OG  . SER A 1 111 ? -1.176  3.484   4.179   1.00 38.30  ? 154 SER A OG  1 
ATOM   722  N N   . MET A 1 112 ? -4.508  5.822   2.135   1.00 40.44  ? 155 MET A N   1 
ATOM   723  C CA  . MET A 1 112 ? -5.284  6.121   0.924   1.00 42.84  ? 155 MET A CA  1 
ATOM   724  C C   . MET A 1 112 ? -5.091  7.528   0.381   1.00 41.28  ? 155 MET A C   1 
ATOM   725  O O   . MET A 1 112 ? -5.301  7.768   -0.806  1.00 43.31  ? 155 MET A O   1 
ATOM   726  C CB  . MET A 1 112 ? -6.772  5.835   1.121   1.00 43.33  ? 155 MET A CB  1 
ATOM   727  C CG  . MET A 1 112 ? -7.069  4.389   1.469   1.00 45.64  ? 155 MET A CG  1 
ATOM   728  S SD  . MET A 1 112 ? -8.837  4.029   1.437   1.00 49.13  ? 155 MET A SD  1 
ATOM   729  C CE  . MET A 1 112 ? -8.835  2.369   2.112   1.00 46.51  ? 155 MET A CE  1 
ATOM   730  N N   . THR A 1 113 ? -4.669  8.455   1.226   1.00 41.54  ? 156 THR A N   1 
ATOM   731  C CA  . THR A 1 113 ? -4.517  9.829   0.764   1.00 43.18  ? 156 THR A CA  1 
ATOM   732  C C   . THR A 1 113 ? -3.067  10.256  0.614   1.00 43.97  ? 156 THR A C   1 
ATOM   733  O O   . THR A 1 113 ? -2.781  11.446  0.466   1.00 43.80  ? 156 THR A O   1 
ATOM   734  C CB  . THR A 1 113 ? -5.249  10.830  1.677   1.00 46.21  ? 156 THR A CB  1 
ATOM   735  O OG1 . THR A 1 113 ? -4.748  10.715  3.013   1.00 47.01  ? 156 THR A OG1 1 
ATOM   736  C CG2 . THR A 1 113 ? -6.756  10.575  1.659   1.00 46.21  ? 156 THR A CG2 1 
ATOM   737  N N   . GLN A 1 114 ? -2.155  9.285   0.632   1.00 40.37  ? 157 GLN A N   1 
ATOM   738  C CA  . GLN A 1 114 ? -0.737  9.591   0.426   1.00 40.06  ? 157 GLN A CA  1 
ATOM   739  C C   . GLN A 1 114 ? -0.385  9.530   -1.055  1.00 39.28  ? 157 GLN A C   1 
ATOM   740  O O   . GLN A 1 114 ? -1.029  8.816   -1.828  1.00 38.49  ? 157 GLN A O   1 
ATOM   741  C CB  . GLN A 1 114 ? 0.157   8.655   1.257   1.00 37.38  ? 157 GLN A CB  1 
ATOM   742  C CG  . GLN A 1 114 ? -0.068  8.793   2.762   1.00 37.22  ? 157 GLN A CG  1 
ATOM   743  C CD  . GLN A 1 114 ? 0.798   7.870   3.610   1.00 36.91  ? 157 GLN A CD  1 
ATOM   744  O OE1 . GLN A 1 114 ? 1.749   7.257   3.126   1.00 36.50  ? 157 GLN A OE1 1 
ATOM   745  N NE2 . GLN A 1 114 ? 0.473   7.780   4.893   1.00 36.21  ? 157 GLN A NE2 1 
ATOM   746  N N   . SER A 1 115 ? 0.619   10.309  -1.445  1.00 37.80  ? 158 SER A N   1 
ATOM   747  C CA  . SER A 1 115 ? 1.160   10.269  -2.791  1.00 39.34  ? 158 SER A CA  1 
ATOM   748  C C   . SER A 1 115 ? 2.665   10.463  -2.725  1.00 37.29  ? 158 SER A C   1 
ATOM   749  O O   . SER A 1 115 ? 3.205   10.906  -1.702  1.00 36.43  ? 158 SER A O   1 
ATOM   750  C CB  . SER A 1 115 ? 0.528   11.356  -3.665  1.00 41.75  ? 158 SER A CB  1 
ATOM   751  O OG  . SER A 1 115 ? 0.831   12.633  -3.133  1.00 42.95  ? 158 SER A OG  1 
ATOM   752  N N   . PHE A 1 116 ? 3.338   10.125  -3.819  1.00 35.07  ? 159 PHE A N   1 
ATOM   753  C CA  . PHE A 1 116 ? 4.793   10.088  -3.844  1.00 36.64  ? 159 PHE A CA  1 
ATOM   754  C C   . PHE A 1 116 ? 5.332   10.565  -5.177  1.00 37.27  ? 159 PHE A C   1 
ATOM   755  O O   . PHE A 1 116 ? 4.960   10.040  -6.231  1.00 40.65  ? 159 PHE A O   1 
ATOM   756  C CB  . PHE A 1 116 ? 5.282   8.656   -3.545  1.00 34.05  ? 159 PHE A CB  1 
ATOM   757  C CG  . PHE A 1 116 ? 4.630   8.053   -2.332  1.00 36.20  ? 159 PHE A CG  1 
ATOM   758  C CD1 . PHE A 1 116 ? 3.434   7.349   -2.448  1.00 33.91  ? 159 PHE A CD1 1 
ATOM   759  C CD2 . PHE A 1 116 ? 5.181   8.245   -1.067  1.00 35.97  ? 159 PHE A CD2 1 
ATOM   760  C CE1 . PHE A 1 116 ? 2.808   6.825   -1.326  1.00 38.23  ? 159 PHE A CE1 1 
ATOM   761  C CE2 . PHE A 1 116 ? 4.564   7.721   0.058   1.00 36.14  ? 159 PHE A CE2 1 
ATOM   762  C CZ  . PHE A 1 116 ? 3.377   7.007   -0.072  1.00 37.09  ? 159 PHE A CZ  1 
ATOM   763  N N   . VAL A 1 117 ? 6.229   11.541  -5.135  1.00 38.13  ? 160 VAL A N   1 
ATOM   764  C CA  . VAL A 1 117 ? 6.924   11.975  -6.342  1.00 38.12  ? 160 VAL A CA  1 
ATOM   765  C C   . VAL A 1 117 ? 7.935   10.893  -6.711  1.00 38.75  ? 160 VAL A C   1 
ATOM   766  O O   . VAL A 1 117 ? 8.558   10.288  -5.826  1.00 37.73  ? 160 VAL A O   1 
ATOM   767  C CB  . VAL A 1 117 ? 7.636   13.337  -6.139  1.00 40.52  ? 160 VAL A CB  1 
ATOM   768  C CG1 . VAL A 1 117 ? 8.683   13.582  -7.219  1.00 42.40  ? 160 VAL A CG1 1 
ATOM   769  C CG2 . VAL A 1 117 ? 6.627   14.477  -6.112  1.00 42.16  ? 160 VAL A CG2 1 
ATOM   770  N N   . ASN A 1 118 ? 8.081   10.646  -8.010  1.00 36.17  ? 161 ASN A N   1 
ATOM   771  C CA  . ASN A 1 118 ? 9.013   9.651   -8.521  1.00 38.09  ? 161 ASN A CA  1 
ATOM   772  C C   . ASN A 1 118 ? 10.433  9.850   -7.986  1.00 39.81  ? 161 ASN A C   1 
ATOM   773  O O   . ASN A 1 118 ? 10.968  10.962  -8.031  1.00 36.81  ? 161 ASN A O   1 
ATOM   774  C CB  . ASN A 1 118 ? 9.035   9.688   -10.047 1.00 38.85  ? 161 ASN A CB  1 
ATOM   775  C CG  . ASN A 1 118 ? 9.675   8.459   -10.655 1.00 39.53  ? 161 ASN A CG  1 
ATOM   776  O OD1 . ASN A 1 118 ? 9.895   7.450   -9.978  1.00 38.81  ? 161 ASN A OD1 1 
ATOM   777  N ND2 . ASN A 1 118 ? 9.967   8.529   -11.949 1.00 39.39  ? 161 ASN A ND2 1 
ATOM   778  N N   . GLY A 1 119 ? 11.036  8.769   -7.490  1.00 36.32  ? 162 GLY A N   1 
ATOM   779  C CA  . GLY A 1 119 ? 12.375  8.839   -6.896  1.00 38.08  ? 162 GLY A CA  1 
ATOM   780  C C   . GLY A 1 119 ? 12.394  9.246   -5.432  1.00 38.08  ? 162 GLY A C   1 
ATOM   781  O O   . GLY A 1 119 ? 13.453  9.278   -4.802  1.00 41.67  ? 162 GLY A O   1 
ATOM   782  N N   . VAL A 1 120 ? 11.233  9.556   -4.877  1.00 36.65  ? 163 VAL A N   1 
ATOM   783  C CA  . VAL A 1 120 ? 11.163  10.071  -3.500  1.00 37.65  ? 163 VAL A CA  1 
ATOM   784  C C   . VAL A 1 120 ? 10.347  9.142   -2.598  1.00 38.69  ? 163 VAL A C   1 
ATOM   785  O O   . VAL A 1 120 ? 9.244   8.719   -2.960  1.00 37.70  ? 163 VAL A O   1 
ATOM   786  C CB  . VAL A 1 120 ? 10.589  11.502  -3.462  1.00 38.06  ? 163 VAL A CB  1 
ATOM   787  C CG1 . VAL A 1 120 ? 10.611  12.065  -2.044  1.00 38.14  ? 163 VAL A CG1 1 
ATOM   788  C CG2 . VAL A 1 120 ? 11.372  12.417  -4.400  1.00 38.99  ? 163 VAL A CG2 1 
ATOM   789  N N   . GLY A 1 121 ? 10.892  8.830   -1.421  1.00 39.61  ? 164 GLY A N   1 
ATOM   790  C CA  . GLY A 1 121 ? 10.222  7.938   -0.468  1.00 36.68  ? 164 GLY A CA  1 
ATOM   791  C C   . GLY A 1 121 ? 10.331  6.482   -0.876  1.00 36.51  ? 164 GLY A C   1 
ATOM   792  O O   . GLY A 1 121 ? 10.969  6.162   -1.869  1.00 37.28  ? 164 GLY A O   1 
ATOM   793  N N   . LEU A 1 122 ? 9.699   5.593   -0.120  1.00 35.25  ? 165 LEU A N   1 
ATOM   794  C CA  . LEU A 1 122 ? 9.786   4.168   -0.405  1.00 35.37  ? 165 LEU A CA  1 
ATOM   795  C C   . LEU A 1 122 ? 9.191   3.784   -1.780  1.00 33.75  ? 165 LEU A C   1 
ATOM   796  O O   . LEU A 1 122 ? 9.876   3.157   -2.589  1.00 32.11  ? 165 LEU A O   1 
ATOM   797  C CB  . LEU A 1 122 ? 9.162   3.364   0.734   1.00 36.73  ? 165 LEU A CB  1 
ATOM   798  C CG  . LEU A 1 122 ? 9.200   1.841   0.690   1.00 40.40  ? 165 LEU A CG  1 
ATOM   799  C CD1 . LEU A 1 122 ? 10.604  1.300   0.508   1.00 40.31  ? 165 LEU A CD1 1 
ATOM   800  C CD2 . LEU A 1 122 ? 8.575   1.283   1.958   1.00 40.30  ? 165 LEU A CD2 1 
ATOM   801  N N   . PRO A 1 123 ? 7.924   4.162   -2.053  1.00 32.29  ? 166 PRO A N   1 
ATOM   802  C CA  . PRO A 1 123 ? 7.377   3.837   -3.377  1.00 33.58  ? 166 PRO A CA  1 
ATOM   803  C C   . PRO A 1 123 ? 8.088   4.551   -4.534  1.00 33.40  ? 166 PRO A C   1 
ATOM   804  O O   . PRO A 1 123 ? 8.273   3.963   -5.604  1.00 34.54  ? 166 PRO A O   1 
ATOM   805  C CB  . PRO A 1 123 ? 5.912   4.305   -3.275  1.00 34.21  ? 166 PRO A CB  1 
ATOM   806  C CG  . PRO A 1 123 ? 5.620   4.342   -1.807  1.00 33.22  ? 166 PRO A CG  1 
ATOM   807  C CD  . PRO A 1 123 ? 6.910   4.816   -1.200  1.00 31.95  ? 166 PRO A CD  1 
ATOM   808  N N   . GLY A 1 124 ? 8.482   5.804   -4.310  1.00 33.97  ? 167 GLY A N   1 
ATOM   809  C CA  . GLY A 1 124 ? 9.163   6.606   -5.331  1.00 33.14  ? 167 GLY A CA  1 
ATOM   810  C C   . GLY A 1 124 ? 10.544  6.093   -5.696  1.00 33.39  ? 167 GLY A C   1 
ATOM   811  O O   . GLY A 1 124 ? 10.883  6.022   -6.884  1.00 31.22  ? 167 GLY A O   1 
ATOM   812  N N   . GLU A 1 125 ? 11.343  5.719   -4.691  1.00 32.26  ? 168 GLU A N   1 
ATOM   813  C CA  . GLU A 1 125 ? 12.649  5.103   -4.970  1.00 34.44  ? 168 GLU A CA  1 
ATOM   814  C C   . GLU A 1 125 ? 12.491  3.790   -5.707  1.00 32.95  ? 168 GLU A C   1 
ATOM   815  O O   . GLU A 1 125 ? 13.283  3.480   -6.598  1.00 32.87  ? 168 GLU A O   1 
ATOM   816  C CB  . GLU A 1 125 ? 13.459  4.867   -3.688  1.00 37.80  ? 168 GLU A CB  1 
ATOM   817  C CG  . GLU A 1 125 ? 13.905  6.147   -2.997  1.00 43.83  ? 168 GLU A CG  1 
ATOM   818  C CD  . GLU A 1 125 ? 14.922  5.899   -1.889  1.00 50.72  ? 168 GLU A CD  1 
ATOM   819  O OE1 . GLU A 1 125 ? 15.861  5.099   -2.101  1.00 54.08  ? 168 GLU A OE1 1 
ATOM   820  O OE2 . GLU A 1 125 ? 14.789  6.510   -0.806  1.00 50.17  ? 168 GLU A OE2 1 
ATOM   821  N N   . SER A 1 126 ? 11.477  3.012   -5.328  1.00 31.52  ? 169 SER A N   1 
ATOM   822  C CA  . SER A 1 126 ? 11.197  1.760   -6.024  1.00 33.98  ? 169 SER A CA  1 
ATOM   823  C C   . SER A 1 126 ? 10.891  1.986   -7.515  1.00 34.42  ? 169 SER A C   1 
ATOM   824  O O   . SER A 1 126 ? 11.465  1.330   -8.395  1.00 33.33  ? 169 SER A O   1 
ATOM   825  C CB  . SER A 1 126 ? 10.038  1.011   -5.350  1.00 32.49  ? 169 SER A CB  1 
ATOM   826  O OG  . SER A 1 126 ? 9.660   -0.124  -6.114  1.00 33.33  ? 169 SER A OG  1 
ATOM   827  N N   . PHE A 1 127 ? 9.977   2.906   -7.796  1.00 35.64  ? 170 PHE A N   1 
ATOM   828  C CA  . PHE A 1 127 ? 9.590   3.134   -9.188  1.00 36.88  ? 170 PHE A CA  1 
ATOM   829  C C   . PHE A 1 127 ? 10.712  3.694   -10.058 1.00 35.48  ? 170 PHE A C   1 
ATOM   830  O O   . PHE A 1 127 ? 10.956  3.192   -11.162 1.00 34.56  ? 170 PHE A O   1 
ATOM   831  C CB  . PHE A 1 127 ? 8.342   4.012   -9.310  1.00 37.57  ? 170 PHE A CB  1 
ATOM   832  C CG  . PHE A 1 127 ? 7.767   3.997   -10.694 1.00 39.75  ? 170 PHE A CG  1 
ATOM   833  C CD1 . PHE A 1 127 ? 7.050   2.894   -11.138 1.00 39.12  ? 170 PHE A CD1 1 
ATOM   834  C CD2 . PHE A 1 127 ? 8.006   5.046   -11.583 1.00 39.90  ? 170 PHE A CD2 1 
ATOM   835  C CE1 . PHE A 1 127 ? 6.544   2.847   -12.430 1.00 40.15  ? 170 PHE A CE1 1 
ATOM   836  C CE2 . PHE A 1 127 ? 7.503   5.004   -12.877 1.00 41.16  ? 170 PHE A CE2 1 
ATOM   837  C CZ  . PHE A 1 127 ? 6.773   3.904   -13.301 1.00 40.34  ? 170 PHE A CZ  1 
ATOM   838  N N   . LEU A 1 128 ? 11.409  4.707   -9.546  1.00 37.17  ? 171 LEU A N   1 
ATOM   839  C CA  . LEU A 1 128 ? 12.421  5.421   -10.335 1.00 38.26  ? 171 LEU A CA  1 
ATOM   840  C C   . LEU A 1 128 ? 13.467  4.471   -10.889 1.00 40.17  ? 171 LEU A C   1 
ATOM   841  O O   . LEU A 1 128 ? 13.804  4.530   -12.069 1.00 39.54  ? 171 LEU A O   1 
ATOM   842  C CB  . LEU A 1 128 ? 13.101  6.525   -9.511  1.00 38.90  ? 171 LEU A CB  1 
ATOM   843  C CG  . LEU A 1 128 ? 14.203  7.333   -10.222 1.00 42.58  ? 171 LEU A CG  1 
ATOM   844  C CD1 . LEU A 1 128 ? 13.656  8.163   -11.382 1.00 42.68  ? 171 LEU A CD1 1 
ATOM   845  C CD2 . LEU A 1 128 ? 14.967  8.222   -9.254  1.00 44.27  ? 171 LEU A CD2 1 
ATOM   846  N N   . ASN A 1 129 ? 13.957  3.582   -10.032 1.00 38.74  ? 172 ASN A N   1 
ATOM   847  C CA  . ASN A 1 129 ? 14.999  2.652   -10.424 1.00 38.83  ? 172 ASN A CA  1 
ATOM   848  C C   . ASN A 1 129 ? 14.526  1.229   -10.680 1.00 37.85  ? 172 ASN A C   1 
ATOM   849  O O   . ASN A 1 129 ? 15.342  0.318   -10.776 1.00 37.15  ? 172 ASN A O   1 
ATOM   850  C CB  . ASN A 1 129 ? 16.123  2.688   -9.390  1.00 42.10  ? 172 ASN A CB  1 
ATOM   851  C CG  . ASN A 1 129 ? 17.001  3.903   -9.561  1.00 44.36  ? 172 ASN A CG  1 
ATOM   852  O OD1 . ASN A 1 129 ? 17.528  4.142   -10.646 1.00 46.39  ? 172 ASN A OD1 1 
ATOM   853  N ND2 . ASN A 1 129 ? 17.135  4.692   -8.511  1.00 44.20  ? 172 ASN A ND2 1 
ATOM   854  N N   . SER A 1 130 ? 13.209  1.053   -10.800 1.00 36.35  ? 173 SER A N   1 
ATOM   855  C CA  . SER A 1 130 ? 12.609  -0.256  -11.063 1.00 36.58  ? 173 SER A CA  1 
ATOM   856  C C   . SER A 1 130 ? 13.076  -1.316  -10.063 1.00 35.37  ? 173 SER A C   1 
ATOM   857  O O   . SER A 1 130 ? 13.431  -2.434  -10.445 1.00 34.52  ? 173 SER A O   1 
ATOM   858  C CB  . SER A 1 130 ? 12.891  -0.710  -12.509 1.00 39.82  ? 173 SER A CB  1 
ATOM   859  O OG  . SER A 1 130 ? 12.474  0.282   -13.436 1.00 42.62  ? 173 SER A OG  1 
ATOM   860  N N   . ARG A 1 131 ? 13.031  -0.960  -8.784  1.00 34.84  ? 174 ARG A N   1 
ATOM   861  C CA  . ARG A 1 131 ? 13.644  -1.755  -7.725  1.00 35.92  ? 174 ARG A CA  1 
ATOM   862  C C   . ARG A 1 131 ? 12.698  -2.595  -6.899  1.00 33.67  ? 174 ARG A C   1 
ATOM   863  O O   . ARG A 1 131 ? 11.515  -2.275  -6.751  1.00 33.41  ? 174 ARG A O   1 
ATOM   864  C CB  . ARG A 1 131 ? 14.407  -0.853  -6.760  1.00 39.15  ? 174 ARG A CB  1 
ATOM   865  C CG  . ARG A 1 131 ? 15.700  -0.331  -7.329  1.00 45.60  ? 174 ARG A CG  1 
ATOM   866  C CD  . ARG A 1 131 ? 16.801  -0.484  -6.309  1.00 50.53  ? 174 ARG A CD  1 
ATOM   867  N NE  . ARG A 1 131 ? 17.055  0.754   -5.593  1.00 55.35  ? 174 ARG A NE  1 
ATOM   868  C CZ  . ARG A 1 131 ? 17.919  1.682   -6.001  1.00 60.41  ? 174 ARG A CZ  1 
ATOM   869  N NH1 . ARG A 1 131 ? 18.609  1.508   -7.121  1.00 59.34  ? 174 ARG A NH1 1 
ATOM   870  N NH2 . ARG A 1 131 ? 18.091  2.789   -5.290  1.00 61.33  ? 174 ARG A NH2 1 
ATOM   871  N N   . VAL A 1 132 ? 13.255  -3.671  -6.347  1.00 30.84  ? 175 VAL A N   1 
ATOM   872  C CA  . VAL A 1 132 ? 12.665  -4.373  -5.219  1.00 29.81  ? 175 VAL A CA  1 
ATOM   873  C C   . VAL A 1 132 ? 13.355  -3.845  -3.966  1.00 30.56  ? 175 VAL A C   1 
ATOM   874  O O   . VAL A 1 132 ? 14.573  -3.995  -3.812  1.00 31.55  ? 175 VAL A O   1 
ATOM   875  C CB  . VAL A 1 132 ? 12.914  -5.892  -5.301  1.00 29.92  ? 175 VAL A CB  1 
ATOM   876  C CG1 . VAL A 1 132 ? 12.386  -6.598  -4.047  1.00 30.53  ? 175 VAL A CG1 1 
ATOM   877  C CG2 . VAL A 1 132 ? 12.316  -6.486  -6.573  1.00 29.96  ? 175 VAL A CG2 1 
ATOM   878  N N   . ILE A 1 133 ? 12.582  -3.209  -3.091  1.00 29.71  ? 176 ILE A N   1 
ATOM   879  C CA  . ILE A 1 133 ? 13.085  -2.716  -1.820  1.00 30.64  ? 176 ILE A CA  1 
ATOM   880  C C   . ILE A 1 133 ? 12.398  -3.513  -0.708  1.00 31.00  ? 176 ILE A C   1 
ATOM   881  O O   . ILE A 1 133 ? 11.195  -3.384  -0.487  1.00 29.68  ? 176 ILE A O   1 
ATOM   882  C CB  . ILE A 1 133 ? 12.855  -1.197  -1.655  1.00 30.86  ? 176 ILE A CB  1 
ATOM   883  C CG1 . ILE A 1 133 ? 13.482  -0.433  -2.836  1.00 30.64  ? 176 ILE A CG1 1 
ATOM   884  C CG2 . ILE A 1 133 ? 13.459  -0.709  -0.344  1.00 31.45  ? 176 ILE A CG2 1 
ATOM   885  C CD1 . ILE A 1 133 ? 13.224  1.067   -2.849  1.00 30.63  ? 176 ILE A CD1 1 
ATOM   886  N N   . TRP A 1 134 ? 13.174  -4.363  -0.046  1.00 28.82  ? 177 TRP A N   1 
ATOM   887  C CA  . TRP A 1 134 ? 12.630  -5.302  0.936   1.00 28.72  ? 177 TRP A CA  1 
ATOM   888  C C   . TRP A 1 134 ? 13.175  -4.943  2.309   1.00 28.56  ? 177 TRP A C   1 
ATOM   889  O O   . TRP A 1 134 ? 14.359  -5.158  2.586   1.00 29.59  ? 177 TRP A O   1 
ATOM   890  C CB  . TRP A 1 134 ? 13.003  -6.745  0.560   1.00 29.43  ? 177 TRP A CB  1 
ATOM   891  C CG  . TRP A 1 134 ? 12.212  -7.782  1.330   1.00 30.63  ? 177 TRP A CG  1 
ATOM   892  C CD1 . TRP A 1 134 ? 12.358  -8.119  2.643   1.00 30.97  ? 177 TRP A CD1 1 
ATOM   893  C CD2 . TRP A 1 134 ? 11.144  -8.596  0.822   1.00 30.80  ? 177 TRP A CD2 1 
ATOM   894  N NE1 . TRP A 1 134 ? 11.439  -9.096  2.987   1.00 31.97  ? 177 TRP A NE1 1 
ATOM   895  C CE2 . TRP A 1 134 ? 10.692  -9.408  1.884   1.00 31.47  ? 177 TRP A CE2 1 
ATOM   896  C CE3 . TRP A 1 134 ? 10.538  -8.728  -0.432  1.00 31.72  ? 177 TRP A CE3 1 
ATOM   897  C CZ2 . TRP A 1 134 ? 9.645   -10.320 1.737   1.00 31.60  ? 177 TRP A CZ2 1 
ATOM   898  C CZ3 . TRP A 1 134 ? 9.497   -9.643  -0.581  1.00 32.23  ? 177 TRP A CZ3 1 
ATOM   899  C CH2 . TRP A 1 134 ? 9.069   -10.429 0.501   1.00 32.24  ? 177 TRP A CH2 1 
ATOM   900  N N   . LEU A 1 135 ? 12.325  -4.364  3.154   1.00 29.39  ? 178 LEU A N   1 
ATOM   901  C CA  . LEU A 1 135 ? 12.731  -3.928  4.498   1.00 29.75  ? 178 LEU A CA  1 
ATOM   902  C C   . LEU A 1 135 ? 12.173  -4.864  5.580   1.00 31.61  ? 178 LEU A C   1 
ATOM   903  O O   . LEU A 1 135 ? 10.981  -4.842  5.900   1.00 30.34  ? 178 LEU A O   1 
ATOM   904  C CB  . LEU A 1 135 ? 12.302  -2.475  4.754   1.00 30.16  ? 178 LEU A CB  1 
ATOM   905  C CG  . LEU A 1 135 ? 12.738  -1.442  3.697   1.00 30.97  ? 178 LEU A CG  1 
ATOM   906  C CD1 . LEU A 1 135 ? 12.060  -0.095  3.922   1.00 31.62  ? 178 LEU A CD1 1 
ATOM   907  C CD2 . LEU A 1 135 ? 14.256  -1.266  3.647   1.00 30.75  ? 178 LEU A CD2 1 
ATOM   908  N N   . SER A 1 136 ? 13.049  -5.694  6.133   1.00 31.25  ? 179 SER A N   1 
ATOM   909  C CA  . SER A 1 136 ? 12.636  -6.738  7.066   1.00 33.18  ? 179 SER A CA  1 
ATOM   910  C C   . SER A 1 136 ? 13.215  -6.459  8.448   1.00 33.58  ? 179 SER A C   1 
ATOM   911  O O   . SER A 1 136 ? 14.430  -6.516  8.641   1.00 33.88  ? 179 SER A O   1 
ATOM   912  C CB  . SER A 1 136 ? 13.105  -8.104  6.552   1.00 35.15  ? 179 SER A CB  1 
ATOM   913  O OG  . SER A 1 136 ? 12.542  -9.154  7.328   1.00 41.34  ? 179 SER A OG  1 
ATOM   914  N N   . GLY A 1 137 ? 12.343  -6.135  9.399   1.00 33.59  ? 180 GLY A N   1 
ATOM   915  C CA  . GLY A 1 137 ? 12.756  -5.848  10.765  1.00 34.62  ? 180 GLY A CA  1 
ATOM   916  C C   . GLY A 1 137 ? 12.561  -4.382  11.095  1.00 36.09  ? 180 GLY A C   1 
ATOM   917  O O   . GLY A 1 137 ? 12.658  -3.524  10.214  1.00 34.65  ? 180 GLY A O   1 
ATOM   918  N N   . SER A 1 138 ? 12.272  -4.091  12.365  1.00 37.17  ? 181 SER A N   1 
ATOM   919  C CA  . SER A 1 138 ? 12.037  -2.713  12.804  1.00 36.52  ? 181 SER A CA  1 
ATOM   920  C C   . SER A 1 138 ? 13.189  -1.782  12.453  1.00 34.77  ? 181 SER A C   1 
ATOM   921  O O   . SER A 1 138 ? 12.968  -0.666  11.995  1.00 34.52  ? 181 SER A O   1 
ATOM   922  C CB  . SER A 1 138 ? 11.754  -2.658  14.310  1.00 40.78  ? 181 SER A CB  1 
ATOM   923  O OG  . SER A 1 138 ? 10.630  -3.465  14.607  1.00 47.54  ? 181 SER A OG  1 
ATOM   924  N N   . GLY A 1 139 ? 14.417  -2.245  12.675  1.00 34.19  ? 182 GLY A N   1 
ATOM   925  C CA  . GLY A 1 139 ? 15.610  -1.467  12.348  1.00 35.57  ? 182 GLY A CA  1 
ATOM   926  C C   . GLY A 1 139 ? 15.778  -1.171  10.863  1.00 35.17  ? 182 GLY A C   1 
ATOM   927  O O   . GLY A 1 139 ? 16.301  -0.116  10.494  1.00 35.32  ? 182 GLY A O   1 
ATOM   928  N N   . ALA A 1 140 ? 15.350  -2.094  10.000  1.00 35.06  ? 183 ALA A N   1 
ATOM   929  C CA  . ALA A 1 140 ? 15.392  -1.832  8.547   1.00 34.51  ? 183 ALA A CA  1 
ATOM   930  C C   . ALA A 1 140 ? 14.410  -0.710  8.177   1.00 32.57  ? 183 ALA A C   1 
ATOM   931  O O   . ALA A 1 140 ? 14.700  0.125   7.322   1.00 33.56  ? 183 ALA A O   1 
ATOM   932  C CB  . ALA A 1 140 ? 15.096  -3.101  7.747   1.00 33.07  ? 183 ALA A CB  1 
ATOM   933  N N   . LEU A 1 141 ? 13.257  -0.687  8.836   1.00 32.26  ? 184 LEU A N   1 
ATOM   934  C CA  . LEU A 1 141 ? 12.270  0.367   8.591   1.00 33.40  ? 184 LEU A CA  1 
ATOM   935  C C   . LEU A 1 141 ? 12.762  1.726   9.094   1.00 33.98  ? 184 LEU A C   1 
ATOM   936  O O   . LEU A 1 141 ? 12.717  2.708   8.363   1.00 33.75  ? 184 LEU A O   1 
ATOM   937  C CB  . LEU A 1 141 ? 10.922  0.025   9.233   1.00 32.87  ? 184 LEU A CB  1 
ATOM   938  C CG  . LEU A 1 141 ? 10.217  -1.256  8.773   1.00 33.91  ? 184 LEU A CG  1 
ATOM   939  C CD1 . LEU A 1 141 ? 8.937   -1.501  9.570   1.00 35.51  ? 184 LEU A CD1 1 
ATOM   940  C CD2 . LEU A 1 141 ? 9.919   -1.172  7.288   1.00 34.41  ? 184 LEU A CD2 1 
ATOM   941  N N   . THR A 1 142 ? 13.241  1.782   10.334  1.00 34.06  ? 185 THR A N   1 
ATOM   942  C CA  . THR A 1 142 ? 13.597  3.073   10.931  1.00 36.37  ? 185 THR A CA  1 
ATOM   943  C C   . THR A 1 142 ? 14.906  3.621   10.378  1.00 37.25  ? 185 THR A C   1 
ATOM   944  O O   . THR A 1 142 ? 15.182  4.813   10.496  1.00 39.19  ? 185 THR A O   1 
ATOM   945  C CB  . THR A 1 142 ? 13.639  3.007   12.470  1.00 36.18  ? 185 THR A CB  1 
ATOM   946  O OG1 . THR A 1 142 ? 14.681  2.111   12.892  1.00 37.35  ? 185 THR A OG1 1 
ATOM   947  C CG2 . THR A 1 142 ? 12.313  2.515   12.999  1.00 33.55  ? 185 THR A CG2 1 
ATOM   948  N N   . GLY A 1 143 ? 15.704  2.749   9.765   1.00 37.23  ? 186 GLY A N   1 
ATOM   949  C CA  . GLY A 1 143 ? 16.989  3.161   9.207   1.00 36.49  ? 186 GLY A CA  1 
ATOM   950  C C   . GLY A 1 143 ? 16.904  3.470   7.724   1.00 37.59  ? 186 GLY A C   1 
ATOM   951  O O   . GLY A 1 143 ? 17.910  3.798   7.094   1.00 36.37  ? 186 GLY A O   1 
ATOM   952  N N   . SER A 1 144 ? 15.698  3.383   7.165   1.00 36.31  ? 187 SER A N   1 
ATOM   953  C CA  . SER A 1 144 ? 15.510  3.436   5.712   1.00 35.64  ? 187 SER A CA  1 
ATOM   954  C C   . SER A 1 144 ? 15.576  4.862   5.158   1.00 37.15  ? 187 SER A C   1 
ATOM   955  O O   . SER A 1 144 ? 15.797  5.063   3.957   1.00 37.58  ? 187 SER A O   1 
ATOM   956  C CB  . SER A 1 144 ? 14.152  2.828   5.341   1.00 36.15  ? 187 SER A CB  1 
ATOM   957  O OG  . SER A 1 144 ? 13.107  3.651   5.835   1.00 35.03  ? 187 SER A OG  1 
ATOM   958  N N   . GLY A 1 145 ? 15.362  5.842   6.028   1.00 35.63  ? 188 GLY A N   1 
ATOM   959  C CA  . GLY A 1 145 ? 15.243  7.234   5.601   1.00 36.76  ? 188 GLY A CA  1 
ATOM   960  C C   . GLY A 1 145 ? 13.967  7.538   4.828   1.00 37.71  ? 188 GLY A C   1 
ATOM   961  O O   . GLY A 1 145 ? 13.857  8.608   4.235   1.00 38.42  ? 188 GLY A O   1 
ATOM   962  N N   . CYS A 1 146 ? 13.007  6.607   4.828   1.00 34.92  ? 189 CYS A N   1 
ATOM   963  C CA  . CYS A 1 146 ? 11.700  6.828   4.175   1.00 36.74  ? 189 CYS A CA  1 
ATOM   964  C C   . CYS A 1 146 ? 10.609  7.017   5.203   1.00 35.44  ? 189 CYS A C   1 
ATOM   965  O O   . CYS A 1 146 ? 10.390  6.141   6.050   1.00 34.92  ? 189 CYS A O   1 
ATOM   966  C CB  . CYS A 1 146 ? 11.319  5.652   3.266   1.00 37.18  ? 189 CYS A CB  1 
ATOM   967  S SG  . CYS A 1 146 ? 12.505  5.378   1.937   1.00 41.78  ? 189 CYS A SG  1 
ATOM   968  N N   . GLU A 1 147 ? 9.898   8.139   5.121   1.00 35.58  ? 190 GLU A N   1 
ATOM   969  C CA  . GLU A 1 147 ? 8.914   8.459   6.158   1.00 37.30  ? 190 GLU A CA  1 
ATOM   970  C C   . GLU A 1 147 ? 7.773   7.451   6.222   1.00 35.03  ? 190 GLU A C   1 
ATOM   971  O O   . GLU A 1 147 ? 7.242   7.182   7.295   1.00 33.32  ? 190 GLU A O   1 
ATOM   972  C CB  . GLU A 1 147 ? 8.410   9.907   6.062   1.00 41.02  ? 190 GLU A CB  1 
ATOM   973  C CG  . GLU A 1 147 ? 7.683   10.259  4.782   1.00 43.73  ? 190 GLU A CG  1 
ATOM   974  C CD  . GLU A 1 147 ? 7.019   11.636  4.851   1.00 47.30  ? 190 GLU A CD  1 
ATOM   975  O OE1 . GLU A 1 147 ? 5.906   11.787  4.307   1.00 49.78  ? 190 GLU A OE1 1 
ATOM   976  O OE2 . GLU A 1 147 ? 7.592   12.565  5.459   1.00 45.40  ? 190 GLU A OE2 1 
ATOM   977  N N   . ARG A 1 148 ? 7.406   6.867   5.085   1.00 33.32  ? 191 ARG A N   1 
ATOM   978  C CA  . ARG A 1 148 ? 6.363   5.851   5.102   1.00 33.23  ? 191 ARG A CA  1 
ATOM   979  C C   . ARG A 1 148 ? 6.782   4.572   5.879   1.00 33.10  ? 191 ARG A C   1 
ATOM   980  O O   . ARG A 1 148 ? 5.954   3.942   6.553   1.00 33.13  ? 191 ARG A O   1 
ATOM   981  C CB  . ARG A 1 148 ? 5.892   5.531   3.676   1.00 34.62  ? 191 ARG A CB  1 
ATOM   982  C CG  . ARG A 1 148 ? 4.719   4.578   3.655   1.00 36.65  ? 191 ARG A CG  1 
ATOM   983  C CD  . ARG A 1 148 ? 4.053   4.444   2.288   1.00 34.92  ? 191 ARG A CD  1 
ATOM   984  N NE  . ARG A 1 148 ? 3.116   3.336   2.379   1.00 33.29  ? 191 ARG A NE  1 
ATOM   985  C CZ  . ARG A 1 148 ? 1.920   3.418   2.948   1.00 33.38  ? 191 ARG A CZ  1 
ATOM   986  N NH1 . ARG A 1 148 ? 1.501   4.572   3.452   1.00 33.28  ? 191 ARG A NH1 1 
ATOM   987  N NH2 . ARG A 1 148 ? 1.151   2.345   3.027   1.00 33.15  ? 191 ARG A NH2 1 
ATOM   988  N N   . ALA A 1 149 ? 8.060   4.195   5.790   1.00 31.01  ? 192 ALA A N   1 
ATOM   989  C CA  . ALA A 1 149 ? 8.573   3.074   6.583   1.00 31.33  ? 192 ALA A CA  1 
ATOM   990  C C   . ALA A 1 149 ? 8.551   3.422   8.079   1.00 31.67  ? 192 ALA A C   1 
ATOM   991  O O   . ALA A 1 149 ? 8.205   2.581   8.910   1.00 32.52  ? 192 ALA A O   1 
ATOM   992  C CB  . ALA A 1 149 ? 9.981   2.676   6.133   1.00 31.52  ? 192 ALA A CB  1 
ATOM   993  N N   . GLY A 1 150 ? 8.914   4.660   8.412   1.00 31.48  ? 193 GLY A N   1 
ATOM   994  C CA  . GLY A 1 150 ? 8.838   5.143   9.803   1.00 32.54  ? 193 GLY A CA  1 
ATOM   995  C C   . GLY A 1 150 ? 7.424   5.118   10.342  1.00 31.82  ? 193 GLY A C   1 
ATOM   996  O O   . GLY A 1 150 ? 7.184   4.710   11.483  1.00 32.16  ? 193 GLY A O   1 
ATOM   997  N N   . GLN A 1 151 ? 6.477   5.552   9.513   1.00 32.56  ? 194 GLN A N   1 
ATOM   998  C CA  . GLN A 1 151 ? 5.073   5.558   9.906   1.00 32.37  ? 194 GLN A CA  1 
ATOM   999  C C   . GLN A 1 151 ? 4.562   4.131   10.130  1.00 32.86  ? 194 GLN A C   1 
ATOM   1000 O O   . GLN A 1 151 ? 3.889   3.850   11.121  1.00 33.17  ? 194 GLN A O   1 
ATOM   1001 C CB  . GLN A 1 151 ? 4.225   6.282   8.855   1.00 33.56  ? 194 GLN A CB  1 
ATOM   1002 C CG  . GLN A 1 151 ? 2.762   6.448   9.243   1.00 34.55  ? 194 GLN A CG  1 
ATOM   1003 C CD  . GLN A 1 151 ? 1.955   7.196   8.196   1.00 36.83  ? 194 GLN A CD  1 
ATOM   1004 O OE1 . GLN A 1 151 ? 2.230   7.098   7.000   1.00 37.29  ? 194 GLN A OE1 1 
ATOM   1005 N NE2 . GLN A 1 151 ? 0.943   7.943   8.644   1.00 37.26  ? 194 GLN A NE2 1 
ATOM   1006 N N   . GLY A 1 152 ? 4.880   3.241   9.198   1.00 31.16  ? 195 GLY A N   1 
ATOM   1007 C CA  . GLY A 1 152 ? 4.453   1.850   9.303   1.00 32.46  ? 195 GLY A CA  1 
ATOM   1008 C C   . GLY A 1 152 ? 4.982   1.211   10.574  1.00 30.71  ? 195 GLY A C   1 
ATOM   1009 O O   . GLY A 1 152 ? 4.270   0.480   11.250  1.00 30.60  ? 195 GLY A O   1 
ATOM   1010 N N   . GLN A 1 153 ? 6.235   1.507   10.906  1.00 31.53  ? 196 GLN A N   1 
ATOM   1011 C CA  . GLN A 1 153 ? 6.852   0.976   12.114  1.00 32.10  ? 196 GLN A CA  1 
ATOM   1012 C C   . GLN A 1 153 ? 6.130   1.480   13.374  1.00 33.44  ? 196 GLN A C   1 
ATOM   1013 O O   . GLN A 1 153 ? 5.862   0.701   14.300  1.00 33.93  ? 196 GLN A O   1 
ATOM   1014 C CB  . GLN A 1 153 ? 8.354   1.316   12.138  1.00 32.44  ? 196 GLN A CB  1 
ATOM   1015 C CG  . GLN A 1 153 ? 9.170   0.538   13.171  1.00 35.93  ? 196 GLN A CG  1 
ATOM   1016 C CD  . GLN A 1 153 ? 9.049   1.094   14.586  1.00 36.44  ? 196 GLN A CD  1 
ATOM   1017 O OE1 . GLN A 1 153 ? 8.938   2.310   14.803  1.00 36.81  ? 196 GLN A OE1 1 
ATOM   1018 N NE2 . GLN A 1 153 ? 9.059   0.200   15.556  1.00 35.75  ? 196 GLN A NE2 1 
ATOM   1019 N N   . ILE A 1 154 ? 5.802   2.771   13.404  1.00 33.81  ? 197 ILE A N   1 
ATOM   1020 C CA  . ILE A 1 154 ? 4.969   3.328   14.485  1.00 34.39  ? 197 ILE A CA  1 
ATOM   1021 C C   . ILE A 1 154 ? 3.651   2.563   14.661  1.00 35.31  ? 197 ILE A C   1 
ATOM   1022 O O   . ILE A 1 154 ? 3.220   2.321   15.787  1.00 35.58  ? 197 ILE A O   1 
ATOM   1023 C CB  . ILE A 1 154 ? 4.693   4.835   14.286  1.00 33.40  ? 197 ILE A CB  1 
ATOM   1024 C CG1 . ILE A 1 154 ? 5.976   5.642   14.526  1.00 34.57  ? 197 ILE A CG1 1 
ATOM   1025 C CG2 . ILE A 1 154 ? 3.575   5.317   15.212  1.00 33.49  ? 197 ILE A CG2 1 
ATOM   1026 C CD1 . ILE A 1 154 ? 6.541   5.541   15.944  1.00 32.49  ? 197 ILE A CD1 1 
ATOM   1027 N N   . TYR A 1 155 ? 3.026   2.159   13.558  1.00 35.72  ? 198 TYR A N   1 
ATOM   1028 C CA  . TYR A 1 155 ? 1.769   1.409   13.643  1.00 35.88  ? 198 TYR A CA  1 
ATOM   1029 C C   . TYR A 1 155 ? 1.950   -0.109  13.780  1.00 36.23  ? 198 TYR A C   1 
ATOM   1030 O O   . TYR A 1 155 ? 1.006   -0.862  13.569  1.00 37.02  ? 198 TYR A O   1 
ATOM   1031 C CB  . TYR A 1 155 ? 0.840   1.764   12.483  1.00 37.30  ? 198 TYR A CB  1 
ATOM   1032 C CG  . TYR A 1 155 ? 0.294   3.175   12.590  1.00 40.73  ? 198 TYR A CG  1 
ATOM   1033 C CD1 . TYR A 1 155 ? -0.644  3.507   13.574  1.00 42.95  ? 198 TYR A CD1 1 
ATOM   1034 C CD2 . TYR A 1 155 ? 0.724   4.178   11.727  1.00 41.78  ? 198 TYR A CD2 1 
ATOM   1035 C CE1 . TYR A 1 155 ? -1.143  4.799   13.688  1.00 45.23  ? 198 TYR A CE1 1 
ATOM   1036 C CE2 . TYR A 1 155 ? 0.232   5.472   11.829  1.00 43.85  ? 198 TYR A CE2 1 
ATOM   1037 C CZ  . TYR A 1 155 ? -0.699  5.777   12.809  1.00 45.21  ? 198 TYR A CZ  1 
ATOM   1038 O OH  . TYR A 1 155 ? -1.185  7.058   12.909  1.00 45.24  ? 198 TYR A OH  1 
ATOM   1039 N N   . GLY A 1 156 ? 3.158   -0.543  14.135  1.00 33.67  ? 199 GLY A N   1 
ATOM   1040 C CA  . GLY A 1 156 ? 3.415   -1.943  14.474  1.00 35.76  ? 199 GLY A CA  1 
ATOM   1041 C C   . GLY A 1 156 ? 3.906   -2.859  13.353  1.00 35.84  ? 199 GLY A C   1 
ATOM   1042 O O   . GLY A 1 156 ? 4.039   -4.066  13.561  1.00 34.72  ? 199 GLY A O   1 
ATOM   1043 N N   . LEU A 1 157 ? 4.170   -2.308  12.171  1.00 33.31  ? 200 LEU A N   1 
ATOM   1044 C CA  . LEU A 1 157 ? 4.710   -3.124  11.077  1.00 32.77  ? 200 LEU A CA  1 
ATOM   1045 C C   . LEU A 1 157 ? 6.183   -3.442  11.318  1.00 32.48  ? 200 LEU A C   1 
ATOM   1046 O O   . LEU A 1 157 ? 6.906   -2.652  11.920  1.00 33.12  ? 200 LEU A O   1 
ATOM   1047 C CB  . LEU A 1 157 ? 4.517   -2.431  9.722   1.00 32.39  ? 200 LEU A CB  1 
ATOM   1048 C CG  . LEU A 1 157 ? 3.073   -2.160  9.271   1.00 32.35  ? 200 LEU A CG  1 
ATOM   1049 C CD1 . LEU A 1 157 ? 3.044   -1.503  7.896   1.00 32.49  ? 200 LEU A CD1 1 
ATOM   1050 C CD2 . LEU A 1 157 ? 2.232   -3.428  9.274   1.00 33.04  ? 200 LEU A CD2 1 
ATOM   1051 N N   . LYS A 1 158 ? 6.620   -4.612  10.869  1.00 31.54  ? 201 LYS A N   1 
ATOM   1052 C CA  . LYS A 1 158 ? 8.022   -5.006  11.009  1.00 31.67  ? 201 LYS A CA  1 
ATOM   1053 C C   . LYS A 1 158 ? 8.649   -5.371  9.672   1.00 30.90  ? 201 LYS A C   1 
ATOM   1054 O O   . LYS A 1 158 ? 9.867   -5.495  9.579   1.00 30.84  ? 201 LYS A O   1 
ATOM   1055 C CB  . LYS A 1 158 ? 8.176   -6.168  12.007  1.00 34.21  ? 201 LYS A CB  1 
ATOM   1056 C CG  . LYS A 1 158 ? 7.990   -5.757  13.473  1.00 36.45  ? 201 LYS A CG  1 
ATOM   1057 C CD  . LYS A 1 158 ? 8.079   -6.955  14.413  1.00 40.75  ? 201 LYS A CD  1 
ATOM   1058 C CE  . LYS A 1 158 ? 7.869   -6.541  15.865  1.00 44.77  ? 201 LYS A CE  1 
ATOM   1059 N NZ  . LYS A 1 158 ? 7.894   -7.726  16.770  1.00 50.27  ? 201 LYS A NZ  1 
ATOM   1060 N N   . THR A 1 159 ? 7.820   -5.572  8.650   1.00 29.81  ? 202 THR A N   1 
ATOM   1061 C CA  . THR A 1 159 ? 8.313   -5.781  7.282   1.00 30.29  ? 202 THR A CA  1 
ATOM   1062 C C   . THR A 1 159 ? 7.534   -4.894  6.310   1.00 30.08  ? 202 THR A C   1 
ATOM   1063 O O   . THR A 1 159 ? 6.314   -4.904  6.321   1.00 31.05  ? 202 THR A O   1 
ATOM   1064 C CB  . THR A 1 159 ? 8.185   -7.253  6.833   1.00 31.12  ? 202 THR A CB  1 
ATOM   1065 O OG1 . THR A 1 159 ? 8.893   -8.095  7.743   1.00 32.17  ? 202 THR A OG1 1 
ATOM   1066 C CG2 . THR A 1 159 ? 8.772   -7.471  5.400   1.00 28.75  ? 202 THR A CG2 1 
ATOM   1067 N N   . MET A 1 160 ? 8.239   -4.130  5.479   1.00 29.85  ? 203 MET A N   1 
ATOM   1068 C CA  . MET A 1 160 ? 7.602   -3.398  4.377   1.00 30.61  ? 203 MET A CA  1 
ATOM   1069 C C   . MET A 1 160 ? 8.353   -3.627  3.073   1.00 29.03  ? 203 MET A C   1 
ATOM   1070 O O   . MET A 1 160 ? 9.579   -3.593  3.038   1.00 29.24  ? 203 MET A O   1 
ATOM   1071 C CB  . MET A 1 160 ? 7.479   -1.902  4.689   1.00 30.39  ? 203 MET A CB  1 
ATOM   1072 C CG  . MET A 1 160 ? 6.553   -1.623  5.867   1.00 35.70  ? 203 MET A CG  1 
ATOM   1073 S SD  . MET A 1 160 ? 6.305   0.120   6.272   1.00 40.23  ? 203 MET A SD  1 
ATOM   1074 C CE  . MET A 1 160 ? 5.388   0.701   4.851   1.00 36.52  ? 203 MET A CE  1 
ATOM   1075 N N   . VAL A 1 161 ? 7.607   -3.863  2.001   1.00 29.73  ? 204 VAL A N   1 
ATOM   1076 C CA  . VAL A 1 161 ? 8.190   -4.194  0.702   1.00 29.77  ? 204 VAL A CA  1 
ATOM   1077 C C   . VAL A 1 161 ? 7.568   -3.316  -0.391  1.00 31.81  ? 204 VAL A C   1 
ATOM   1078 O O   . VAL A 1 161 ? 6.351   -3.129  -0.406  1.00 32.24  ? 204 VAL A O   1 
ATOM   1079 C CB  . VAL A 1 161 ? 7.935   -5.678  0.346   1.00 30.49  ? 204 VAL A CB  1 
ATOM   1080 C CG1 . VAL A 1 161 ? 8.517   -6.010  -1.028  1.00 29.40  ? 204 VAL A CG1 1 
ATOM   1081 C CG2 . VAL A 1 161 ? 8.503   -6.608  1.418   1.00 29.06  ? 204 VAL A CG2 1 
ATOM   1082 N N   . CYS A 1 162 ? 8.394   -2.771  -1.284  1.00 31.06  ? 205 CYS A N   1 
ATOM   1083 C CA  . CYS A 1 162 ? 7.894   -2.135  -2.504  1.00 31.83  ? 205 CYS A CA  1 
ATOM   1084 C C   . CYS A 1 162 ? 8.577   -2.770  -3.698  1.00 31.82  ? 205 CYS A C   1 
ATOM   1085 O O   . CYS A 1 162 ? 9.810   -2.922  -3.718  1.00 31.99  ? 205 CYS A O   1 
ATOM   1086 C CB  . CYS A 1 162 ? 8.124   -0.615  -2.518  1.00 33.01  ? 205 CYS A CB  1 
ATOM   1087 S SG  . CYS A 1 162 ? 6.938   0.364   -1.557  1.00 39.43  ? 205 CYS A SG  1 
ATOM   1088 N N   . ILE A 1 163 ? 7.773   -3.145  -4.686  1.00 30.82  ? 206 ILE A N   1 
ATOM   1089 C CA  . ILE A 1 163 ? 8.261   -3.789  -5.908  1.00 30.18  ? 206 ILE A CA  1 
ATOM   1090 C C   . ILE A 1 163 ? 7.706   -3.012  -7.091  1.00 32.46  ? 206 ILE A C   1 
ATOM   1091 O O   . ILE A 1 163 ? 6.486   -2.874  -7.237  1.00 31.01  ? 206 ILE A O   1 
ATOM   1092 C CB  . ILE A 1 163 ? 7.781   -5.253  -6.023  1.00 30.40  ? 206 ILE A CB  1 
ATOM   1093 C CG1 . ILE A 1 163 ? 8.325   -6.097  -4.856  1.00 28.80  ? 206 ILE A CG1 1 
ATOM   1094 C CG2 . ILE A 1 163 ? 8.169   -5.823  -7.394  1.00 30.26  ? 206 ILE A CG2 1 
ATOM   1095 C CD1 . ILE A 1 163 ? 7.590   -7.401  -4.592  1.00 31.74  ? 206 ILE A CD1 1 
ATOM   1096 N N   . ALA A 1 164 ? 8.595   -2.518  -7.940  1.00 32.92  ? 207 ALA A N   1 
ATOM   1097 C CA  . ALA A 1 164 ? 8.161   -1.721  -9.075  1.00 34.93  ? 207 ALA A CA  1 
ATOM   1098 C C   . ALA A 1 164 ? 7.565   -2.621  -10.167 1.00 35.94  ? 207 ALA A C   1 
ATOM   1099 O O   . ALA A 1 164 ? 8.105   -3.678  -10.476 1.00 34.04  ? 207 ALA A O   1 
ATOM   1100 C CB  . ALA A 1 164 ? 9.313   -0.894  -9.621  1.00 32.79  ? 207 ALA A CB  1 
ATOM   1101 N N   . THR A 1 165 ? 6.428   -2.206  -10.718 1.00 36.50  ? 208 THR A N   1 
ATOM   1102 C CA  . THR A 1 165 ? 5.824   -2.909  -11.841 1.00 36.51  ? 208 THR A CA  1 
ATOM   1103 C C   . THR A 1 165 ? 5.749   -1.942  -13.028 1.00 38.88  ? 208 THR A C   1 
ATOM   1104 O O   . THR A 1 165 ? 6.096   -0.768  -12.912 1.00 36.95  ? 208 THR A O   1 
ATOM   1105 C CB  . THR A 1 165 ? 4.422   -3.466  -11.486 1.00 37.57  ? 208 THR A CB  1 
ATOM   1106 O OG1 . THR A 1 165 ? 3.479   -2.396  -11.439 1.00 37.78  ? 208 THR A OG1 1 
ATOM   1107 C CG2 . THR A 1 165 ? 4.435   -4.169  -10.138 1.00 35.45  ? 208 THR A CG2 1 
ATOM   1108 N N   . GLN A 1 166 ? 5.300   -2.447  -14.170 1.00 42.54  ? 209 GLN A N   1 
ATOM   1109 C CA  . GLN A 1 166 ? 5.061   -1.635  -15.361 1.00 42.35  ? 209 GLN A CA  1 
ATOM   1110 C C   . GLN A 1 166 ? 4.144   -0.421  -15.102 1.00 41.13  ? 209 GLN A C   1 
ATOM   1111 O O   . GLN A 1 166 ? 4.408   0.678   -15.587 1.00 40.72  ? 209 GLN A O   1 
ATOM   1112 C CB  . GLN A 1 166 ? 4.488   -2.554  -16.442 1.00 46.22  ? 209 GLN A CB  1 
ATOM   1113 C CG  . GLN A 1 166 ? 4.059   -1.915  -17.747 1.00 49.84  ? 209 GLN A CG  1 
ATOM   1114 C CD  . GLN A 1 166 ? 3.206   -2.873  -18.563 1.00 51.44  ? 209 GLN A CD  1 
ATOM   1115 O OE1 . GLN A 1 166 ? 2.001   -2.677  -18.708 1.00 56.44  ? 209 GLN A OE1 1 
ATOM   1116 N NE2 . GLN A 1 166 ? 3.822   -3.937  -19.064 1.00 50.81  ? 209 GLN A NE2 1 
ATOM   1117 N N   . ASN A 1 167 ? 3.094   -0.611  -14.313 1.00 39.34  ? 210 ASN A N   1 
ATOM   1118 C CA  . ASN A 1 167 ? 2.110   0.446   -14.089 1.00 42.16  ? 210 ASN A CA  1 
ATOM   1119 C C   . ASN A 1 167 ? 2.157   1.127   -12.723 1.00 39.53  ? 210 ASN A C   1 
ATOM   1120 O O   . ASN A 1 167 ? 1.271   1.907   -12.396 1.00 38.69  ? 210 ASN A O   1 
ATOM   1121 C CB  . ASN A 1 167 ? 0.701   -0.094  -14.343 1.00 45.28  ? 210 ASN A CB  1 
ATOM   1122 C CG  . ASN A 1 167 ? 0.586   -0.786  -15.683 1.00 48.18  ? 210 ASN A CG  1 
ATOM   1123 O OD1 . ASN A 1 167 ? 0.330   -1.989  -15.755 1.00 50.69  ? 210 ASN A OD1 1 
ATOM   1124 N ND2 . ASN A 1 167 ? 0.812   -0.039  -16.752 1.00 48.30  ? 210 ASN A ND2 1 
ATOM   1125 N N   . GLY A 1 168 ? 3.187   0.846   -11.930 1.00 36.76  ? 211 GLY A N   1 
ATOM   1126 C CA  . GLY A 1 168 ? 3.239   1.397   -10.580 1.00 37.59  ? 211 GLY A CA  1 
ATOM   1127 C C   . GLY A 1 168 ? 4.110   0.617   -9.616  1.00 35.49  ? 211 GLY A C   1 
ATOM   1128 O O   . GLY A 1 168 ? 5.154   0.084   -10.003 1.00 35.55  ? 211 GLY A O   1 
ATOM   1129 N N   . VAL A 1 169 ? 3.687   0.565   -8.356  1.00 35.11  ? 212 VAL A N   1 
ATOM   1130 C CA  . VAL A 1 169 ? 4.457   -0.120  -7.316  1.00 33.31  ? 212 VAL A CA  1 
ATOM   1131 C C   . VAL A 1 169 ? 3.519   -0.955  -6.460  1.00 33.55  ? 212 VAL A C   1 
ATOM   1132 O O   . VAL A 1 169 ? 2.537   -0.441  -5.949  1.00 34.19  ? 212 VAL A O   1 
ATOM   1133 C CB  . VAL A 1 169 ? 5.201   0.893   -6.402  1.00 32.80  ? 212 VAL A CB  1 
ATOM   1134 C CG1 . VAL A 1 169 ? 5.881   0.182   -5.232  1.00 33.26  ? 212 VAL A CG1 1 
ATOM   1135 C CG2 . VAL A 1 169 ? 6.208   1.731   -7.201  1.00 32.64  ? 212 VAL A CG2 1 
ATOM   1136 N N   . VAL A 1 170 ? 3.842   -2.235  -6.290  1.00 34.36  ? 213 VAL A N   1 
ATOM   1137 C CA  . VAL A 1 170 ? 3.132   -3.085  -5.333  1.00 34.69  ? 213 VAL A CA  1 
ATOM   1138 C C   . VAL A 1 170 ? 3.827   -2.984  -3.976  1.00 33.48  ? 213 VAL A C   1 
ATOM   1139 O O   . VAL A 1 170 ? 5.041   -3.178  -3.879  1.00 31.92  ? 213 VAL A O   1 
ATOM   1140 C CB  . VAL A 1 170 ? 3.108   -4.570  -5.772  1.00 37.85  ? 213 VAL A CB  1 
ATOM   1141 C CG1 . VAL A 1 170 ? 2.400   -5.419  -4.724  1.00 37.84  ? 213 VAL A CG1 1 
ATOM   1142 C CG2 . VAL A 1 170 ? 2.414   -4.729  -7.114  1.00 39.02  ? 213 VAL A CG2 1 
ATOM   1143 N N   . GLU A 1 171 ? 3.055   -2.657  -2.942  1.00 32.81  ? 214 GLU A N   1 
ATOM   1144 C CA  . GLU A 1 171 ? 3.549   -2.624  -1.556  1.00 33.16  ? 214 GLU A CA  1 
ATOM   1145 C C   . GLU A 1 171 ? 2.937   -3.747  -0.693  1.00 34.74  ? 214 GLU A C   1 
ATOM   1146 O O   . GLU A 1 171 ? 1.729   -3.993  -0.747  1.00 34.60  ? 214 GLU A O   1 
ATOM   1147 C CB  . GLU A 1 171 ? 3.273   -1.251  -0.922  1.00 33.24  ? 214 GLU A CB  1 
ATOM   1148 C CG  . GLU A 1 171 ? 3.687   -1.151  0.550   1.00 31.90  ? 214 GLU A CG  1 
ATOM   1149 C CD  . GLU A 1 171 ? 3.294   0.158   1.218   1.00 33.08  ? 214 GLU A CD  1 
ATOM   1150 O OE1 . GLU A 1 171 ? 3.429   1.233   0.589   1.00 33.32  ? 214 GLU A OE1 1 
ATOM   1151 O OE2 . GLU A 1 171 ? 2.884   0.119   2.401   1.00 32.48  ? 214 GLU A OE2 1 
ATOM   1152 N N   . LEU A 1 172 ? 3.780   -4.430  0.082   1.00 33.44  ? 215 LEU A N   1 
ATOM   1153 C CA  . LEU A 1 172 ? 3.329   -5.388  1.095   1.00 34.53  ? 215 LEU A CA  1 
ATOM   1154 C C   . LEU A 1 172 ? 3.780   -4.967  2.493   1.00 33.82  ? 215 LEU A C   1 
ATOM   1155 O O   . LEU A 1 172 ? 4.892   -4.469  2.674   1.00 32.72  ? 215 LEU A O   1 
ATOM   1156 C CB  . LEU A 1 172 ? 3.857   -6.792  0.791   1.00 35.15  ? 215 LEU A CB  1 
ATOM   1157 C CG  . LEU A 1 172 ? 3.422   -7.441  -0.525  1.00 38.46  ? 215 LEU A CG  1 
ATOM   1158 C CD1 . LEU A 1 172 ? 4.425   -8.496  -0.962  1.00 40.09  ? 215 LEU A CD1 1 
ATOM   1159 C CD2 . LEU A 1 172 ? 2.042   -8.055  -0.365  1.00 41.04  ? 215 LEU A CD2 1 
ATOM   1160 N N   . GLY A 1 173 ? 2.920   -5.185  3.481   1.00 34.22  ? 216 GLY A N   1 
ATOM   1161 C CA  . GLY A 1 173 ? 3.270   -4.896  4.873   1.00 33.27  ? 216 GLY A CA  1 
ATOM   1162 C C   . GLY A 1 173 ? 2.867   -6.030  5.792   1.00 33.89  ? 216 GLY A C   1 
ATOM   1163 O O   . GLY A 1 173 ? 1.894   -6.725  5.544   1.00 35.29  ? 216 GLY A O   1 
ATOM   1164 N N   . SER A 1 174 ? 3.622   -6.213  6.863   1.00 35.24  ? 217 SER A N   1 
ATOM   1165 C CA  . SER A 1 174 ? 3.331   -7.248  7.830   1.00 35.69  ? 217 SER A CA  1 
ATOM   1166 C C   . SER A 1 174 ? 3.784   -6.796  9.202   1.00 36.61  ? 217 SER A C   1 
ATOM   1167 O O   . SER A 1 174 ? 4.771   -6.075  9.329   1.00 35.04  ? 217 SER A O   1 
ATOM   1168 C CB  . SER A 1 174 ? 4.052   -8.537  7.451   1.00 36.56  ? 217 SER A CB  1 
ATOM   1169 O OG  . SER A 1 174 ? 3.875   -9.524  8.454   1.00 39.17  ? 217 SER A OG  1 
ATOM   1170 N N   . SER A 1 175 ? 3.055   -7.228  10.225  1.00 38.70  ? 218 SER A N   1 
ATOM   1171 C CA  . SER A 1 175 ? 3.468   -7.012  11.605  1.00 41.84  ? 218 SER A CA  1 
ATOM   1172 C C   . SER A 1 175 ? 4.485   -8.069  12.036  1.00 39.88  ? 218 SER A C   1 
ATOM   1173 O O   . SER A 1 175 ? 5.054   -7.989  13.119  1.00 39.68  ? 218 SER A O   1 
ATOM   1174 C CB  . SER A 1 175 ? 2.256   -7.004  12.529  1.00 44.07  ? 218 SER A CB  1 
ATOM   1175 O OG  . SER A 1 175 ? 1.491   -8.181  12.347  1.00 49.25  ? 218 SER A OG  1 
ATOM   1176 N N   . GLU A 1 176 ? 4.729   -9.049  11.172  1.00 40.11  ? 219 GLU A N   1 
ATOM   1177 C CA  . GLU A 1 176 ? 5.811   -10.004 11.400  1.00 41.58  ? 219 GLU A CA  1 
ATOM   1178 C C   . GLU A 1 176 ? 7.082   -9.665  10.626  1.00 40.32  ? 219 GLU A C   1 
ATOM   1179 O O   . GLU A 1 176 ? 7.048   -8.916  9.642   1.00 39.77  ? 219 GLU A O   1 
ATOM   1180 C CB  . GLU A 1 176 ? 5.353   -11.420 11.060  1.00 44.74  ? 219 GLU A CB  1 
ATOM   1181 C CG  . GLU A 1 176 ? 4.274   -11.939 11.989  1.00 48.88  ? 219 GLU A CG  1 
ATOM   1182 C CD  . GLU A 1 176 ? 3.843   -13.348 11.627  1.00 54.05  ? 219 GLU A CD  1 
ATOM   1183 O OE1 . GLU A 1 176 ? 4.624   -14.055 10.947  1.00 55.28  ? 219 GLU A OE1 1 
ATOM   1184 O OE2 . GLU A 1 176 ? 2.726   -13.748 12.018  1.00 55.69  ? 219 GLU A OE2 1 
ATOM   1185 N N   . VAL A 1 177 ? 8.207   -10.204 11.091  1.00 38.92  ? 220 VAL A N   1 
ATOM   1186 C CA  . VAL A 1 177 ? 9.464   -10.123 10.356  1.00 38.58  ? 220 VAL A CA  1 
ATOM   1187 C C   . VAL A 1 177 ? 9.456   -11.224 9.292   1.00 38.35  ? 220 VAL A C   1 
ATOM   1188 O O   . VAL A 1 177 ? 9.387   -12.407 9.619   1.00 37.10  ? 220 VAL A O   1 
ATOM   1189 C CB  . VAL A 1 177 ? 10.697  -10.298 11.282  1.00 40.59  ? 220 VAL A CB  1 
ATOM   1190 C CG1 . VAL A 1 177 ? 11.981  -10.286 10.469  1.00 39.93  ? 220 VAL A CG1 1 
ATOM   1191 C CG2 . VAL A 1 177 ? 10.739  -9.216  12.362  1.00 39.52  ? 220 VAL A CG2 1 
ATOM   1192 N N   . ILE A 1 178 ? 9.493   -10.837 8.023   1.00 35.44  ? 221 ILE A N   1 
ATOM   1193 C CA  . ILE A 1 178 ? 9.407   -11.821 6.944   1.00 34.72  ? 221 ILE A CA  1 
ATOM   1194 C C   . ILE A 1 178 ? 10.567  -11.662 5.975   1.00 34.24  ? 221 ILE A C   1 
ATOM   1195 O O   . ILE A 1 178 ? 10.769  -10.588 5.416   1.00 34.59  ? 221 ILE A O   1 
ATOM   1196 C CB  . ILE A 1 178 ? 8.054   -11.747 6.186   1.00 35.04  ? 221 ILE A CB  1 
ATOM   1197 C CG1 . ILE A 1 178 ? 6.873   -11.839 7.169   1.00 35.18  ? 221 ILE A CG1 1 
ATOM   1198 C CG2 . ILE A 1 178 ? 7.980   -12.818 5.094   1.00 35.16  ? 221 ILE A CG2 1 
ATOM   1199 C CD1 . ILE A 1 178 ? 5.501   -11.721 6.532   1.00 36.21  ? 221 ILE A CD1 1 
ATOM   1200 N N   . SER A 1 179 ? 11.320  -12.740 5.766   1.00 34.36  ? 222 SER A N   1 
ATOM   1201 C CA  . SER A 1 179 ? 12.397  -12.744 4.775   1.00 35.95  ? 222 SER A CA  1 
ATOM   1202 C C   . SER A 1 179 ? 11.864  -12.908 3.362   1.00 34.49  ? 222 SER A C   1 
ATOM   1203 O O   . SER A 1 179 ? 10.781  -13.473 3.153   1.00 35.52  ? 222 SER A O   1 
ATOM   1204 C CB  . SER A 1 179 ? 13.398  -13.852 5.078   1.00 37.81  ? 222 SER A CB  1 
ATOM   1205 O OG  . SER A 1 179 ? 13.937  -13.664 6.368   1.00 42.01  ? 222 SER A OG  1 
ATOM   1206 N N   . GLN A 1 180 ? 12.624  -12.415 2.386   1.00 32.96  ? 223 GLN A N   1 
ATOM   1207 C CA  . GLN A 1 180 ? 12.206  -12.512 0.989   1.00 33.74  ? 223 GLN A CA  1 
ATOM   1208 C C   . GLN A 1 180 ? 12.245  -13.962 0.495   1.00 33.81  ? 223 GLN A C   1 
ATOM   1209 O O   . GLN A 1 180 ? 13.307  -14.569 0.448   1.00 32.62  ? 223 GLN A O   1 
ATOM   1210 C CB  . GLN A 1 180 ? 13.083  -11.643 0.084   1.00 33.20  ? 223 GLN A CB  1 
ATOM   1211 C CG  . GLN A 1 180 ? 12.548  -11.561 -1.340  1.00 34.00  ? 223 GLN A CG  1 
ATOM   1212 C CD  . GLN A 1 180 ? 13.402  -10.717 -2.275  1.00 35.24  ? 223 GLN A CD  1 
ATOM   1213 O OE1 . GLN A 1 180 ? 13.142  -10.668 -3.480  1.00 37.67  ? 223 GLN A OE1 1 
ATOM   1214 N NE2 . GLN A 1 180 ? 14.421  -10.050 -1.735  1.00 30.82  ? 223 GLN A NE2 1 
ATOM   1215 N N   . SER A 1 181 ? 11.090  -14.498 0.109   1.00 35.72  ? 224 SER A N   1 
ATOM   1216 C CA  . SER A 1 181 ? 11.024  -15.860 -0.423  1.00 35.89  ? 224 SER A CA  1 
ATOM   1217 C C   . SER A 1 181 ? 10.825  -15.835 -1.930  1.00 35.92  ? 224 SER A C   1 
ATOM   1218 O O   . SER A 1 181 ? 10.173  -14.933 -2.466  1.00 34.29  ? 224 SER A O   1 
ATOM   1219 C CB  . SER A 1 181 ? 9.925   -16.676 0.260   1.00 36.80  ? 224 SER A CB  1 
ATOM   1220 O OG  . SER A 1 181 ? 8.627   -16.352 -0.229  1.00 38.53  ? 224 SER A OG  1 
ATOM   1221 N N   . SER A 1 182 ? 11.401  -16.810 -2.622  1.00 35.89  ? 225 SER A N   1 
ATOM   1222 C CA  . SER A 1 182 ? 11.178  -16.903 -4.055  1.00 39.05  ? 225 SER A CA  1 
ATOM   1223 C C   . SER A 1 182 ? 9.722   -17.238 -4.372  1.00 39.21  ? 225 SER A C   1 
ATOM   1224 O O   . SER A 1 182 ? 9.211   -16.812 -5.400  1.00 38.55  ? 225 SER A O   1 
ATOM   1225 C CB  . SER A 1 182 ? 12.143  -17.884 -4.715  1.00 40.33  ? 225 SER A CB  1 
ATOM   1226 O OG  . SER A 1 182 ? 12.412  -18.977 -3.871  1.00 45.69  ? 225 SER A OG  1 
ATOM   1227 N N   . ASP A 1 183 ? 9.047   -17.931 -3.476  1.00 38.50  ? 226 ASP A N   1 
ATOM   1228 C CA  . ASP A 1 183 ? 7.630   -18.192 -3.651  1.00 41.81  ? 226 ASP A CA  1 
ATOM   1229 C C   . ASP A 1 183 ? 6.768   -16.928 -3.731  1.00 39.35  ? 226 ASP A C   1 
ATOM   1230 O O   . ASP A 1 183 ? 5.884   -16.838 -4.524  1.00 38.06  ? 226 ASP A O   1 
ATOM   1231 C CB  . ASP A 1 183 ? 7.095   -19.063 -2.535  1.00 46.31  ? 226 ASP A CB  1 
ATOM   1232 C CG  . ASP A 1 183 ? 7.627   -20.460 -2.577  1.00 55.64  ? 226 ASP A CG  1 
ATOM   1233 O OD1 . ASP A 1 183 ? 7.878   -21.007 -3.672  1.00 59.03  ? 226 ASP A OD1 1 
ATOM   1234 O OD2 . ASP A 1 183 ? 7.799   -21.026 -1.495  1.00 60.88  ? 226 ASP A OD2 1 
ATOM   1235 N N   . LEU A 1 184 ? 7.028   -15.964 -2.877  1.00 37.61  ? 227 LEU A N   1 
ATOM   1236 C CA  . LEU A 1 184 ? 6.267   -14.748 -2.905  1.00 35.48  ? 227 LEU A CA  1 
ATOM   1237 C C   . LEU A 1 184 ? 6.553   -13.949 -4.165  1.00 34.84  ? 227 LEU A C   1 
ATOM   1238 O O   . LEU A 1 184 ? 5.684   -13.461 -4.801  1.00 34.72  ? 227 LEU A O   1 
ATOM   1239 C CB  . LEU A 1 184 ? 6.551   -13.946 -1.649  1.00 39.40  ? 227 LEU A CB  1 
ATOM   1240 C CG  . LEU A 1 184 ? 5.836   -12.638 -1.341  1.00 40.81  ? 227 LEU A CG  1 
ATOM   1241 C CD1 . LEU A 1 184 ? 6.409   -11.546 -2.148  1.00 40.30  ? 227 LEU A CD1 1 
ATOM   1242 C CD2 . LEU A 1 184 ? 4.361   -12.742 -1.526  1.00 37.11  ? 227 LEU A CD2 1 
ATOM   1243 N N   . MET A 1 185 ? 7.809   -13.861 -4.520  1.00 33.83  ? 228 MET A N   1 
ATOM   1244 C CA  . MET A 1 185 ? 8.211   -13.152 -5.702  1.00 35.04  ? 228 MET A CA  1 
ATOM   1245 C C   . MET A 1 185 ? 7.659   -13.821 -6.934  1.00 34.79  ? 228 MET A C   1 
ATOM   1246 O O   . MET A 1 185 ? 7.349   -13.181 -7.871  1.00 32.11  ? 228 MET A O   1 
ATOM   1247 C CB  . MET A 1 185 ? 9.723   -13.054 -5.771  1.00 36.80  ? 228 MET A CB  1 
ATOM   1248 C CG  . MET A 1 185 ? 10.314  -12.252 -4.664  1.00 36.78  ? 228 MET A CG  1 
ATOM   1249 S SD  . MET A 1 185 ? 9.778   -10.567 -4.672  1.00 37.29  ? 228 MET A SD  1 
ATOM   1250 C CE  . MET A 1 185 ? 10.582  -9.946  -6.086  1.00 36.24  ? 228 MET A CE  1 
ATOM   1251 N N   . HIS A 1 186 ? 7.534   -15.123 -6.907  1.00 35.74  ? 229 HIS A N   1 
ATOM   1252 C CA  . HIS A 1 186 ? 6.888   -15.847 -8.018  1.00 37.53  ? 229 HIS A CA  1 
ATOM   1253 C C   . HIS A 1 186 ? 5.411   -15.456 -8.152  1.00 37.53  ? 229 HIS A C   1 
ATOM   1254 O O   . HIS A 1 186 ? 4.922   -15.227 -9.263  1.00 38.40  ? 229 HIS A O   1 
ATOM   1255 C CB  . HIS A 1 186 ? 7.042   -17.369 -7.857  1.00 38.69  ? 229 HIS A CB  1 
ATOM   1256 C CG  . HIS A 1 186 ? 6.341   -18.165 -8.917  1.00 42.56  ? 229 HIS A CG  1 
ATOM   1257 N ND1 . HIS A 1 186 ? 6.802   -18.251 -10.213 1.00 43.97  ? 229 HIS A ND1 1 
ATOM   1258 C CD2 . HIS A 1 186 ? 5.208   -18.906 -8.873  1.00 44.49  ? 229 HIS A CD2 1 
ATOM   1259 C CE1 . HIS A 1 186 ? 5.985   -19.010 -10.922 1.00 44.12  ? 229 HIS A CE1 1 
ATOM   1260 N NE2 . HIS A 1 186 ? 5.012   -19.425 -10.132 1.00 44.17  ? 229 HIS A NE2 1 
ATOM   1261 N N   . LYS A 1 187 ? 4.711   -15.355 -7.024  1.00 37.82  ? 230 LYS A N   1 
ATOM   1262 C CA  . LYS A 1 187 ? 3.319   -14.884 -7.033  1.00 39.57  ? 230 LYS A CA  1 
ATOM   1263 C C   . LYS A 1 187 ? 3.198   -13.445 -7.544  1.00 40.51  ? 230 LYS A C   1 
ATOM   1264 O O   . LYS A 1 187 ? 2.323   -13.159 -8.354  1.00 38.39  ? 230 LYS A O   1 
ATOM   1265 C CB  . LYS A 1 187 ? 2.676   -15.009 -5.654  1.00 42.15  ? 230 LYS A CB  1 
ATOM   1266 C CG  . LYS A 1 187 ? 2.485   -16.443 -5.181  1.00 45.58  ? 230 LYS A CG  1 
ATOM   1267 C CD  . LYS A 1 187 ? 1.732   -16.485 -3.857  1.00 48.35  ? 230 LYS A CD  1 
ATOM   1268 C CE  . LYS A 1 187 ? 1.447   -17.913 -3.421  1.00 50.38  ? 230 LYS A CE  1 
ATOM   1269 N NZ  . LYS A 1 187 ? 2.695   -18.666 -3.107  1.00 52.74  ? 230 LYS A NZ  1 
ATOM   1270 N N   . VAL A 1 188 ? 4.079   -12.553 -7.080  1.00 39.06  ? 231 VAL A N   1 
ATOM   1271 C CA  . VAL A 1 188 ? 4.085   -11.150 -7.531  1.00 38.32  ? 231 VAL A CA  1 
ATOM   1272 C C   . VAL A 1 188 ? 4.237   -11.108 -9.049  1.00 39.30  ? 231 VAL A C   1 
ATOM   1273 O O   . VAL A 1 188 ? 3.505   -10.385 -9.743  1.00 39.22  ? 231 VAL A O   1 
ATOM   1274 C CB  . VAL A 1 188 ? 5.217   -10.322 -6.865  1.00 37.23  ? 231 VAL A CB  1 
ATOM   1275 C CG1 . VAL A 1 188 ? 5.295   -8.917  -7.451  1.00 37.87  ? 231 VAL A CG1 1 
ATOM   1276 C CG2 . VAL A 1 188 ? 5.018   -10.239 -5.359  1.00 37.73  ? 231 VAL A CG2 1 
ATOM   1277 N N   . ASN A 1 189 ? 5.183   -11.899 -9.553  1.00 39.18  ? 232 ASN A N   1 
ATOM   1278 C CA  . ASN A 1 189 ? 5.475   -11.952 -10.977 1.00 40.98  ? 232 ASN A CA  1 
ATOM   1279 C C   . ASN A 1 189 ? 4.292   -12.461 -11.798 1.00 43.09  ? 232 ASN A C   1 
ATOM   1280 O O   . ASN A 1 189 ? 4.101   -12.038 -12.933 1.00 44.04  ? 232 ASN A O   1 
ATOM   1281 C CB  . ASN A 1 189 ? 6.696   -12.829 -11.249 1.00 44.08  ? 232 ASN A CB  1 
ATOM   1282 C CG  . ASN A 1 189 ? 7.141   -12.767 -12.696 1.00 47.71  ? 232 ASN A CG  1 
ATOM   1283 O OD1 . ASN A 1 189 ? 6.852   -13.666 -13.492 1.00 53.47  ? 232 ASN A OD1 1 
ATOM   1284 N ND2 . ASN A 1 189 ? 7.821   -11.694 -13.053 1.00 50.11  ? 232 ASN A ND2 1 
ATOM   1285 N N   . ASN A 1 190 ? 3.511   -13.372 -11.226 1.00 42.58  ? 233 ASN A N   1 
ATOM   1286 C CA  . ASN A 1 190 ? 2.339   -13.905 -11.920 1.00 44.89  ? 233 ASN A CA  1 
ATOM   1287 C C   . ASN A 1 190 ? 1.095   -13.018 -11.820 1.00 44.52  ? 233 ASN A C   1 
ATOM   1288 O O   . ASN A 1 190 ? 0.095   -13.271 -12.498 1.00 44.64  ? 233 ASN A O   1 
ATOM   1289 C CB  . ASN A 1 190 ? 2.016   -15.320 -11.425 1.00 47.08  ? 233 ASN A CB  1 
ATOM   1290 C CG  . ASN A 1 190 ? 2.980   -16.362 -11.959 1.00 49.60  ? 233 ASN A CG  1 
ATOM   1291 O OD1 . ASN A 1 190 ? 3.714   -16.120 -12.919 1.00 53.38  ? 233 ASN A OD1 1 
ATOM   1292 N ND2 . ASN A 1 190 ? 2.981   -17.534 -11.338 1.00 52.61  ? 233 ASN A ND2 1 
ATOM   1293 N N   . LEU A 1 191 ? 1.153   -11.979 -10.987 1.00 41.67  ? 234 LEU A N   1 
ATOM   1294 C CA  . LEU A 1 191 ? -0.033  -11.169 -10.709 1.00 39.57  ? 234 LEU A CA  1 
ATOM   1295 C C   . LEU A 1 191 ? 0.041   -9.711  -11.164 1.00 39.99  ? 234 LEU A C   1 
ATOM   1296 O O   . LEU A 1 191 ? -0.912  -8.964  -10.968 1.00 37.70  ? 234 LEU A O   1 
ATOM   1297 C CB  . LEU A 1 191 ? -0.400  -11.255 -9.224  1.00 39.22  ? 234 LEU A CB  1 
ATOM   1298 C CG  . LEU A 1 191 ? -0.814  -12.661 -8.761  1.00 41.92  ? 234 LEU A CG  1 
ATOM   1299 C CD1 . LEU A 1 191 ? -0.738  -12.802 -7.248  1.00 41.04  ? 234 LEU A CD1 1 
ATOM   1300 C CD2 . LEU A 1 191 ? -2.202  -13.039 -9.274  1.00 40.83  ? 234 LEU A CD2 1 
ATOM   1301 N N   . PHE A 1 192 ? 1.162   -9.297  -11.751 1.00 38.43  ? 235 PHE A N   1 
ATOM   1302 C CA  . PHE A 1 192 ? 1.316   -7.905  -12.184 1.00 38.70  ? 235 PHE A CA  1 
ATOM   1303 C C   . PHE A 1 192 ? 2.078   -7.836  -13.498 1.00 39.14  ? 235 PHE A C   1 
ATOM   1304 O O   . PHE A 1 192 ? 2.643   -8.834  -13.929 1.00 40.99  ? 235 PHE A O   1 
ATOM   1305 C CB  . PHE A 1 192 ? 1.979   -7.056  -11.076 1.00 39.99  ? 235 PHE A CB  1 
ATOM   1306 C CG  . PHE A 1 192 ? 1.147   -6.962  -9.821  1.00 38.68  ? 235 PHE A CG  1 
ATOM   1307 C CD1 . PHE A 1 192 ? 1.224   -7.953  -8.836  1.00 38.94  ? 235 PHE A CD1 1 
ATOM   1308 C CD2 . PHE A 1 192 ? 0.255   -5.913  -9.641  1.00 38.10  ? 235 PHE A CD2 1 
ATOM   1309 C CE1 . PHE A 1 192 ? 0.428   -7.890  -7.699  1.00 38.48  ? 235 PHE A CE1 1 
ATOM   1310 C CE2 . PHE A 1 192 ? -0.530  -5.837  -8.500  1.00 39.38  ? 235 PHE A CE2 1 
ATOM   1311 C CZ  . PHE A 1 192 ? -0.446  -6.829  -7.529  1.00 39.52  ? 235 PHE A CZ  1 
ATOM   1312 N N   . ASN A 1 193 ? 2.068   -6.672  -14.140 1.00 42.25  ? 236 ASN A N   1 
ATOM   1313 C CA  . ASN A 1 193 ? 2.738   -6.482  -15.430 1.00 43.34  ? 236 ASN A CA  1 
ATOM   1314 C C   . ASN A 1 193 ? 4.189   -6.017  -15.261 1.00 45.64  ? 236 ASN A C   1 
ATOM   1315 O O   . ASN A 1 193 ? 4.458   -5.112  -14.465 1.00 43.66  ? 236 ASN A O   1 
ATOM   1316 C CB  . ASN A 1 193 ? 1.976   -5.449  -16.274 1.00 45.32  ? 236 ASN A CB  1 
ATOM   1317 C CG  . ASN A 1 193 ? 0.552   -5.887  -16.620 1.00 46.58  ? 236 ASN A CG  1 
ATOM   1318 O OD1 . ASN A 1 193 ? 0.316   -7.017  -17.032 1.00 46.29  ? 236 ASN A OD1 1 
ATOM   1319 N ND2 . ASN A 1 193 ? -0.397  -4.977  -16.469 1.00 49.15  ? 236 ASN A ND2 1 
ATOM   1320 N N   . PHE A 1 194 ? 5.109   -6.618  -16.017 1.00 45.44  ? 237 PHE A N   1 
ATOM   1321 C CA  . PHE A 1 194 ? 6.526   -6.232  -15.986 1.00 52.05  ? 237 PHE A CA  1 
ATOM   1322 C C   . PHE A 1 194 ? 7.098   -6.008  -17.383 1.00 57.45  ? 237 PHE A C   1 
ATOM   1323 O O   . PHE A 1 194 ? 6.789   -6.757  -18.310 1.00 62.25  ? 237 PHE A O   1 
ATOM   1324 C CB  . PHE A 1 194 ? 7.350   -7.282  -15.233 1.00 46.76  ? 237 PHE A CB  1 
ATOM   1325 C CG  . PHE A 1 194 ? 6.948   -7.426  -13.801 1.00 45.87  ? 237 PHE A CG  1 
ATOM   1326 C CD1 . PHE A 1 194 ? 5.909   -8.282  -13.438 1.00 43.83  ? 237 PHE A CD1 1 
ATOM   1327 C CD2 . PHE A 1 194 ? 7.572   -6.672  -12.814 1.00 43.89  ? 237 PHE A CD2 1 
ATOM   1328 C CE1 . PHE A 1 194 ? 5.521   -8.395  -12.116 1.00 42.87  ? 237 PHE A CE1 1 
ATOM   1329 C CE2 . PHE A 1 194 ? 7.190   -6.786  -11.490 1.00 41.49  ? 237 PHE A CE2 1 
ATOM   1330 C CZ  . PHE A 1 194 ? 6.163   -7.646  -11.139 1.00 41.55  ? 237 PHE A CZ  1 
ATOM   1331 N N   . ASN A 1 195 ? 7.931   -4.980  -17.524 1.00 62.65  ? 238 ASN A N   1 
ATOM   1332 C CA  . ASN A 1 195 ? 8.545   -4.653  -18.810 1.00 67.98  ? 238 ASN A CA  1 
ATOM   1333 C C   . ASN A 1 195 ? 9.605   -5.646  -19.262 1.00 71.62  ? 238 ASN A C   1 
ATOM   1334 O O   . ASN A 1 195 ? 9.290   -6.672  -19.865 1.00 75.20  ? 238 ASN A O   1 
ATOM   1335 C CB  . ASN A 1 195 ? 9.128   -3.242  -18.781 1.00 69.51  ? 238 ASN A CB  1 
ATOM   1336 C CG  . ASN A 1 195 ? 8.067   -2.177  -18.944 1.00 70.91  ? 238 ASN A CG  1 
ATOM   1337 O OD1 . ASN A 1 195 ? 7.190   -2.287  -19.800 1.00 75.15  ? 238 ASN A OD1 1 
ATOM   1338 N ND2 . ASN A 1 195 ? 8.141   -1.137  -18.125 1.00 73.94  ? 238 ASN A ND2 1 
ATOM   1339 N N   . SER B 2 1   ? -8.969  7.909   -12.090 1.00 76.49  ? 218 SER B N   1 
ATOM   1340 C CA  . SER B 2 1   ? -8.683  9.027   -11.146 1.00 74.73  ? 218 SER B CA  1 
ATOM   1341 C C   . SER B 2 1   ? -8.555  8.527   -9.712  1.00 73.73  ? 218 SER B C   1 
ATOM   1342 O O   . SER B 2 1   ? -9.248  7.595   -9.295  1.00 71.20  ? 218 SER B O   1 
ATOM   1343 C CB  . SER B 2 1   ? -9.798  10.058  -11.206 1.00 74.06  ? 218 SER B CB  1 
ATOM   1344 O OG  . SER B 2 1   ? -10.962 9.524   -10.612 1.00 73.25  ? 218 SER B OG  1 
ATOM   1345 N N   . VAL B 2 2   ? -7.686  9.181   -8.951  1.00 72.03  ? 219 VAL B N   1 
ATOM   1346 C CA  . VAL B 2 2   ? -7.395  8.757   -7.583  1.00 70.37  ? 219 VAL B CA  1 
ATOM   1347 C C   . VAL B 2 2   ? -8.606  8.834   -6.633  1.00 71.19  ? 219 VAL B C   1 
ATOM   1348 O O   . VAL B 2 2   ? -8.822  7.900   -5.858  1.00 69.86  ? 219 VAL B O   1 
ATOM   1349 C CB  . VAL B 2 2   ? -6.177  9.509   -6.982  1.00 70.50  ? 219 VAL B CB  1 
ATOM   1350 C CG1 . VAL B 2 2   ? -5.941  9.087   -5.534  1.00 69.19  ? 219 VAL B CG1 1 
ATOM   1351 C CG2 . VAL B 2 2   ? -4.924  9.268   -7.818  1.00 68.82  ? 219 VAL B CG2 1 
ATOM   1352 N N   . PRO B 2 3   ? -9.397  9.937   -6.682  1.00 71.80  ? 220 PRO B N   1 
ATOM   1353 C CA  . PRO B 2 3   ? -10.499 10.053  -5.703  1.00 71.60  ? 220 PRO B CA  1 
ATOM   1354 C C   . PRO B 2 3   ? -11.571 8.950   -5.744  1.00 70.34  ? 220 PRO B C   1 
ATOM   1355 O O   . PRO B 2 3   ? -12.109 8.597   -4.701  1.00 70.92  ? 220 PRO B O   1 
ATOM   1356 C CB  . PRO B 2 3   ? -11.119 11.422  -6.018  1.00 71.49  ? 220 PRO B CB  1 
ATOM   1357 C CG  . PRO B 2 3   ? -10.642 11.768  -7.386  1.00 71.99  ? 220 PRO B CG  1 
ATOM   1358 C CD  . PRO B 2 3   ? -9.272  11.167  -7.487  1.00 71.75  ? 220 PRO B CD  1 
ATOM   1359 N N   . GLN B 2 4   ? -11.862 8.420   -6.925  1.00 69.97  ? 221 GLN B N   1 
ATOM   1360 C CA  . GLN B 2 4   ? -12.852 7.363   -7.072  1.00 70.71  ? 221 GLN B CA  1 
ATOM   1361 C C   . GLN B 2 4   ? -12.205 6.018   -6.795  1.00 67.59  ? 221 GLN B C   1 
ATOM   1362 O O   . GLN B 2 4   ? -12.843 5.098   -6.272  1.00 64.28  ? 221 GLN B O   1 
ATOM   1363 C CB  . GLN B 2 4   ? -13.447 7.429   -8.472  1.00 74.51  ? 221 GLN B CB  1 
ATOM   1364 C CG  . GLN B 2 4   ? -13.800 8.854   -8.873  1.00 77.90  ? 221 GLN B CG  1 
ATOM   1365 C CD  . GLN B 2 4   ? -14.702 9.550   -7.861  1.00 80.38  ? 221 GLN B CD  1 
ATOM   1366 O OE1 . GLN B 2 4   ? -14.233 10.269  -6.972  1.00 81.83  ? 221 GLN B OE1 1 
ATOM   1367 N NE2 . GLN B 2 4   ? -16.006 9.329   -7.989  1.00 80.74  ? 221 GLN B NE2 1 
ATOM   1368 N N   . ALA B 2 5   ? -10.921 5.925   -7.132  1.00 65.23  ? 222 ALA B N   1 
ATOM   1369 C CA  . ALA B 2 5   ? -10.095 4.797   -6.718  1.00 63.65  ? 222 ALA B CA  1 
ATOM   1370 C C   . ALA B 2 5   ? -10.115 4.699   -5.193  1.00 60.99  ? 222 ALA B C   1 
ATOM   1371 O O   . ALA B 2 5   ? -10.332 3.623   -4.638  1.00 57.37  ? 222 ALA B O   1 
ATOM   1372 C CB  . ALA B 2 5   ? -8.671  4.952   -7.237  1.00 64.05  ? 222 ALA B CB  1 
ATOM   1373 N N   . ARG B 2 6   ? -9.923  5.833   -4.521  1.00 61.01  ? 223 ARG B N   1 
ATOM   1374 C CA  . ARG B 2 6   ? -10.061 5.884   -3.067  1.00 63.77  ? 223 ARG B CA  1 
ATOM   1375 C C   . ARG B 2 6   ? -11.452 5.430   -2.610  1.00 62.89  ? 223 ARG B C   1 
ATOM   1376 O O   . ARG B 2 6   ? -11.575 4.604   -1.703  1.00 62.36  ? 223 ARG B O   1 
ATOM   1377 C CB  . ARG B 2 6   ? -9.783  7.290   -2.532  1.00 65.49  ? 223 ARG B CB  1 
ATOM   1378 C CG  . ARG B 2 6   ? -8.358  7.785   -2.697  1.00 70.75  ? 223 ARG B CG  1 
ATOM   1379 C CD  . ARG B 2 6   ? -8.132  8.984   -1.791  1.00 73.35  ? 223 ARG B CD  1 
ATOM   1380 N NE  . ARG B 2 6   ? -7.091  9.884   -2.284  1.00 77.87  ? 223 ARG B NE  1 
ATOM   1381 C CZ  . ARG B 2 6   ? -7.323  11.090  -2.796  1.00 79.46  ? 223 ARG B CZ  1 
ATOM   1382 N NH1 . ARG B 2 6   ? -8.565  11.553  -2.896  1.00 80.45  ? 223 ARG B NH1 1 
ATOM   1383 N NH2 . ARG B 2 6   ? -6.308  11.837  -3.211  1.00 81.06  ? 223 ARG B NH2 1 
ATOM   1384 N N   . LYS B 2 7   ? -12.492 5.966   -3.243  1.00 64.13  ? 224 LYS B N   1 
ATOM   1385 C CA  . LYS B 2 7   ? -13.861 5.691   -2.824  1.00 61.80  ? 224 LYS B CA  1 
ATOM   1386 C C   . LYS B 2 7   ? -14.173 4.227   -2.982  1.00 59.00  ? 224 LYS B C   1 
ATOM   1387 O O   . LYS B 2 7   ? -14.667 3.585   -2.056  1.00 58.14  ? 224 LYS B O   1 
ATOM   1388 C CB  . LYS B 2 7   ? -14.837 6.537   -3.622  1.00 67.55  ? 224 LYS B CB  1 
ATOM   1389 C CG  . LYS B 2 7   ? -14.721 8.005   -3.266  1.00 73.44  ? 224 LYS B CG  1 
ATOM   1390 C CD  . LYS B 2 7   ? -15.660 8.866   -4.087  1.00 80.58  ? 224 LYS B CD  1 
ATOM   1391 C CE  . LYS B 2 7   ? -15.521 10.332  -3.705  1.00 83.80  ? 224 LYS B CE  1 
ATOM   1392 N NZ  . LYS B 2 7   ? -16.436 11.202  -4.493  1.00 84.92  ? 224 LYS B NZ  1 
ATOM   1393 N N   . ALA B 2 8   ? -13.845 3.694   -4.151  1.00 57.54  ? 225 ALA B N   1 
ATOM   1394 C CA  . ALA B 2 8   ? -14.025 2.279   -4.413  1.00 55.06  ? 225 ALA B CA  1 
ATOM   1395 C C   . ALA B 2 8   ? -13.340 1.420   -3.351  1.00 54.09  ? 225 ALA B C   1 
ATOM   1396 O O   . ALA B 2 8   ? -13.957 0.501   -2.806  1.00 53.22  ? 225 ALA B O   1 
ATOM   1397 C CB  . ALA B 2 8   ? -13.507 1.931   -5.800  1.00 57.30  ? 225 ALA B CB  1 
ATOM   1398 N N   . SER B 2 9   ? -12.071 1.721   -3.059  1.00 49.85  ? 226 SER B N   1 
ATOM   1399 C CA  . SER B 2 9   ? -11.302 0.947   -2.078  1.00 47.45  ? 226 SER B CA  1 
ATOM   1400 C C   . SER B 2 9   ? -11.888 1.100   -0.683  1.00 46.41  ? 226 SER B C   1 
ATOM   1401 O O   . SER B 2 9   ? -12.035 0.121   0.052   1.00 46.28  ? 226 SER B O   1 
ATOM   1402 C CB  . SER B 2 9   ? -9.823  1.368   -2.066  1.00 46.92  ? 226 SER B CB  1 
ATOM   1403 O OG  . SER B 2 9   ? -9.165  1.010   -3.272  1.00 44.37  ? 226 SER B OG  1 
ATOM   1404 N N   . LEU B 2 10  ? -12.220 2.339   -0.330  1.00 48.87  ? 227 LEU B N   1 
ATOM   1405 C CA  . LEU B 2 10  ? -12.844 2.659   0.950   1.00 53.17  ? 227 LEU B CA  1 
ATOM   1406 C C   . LEU B 2 10  ? -14.133 1.860   1.162   1.00 54.58  ? 227 LEU B C   1 
ATOM   1407 O O   . LEU B 2 10  ? -14.360 1.301   2.243   1.00 54.96  ? 227 LEU B O   1 
ATOM   1408 C CB  . LEU B 2 10  ? -13.124 4.162   1.022   1.00 53.65  ? 227 LEU B CB  1 
ATOM   1409 C CG  . LEU B 2 10  ? -13.757 4.742   2.286   1.00 56.39  ? 227 LEU B CG  1 
ATOM   1410 C CD1 . LEU B 2 10  ? -13.006 4.296   3.532   1.00 59.84  ? 227 LEU B CD1 1 
ATOM   1411 C CD2 . LEU B 2 10  ? -13.801 6.258   2.190   1.00 56.91  ? 227 LEU B CD2 1 
ATOM   1412 N N   . ALA B 2 11  ? -14.962 1.810   0.120   1.00 56.70  ? 228 ALA B N   1 
ATOM   1413 C CA  . ALA B 2 11  ? -16.224 1.068   0.145   1.00 57.03  ? 228 ALA B CA  1 
ATOM   1414 C C   . ALA B 2 11  ? -15.989 -0.391  0.523   1.00 58.61  ? 228 ALA B C   1 
ATOM   1415 O O   . ALA B 2 11  ? -16.582 -0.899  1.479   1.00 58.70  ? 228 ALA B O   1 
ATOM   1416 C CB  . ALA B 2 11  ? -16.913 1.162   -1.210  1.00 58.09  ? 228 ALA B CB  1 
ATOM   1417 N N   . ARG B 2 12  ? -15.104 -1.042  -0.230  1.00 57.59  ? 229 ARG B N   1 
ATOM   1418 C CA  . ARG B 2 12  ? -14.755 -2.430  0.006   1.00 58.13  ? 229 ARG B CA  1 
ATOM   1419 C C   . ARG B 2 12  ? -14.228 -2.673  1.409   1.00 58.22  ? 229 ARG B C   1 
ATOM   1420 O O   . ARG B 2 12  ? -14.604 -3.655  2.033   1.00 55.35  ? 229 ARG B O   1 
ATOM   1421 C CB  . ARG B 2 12  ? -13.726 -2.903  -1.013  1.00 58.47  ? 229 ARG B CB  1 
ATOM   1422 C CG  . ARG B 2 12  ? -14.326 -3.403  -2.315  1.00 58.75  ? 229 ARG B CG  1 
ATOM   1423 C CD  . ARG B 2 12  ? -13.252 -4.022  -3.196  1.00 58.49  ? 229 ARG B CD  1 
ATOM   1424 N NE  . ARG B 2 12  ? -12.250 -3.026  -3.552  1.00 59.27  ? 229 ARG B NE  1 
ATOM   1425 C CZ  . ARG B 2 12  ? -12.281 -2.296  -4.660  1.00 59.73  ? 229 ARG B CZ  1 
ATOM   1426 N NH1 . ARG B 2 12  ? -13.259 -2.459  -5.542  1.00 61.76  ? 229 ARG B NH1 1 
ATOM   1427 N NH2 . ARG B 2 12  ? -11.331 -1.402  -4.885  1.00 57.14  ? 229 ARG B NH2 1 
ATOM   1428 N N   . PHE B 2 13  ? -13.344 -1.792  1.884   1.00 59.31  ? 230 PHE B N   1 
ATOM   1429 C CA  . PHE B 2 13  ? -12.741 -1.918  3.213   1.00 59.72  ? 230 PHE B CA  1 
ATOM   1430 C C   . PHE B 2 13  ? -13.791 -1.811  4.316   1.00 60.36  ? 230 PHE B C   1 
ATOM   1431 O O   . PHE B 2 13  ? -13.819 -2.623  5.236   1.00 59.52  ? 230 PHE B O   1 
ATOM   1432 C CB  . PHE B 2 13  ? -11.650 -0.860  3.417   1.00 59.87  ? 230 PHE B CB  1 
ATOM   1433 C CG  . PHE B 2 13  ? -11.098 -0.817  4.816   1.00 60.54  ? 230 PHE B CG  1 
ATOM   1434 C CD1 . PHE B 2 13  ? -10.137 -1.736  5.228   1.00 58.31  ? 230 PHE B CD1 1 
ATOM   1435 C CD2 . PHE B 2 13  ? -11.534 0.144   5.724   1.00 61.53  ? 230 PHE B CD2 1 
ATOM   1436 C CE1 . PHE B 2 13  ? -9.626  -1.704  6.519   1.00 59.59  ? 230 PHE B CE1 1 
ATOM   1437 C CE2 . PHE B 2 13  ? -11.027 0.182   7.017   1.00 63.88  ? 230 PHE B CE2 1 
ATOM   1438 C CZ  . PHE B 2 13  ? -10.070 -0.743  7.414   1.00 62.21  ? 230 PHE B CZ  1 
ATOM   1439 N N   . LEU B 2 14  ? -14.643 -0.796  4.221   1.00 62.40  ? 231 LEU B N   1 
ATOM   1440 C CA  . LEU B 2 14  ? -15.729 -0.618  5.187   1.00 66.93  ? 231 LEU B CA  1 
ATOM   1441 C C   . LEU B 2 14  ? -16.693 -1.812  5.192   1.00 67.78  ? 231 LEU B C   1 
ATOM   1442 O O   . LEU B 2 14  ? -17.022 -2.356  6.256   1.00 65.63  ? 231 LEU B O   1 
ATOM   1443 C CB  . LEU B 2 14  ? -16.473 0.693   4.921   1.00 66.63  ? 231 LEU B CB  1 
ATOM   1444 C CG  . LEU B 2 14  ? -15.649 1.967   5.139   1.00 67.22  ? 231 LEU B CG  1 
ATOM   1445 C CD1 . LEU B 2 14  ? -16.465 3.210   4.813   1.00 66.43  ? 231 LEU B CD1 1 
ATOM   1446 C CD2 . LEU B 2 14  ? -15.092 2.034   6.555   1.00 65.28  ? 231 LEU B CD2 1 
ATOM   1447 N N   . GLU B 2 15  ? -17.116 -2.229  3.999   1.00 70.49  ? 232 GLU B N   1 
ATOM   1448 C CA  . GLU B 2 15  ? -18.010 -3.381  3.846   1.00 73.75  ? 232 GLU B CA  1 
ATOM   1449 C C   . GLU B 2 15  ? -17.408 -4.663  4.425   1.00 74.90  ? 232 GLU B C   1 
ATOM   1450 O O   . GLU B 2 15  ? -18.104 -5.461  5.033   1.00 76.95  ? 232 GLU B O   1 
ATOM   1451 C CB  . GLU B 2 15  ? -18.389 -3.599  2.373   1.00 76.97  ? 232 GLU B CB  1 
ATOM   1452 C CG  . GLU B 2 15  ? -19.316 -2.542  1.775   1.00 80.40  ? 232 GLU B CG  1 
ATOM   1453 C CD  . GLU B 2 15  ? -19.766 -2.862  0.353   1.00 84.38  ? 232 GLU B CD  1 
ATOM   1454 O OE1 . GLU B 2 15  ? -18.982 -2.642  -0.601  1.00 84.93  ? 232 GLU B OE1 1 
ATOM   1455 O OE2 . GLU B 2 15  ? -20.920 -3.316  0.184   1.00 83.60  ? 232 GLU B OE2 1 
ATOM   1456 N N   . LYS B 2 16  ? -16.109 -4.854  4.239   1.00 75.66  ? 233 LYS B N   1 
ATOM   1457 C CA  . LYS B 2 16  ? -15.461 -6.082  4.669   1.00 76.39  ? 233 LYS B CA  1 
ATOM   1458 C C   . LYS B 2 16  ? -15.196 -6.066  6.174   1.00 77.36  ? 233 LYS B C   1 
ATOM   1459 O O   . LYS B 2 16  ? -15.023 -7.115  6.798   1.00 77.68  ? 233 LYS B O   1 
ATOM   1460 C CB  . LYS B 2 16  ? -14.169 -6.281  3.880   1.00 76.91  ? 233 LYS B CB  1 
ATOM   1461 C CG  . LYS B 2 16  ? -13.543 -7.659  4.015   1.00 79.14  ? 233 LYS B CG  1 
ATOM   1462 C CD  . LYS B 2 16  ? -12.524 -7.910  2.907   1.00 79.56  ? 233 LYS B CD  1 
ATOM   1463 C CE  . LYS B 2 16  ? -11.735 -9.200  3.118   1.00 80.85  ? 233 LYS B CE  1 
ATOM   1464 N NZ  . LYS B 2 16  ? -10.509 -9.019  3.951   1.00 78.38  ? 233 LYS B NZ  1 
ATOM   1465 N N   . ARG B 2 17  ? -15.187 -4.869  6.754   1.00 78.40  ? 234 ARG B N   1 
ATOM   1466 C CA  . ARG B 2 17  ? -14.957 -4.710  8.185   1.00 79.43  ? 234 ARG B CA  1 
ATOM   1467 C C   . ARG B 2 17  ? -16.163 -5.149  9.011   1.00 82.32  ? 234 ARG B C   1 
ATOM   1468 O O   . ARG B 2 17  ? -15.994 -5.775  10.059  1.00 83.24  ? 234 ARG B O   1 
ATOM   1469 C CB  . ARG B 2 17  ? -14.563 -3.266  8.523   1.00 76.74  ? 234 ARG B CB  1 
ATOM   1470 C CG  . ARG B 2 17  ? -14.311 -3.012  10.003  1.00 75.50  ? 234 ARG B CG  1 
ATOM   1471 C CD  . ARG B 2 17  ? -13.758 -1.619  10.259  1.00 73.31  ? 234 ARG B CD  1 
ATOM   1472 N NE  . ARG B 2 17  ? -14.230 -1.075  11.532  1.00 71.38  ? 234 ARG B NE  1 
ATOM   1473 C CZ  . ARG B 2 17  ? -13.618 -1.224  12.707  1.00 68.77  ? 234 ARG B CZ  1 
ATOM   1474 N NH1 . ARG B 2 17  ? -12.483 -1.906  12.805  1.00 67.79  ? 234 ARG B NH1 1 
ATOM   1475 N NH2 . ARG B 2 17  ? -14.149 -0.682  13.794  1.00 68.29  ? 234 ARG B NH2 1 
ATOM   1476 N N   . LYS B 2 18  ? -17.366 -4.827  8.536   1.00 87.14  ? 235 LYS B N   1 
ATOM   1477 C CA  . LYS B 2 18  ? -18.610 -5.163  9.251   1.00 91.35  ? 235 LYS B CA  1 
ATOM   1478 C C   . LYS B 2 18  ? -18.700 -6.656  9.589   1.00 94.46  ? 235 LYS B C   1 
ATOM   1479 O O   . LYS B 2 18  ? -19.468 -7.061  10.464  1.00 96.33  ? 235 LYS B O   1 
ATOM   1480 C CB  . LYS B 2 18  ? -19.837 -4.730  8.452   1.00 90.84  ? 235 LYS B CB  1 
ATOM   1481 C CG  . LYS B 2 18  ? -19.864 -3.253  8.089   1.00 91.34  ? 235 LYS B CG  1 
ATOM   1482 C CD  . LYS B 2 18  ? -21.252 -2.853  7.621   1.00 93.82  ? 235 LYS B CD  1 
ATOM   1483 C CE  . LYS B 2 18  ? -21.210 -1.676  6.657   1.00 95.54  ? 235 LYS B CE  1 
ATOM   1484 N NZ  . LYS B 2 18  ? -20.565 -0.466  7.242   1.00 95.32  ? 235 LYS B NZ  1 
ATOM   1485 N N   . GLU B 2 19  ? -17.904 -7.458  8.888   1.00 97.38  ? 236 GLU B N   1 
ATOM   1486 C CA  . GLU B 2 19  ? -17.820 -8.896  9.112   1.00 98.31  ? 236 GLU B CA  1 
ATOM   1487 C C   . GLU B 2 19  ? -16.835 -9.213  10.229  1.00 97.04  ? 236 GLU B C   1 
ATOM   1488 O O   . GLU B 2 19  ? -17.114 -8.951  11.395  1.00 96.38  ? 236 GLU B O   1 
ATOM   1489 C CB  . GLU B 2 19  ? -17.409 -9.609  7.821   1.00 99.70  ? 236 GLU B CB  1 
ATOM   1490 C CG  . GLU B 2 19  ? -18.431 -9.506  6.691   1.00 102.06 ? 236 GLU B CG  1 
ATOM   1491 C CD  . GLU B 2 19  ? -19.816 -10.052 7.036   1.00 104.58 ? 236 GLU B CD  1 
ATOM   1492 O OE1 . GLU B 2 19  ? -19.935 -11.101 7.709   1.00 102.85 ? 236 GLU B OE1 1 
ATOM   1493 O OE2 . GLU B 2 19  ? -20.804 -9.413  6.612   1.00 108.60 ? 236 GLU B OE2 1 
HETATM 1494 O O   . HOH C 3 .   ? 8.202   7.274   2.006   1.00 28.50  ? 301 HOH A O   1 
HETATM 1495 O O   . HOH C 3 .   ? 1.315   -3.750  -13.175 1.00 31.94  ? 302 HOH A O   1 
HETATM 1496 O O   . HOH C 3 .   ? 9.269   4.744   13.447  1.00 33.19  ? 303 HOH A O   1 
HETATM 1497 O O   . HOH C 3 .   ? 11.965  -6.405  14.447  1.00 34.32  ? 304 HOH A O   1 
HETATM 1498 O O   . HOH C 3 .   ? -9.721  -3.969  1.814   1.00 36.44  ? 305 HOH A O   1 
HETATM 1499 O O   . HOH C 3 .   ? 15.985  -4.396  -0.516  1.00 34.18  ? 306 HOH A O   1 
HETATM 1500 O O   . HOH C 3 .   ? 8.421   -13.406 1.404   1.00 36.88  ? 307 HOH A O   1 
HETATM 1501 O O   . HOH C 3 .   ? 10.516  -15.171 6.932   1.00 46.12  ? 308 HOH A O   1 
HETATM 1502 O O   . HOH C 3 .   ? 15.953  -5.426  5.263   1.00 42.22  ? 309 HOH A O   1 
HETATM 1503 O O   . HOH C 3 .   ? 17.070  0.211   6.109   1.00 40.31  ? 310 HOH A O   1 
HETATM 1504 O O   . HOH C 3 .   ? 14.971  -10.815 3.193   1.00 36.02  ? 311 HOH A O   1 
HETATM 1505 O O   . HOH C 3 .   ? -0.685  9.857   6.890   1.00 47.89  ? 312 HOH A O   1 
HETATM 1506 O O   . HOH C 3 .   ? 8.130   -11.756 13.539  1.00 45.87  ? 313 HOH A O   1 
HETATM 1507 O O   . HOH C 3 .   ? -10.870 -7.136  -9.545  1.00 49.89  ? 314 HOH A O   1 
HETATM 1508 O O   . HOH C 3 .   ? 16.138  6.691   8.775   1.00 49.78  ? 315 HOH A O   1 
HETATM 1509 O O   . HOH C 3 .   ? -0.852  -13.307 3.818   1.00 43.12  ? 316 HOH A O   1 
HETATM 1510 O O   . HOH C 3 .   ? 10.712  10.031  2.879   1.00 44.11  ? 317 HOH A O   1 
HETATM 1511 O O   . HOH C 3 .   ? 7.030   -1.976  14.592  1.00 44.21  ? 318 HOH A O   1 
HETATM 1512 O O   . HOH C 3 .   ? 4.208   -17.084 -0.694  1.00 45.37  ? 319 HOH A O   1 
HETATM 1513 O O   . HOH C 3 .   ? -6.893  -7.980  -16.411 1.00 50.31  ? 320 HOH A O   1 
HETATM 1514 O O   . HOH C 3 .   ? 7.165   8.930   9.221   1.00 41.89  ? 321 HOH A O   1 
HETATM 1515 O O   . HOH C 3 .   ? 0.081   -2.854  15.194  1.00 48.06  ? 322 HOH A O   1 
HETATM 1516 O O   . HOH C 3 .   ? -5.101  7.770   15.520  1.00 52.49  ? 323 HOH A O   1 
HETATM 1517 O O   . HOH C 3 .   ? 6.331   -20.797 -5.958  1.00 54.43  ? 324 HOH A O   1 
HETATM 1518 O O   . HOH C 3 .   ? 16.900  -2.639  -3.671  1.00 48.80  ? 325 HOH A O   1 
HETATM 1519 O O   . HOH C 3 .   ? 1.162   12.672  -19.216 1.00 49.85  ? 326 HOH A O   1 
HETATM 1520 O O   . HOH C 3 .   ? -5.183  5.327   -9.678  1.00 57.86  ? 327 HOH A O   1 
HETATM 1521 O O   . HOH C 3 .   ? -2.728  -3.338  14.577  1.00 52.57  ? 328 HOH A O   1 
HETATM 1522 O O   . HOH C 3 .   ? 9.114   11.372  -13.353 1.00 52.16  ? 329 HOH A O   1 
HETATM 1523 O O   . HOH C 3 .   ? 15.886  -9.270  0.511   1.00 41.92  ? 330 HOH A O   1 
HETATM 1524 O O   . HOH C 3 .   ? 4.482   -19.101 -5.465  1.00 49.66  ? 331 HOH A O   1 
HETATM 1525 O O   . HOH C 3 .   ? -9.270  -2.117  -8.361  1.00 55.59  ? 332 HOH A O   1 
HETATM 1526 O O   . HOH C 3 .   ? 11.215  13.121  -9.660  1.00 51.66  ? 333 HOH A O   1 
HETATM 1527 O O   . HOH C 3 .   ? 9.960   -15.975 3.882   1.00 42.95  ? 334 HOH A O   1 
HETATM 1528 O O   . HOH C 3 .   ? -4.407  1.175   -10.971 1.00 52.95  ? 335 HOH A O   1 
HETATM 1529 O O   . HOH C 3 .   ? 6.991   12.809  -2.567  1.00 52.44  ? 336 HOH A O   1 
HETATM 1530 O O   . HOH C 3 .   ? -10.272 -4.116  -9.927  1.00 44.85  ? 337 HOH A O   1 
HETATM 1531 O O   . HOH C 3 .   ? 14.314  2.059   -13.996 1.00 59.79  ? 338 HOH A O   1 
HETATM 1532 O O   . HOH C 3 .   ? 15.435  10.892  5.025   1.00 63.79  ? 339 HOH A O   1 
HETATM 1533 O O   . HOH C 3 .   ? 10.044  1.242   -12.830 1.00 49.98  ? 340 HOH A O   1 
HETATM 1534 O O   . HOH C 3 .   ? 17.071  3.445   13.025  1.00 49.43  ? 341 HOH A O   1 
HETATM 1535 O O   . HOH C 3 .   ? -5.770  3.293   19.826  1.00 51.77  ? 342 HOH A O   1 
HETATM 1536 O O   . HOH C 3 .   ? 15.400  -4.694  13.851  1.00 53.83  ? 343 HOH A O   1 
HETATM 1537 O O   . HOH C 3 .   ? 14.452  0.595   15.211  1.00 52.97  ? 344 HOH A O   1 
HETATM 1538 O O   . HOH C 3 .   ? 15.800  -4.956  10.726  1.00 54.55  ? 345 HOH A O   1 
HETATM 1539 O O   . HOH C 3 .   ? 13.983  9.391   -1.517  1.00 65.91  ? 346 HOH A O   1 
HETATM 1540 O O   . HOH C 3 .   ? 15.738  4.557   -6.653  1.00 57.80  ? 347 HOH A O   1 
HETATM 1541 O O   . HOH C 3 .   ? 7.082   10.039  1.457   1.00 60.25  ? 348 HOH A O   1 
HETATM 1542 O O   . HOH C 3 .   ? 8.108   0.260   -14.237 1.00 59.25  ? 349 HOH A O   1 
HETATM 1543 O O   . HOH C 3 .   ? -3.802  -1.909  17.369  1.00 51.34  ? 350 HOH A O   1 
HETATM 1544 O O   . HOH C 3 .   ? -11.389 -8.758  -2.919  1.00 58.45  ? 351 HOH A O   1 
HETATM 1545 O O   . HOH C 3 .   ? 18.464  1.044   11.986  1.00 51.16  ? 352 HOH A O   1 
HETATM 1546 O O   . HOH C 3 .   ? -3.485  8.916   -3.140  1.00 46.85  ? 353 HOH A O   1 
HETATM 1547 O O   . HOH C 3 .   ? 18.826  6.747   -8.687  1.00 54.08  ? 354 HOH A O   1 
HETATM 1548 O O   . HOH C 3 .   ? 16.426  2.367   -3.200  1.00 56.30  ? 355 HOH A O   1 
HETATM 1549 O O   . HOH C 3 .   ? 8.576   -10.370 -11.231 1.00 60.60  ? 356 HOH A O   1 
HETATM 1550 O O   . HOH C 3 .   ? 10.838  6.440   -14.003 1.00 54.84  ? 357 HOH A O   1 
HETATM 1551 O O   . HOH C 3 .   ? 4.241   -9.103  -17.516 1.00 50.40  ? 358 HOH A O   1 
HETATM 1552 O O   . HOH C 3 .   ? 0.999   -1.275  17.354  1.00 56.67  ? 359 HOH A O   1 
HETATM 1553 O O   . HOH C 3 .   ? 2.499   11.392  4.179   1.00 60.50  ? 360 HOH A O   1 
HETATM 1554 O O   . HOH C 3 .   ? 19.393  0.218   8.055   1.00 59.88  ? 361 HOH A O   1 
HETATM 1555 O O   . HOH C 3 .   ? -1.217  -10.023 9.368   1.00 60.21  ? 362 HOH A O   1 
HETATM 1556 O O   . HOH C 3 .   ? -3.691  -2.387  -12.809 1.00 58.71  ? 363 HOH A O   1 
HETATM 1557 O O   . HOH C 3 .   ? -0.697  6.113   17.289  1.00 64.94  ? 364 HOH A O   1 
HETATM 1558 O O   . HOH C 3 .   ? -19.163 11.666  14.200  1.00 73.00  ? 365 HOH A O   1 
HETATM 1559 O O   . HOH C 3 .   ? -2.625  10.231  5.278   1.00 64.69  ? 366 HOH A O   1 
HETATM 1560 O O   . HOH C 3 .   ? 0.166   2.910   20.782  1.00 66.37  ? 367 HOH A O   1 
HETATM 1561 O O   . HOH C 3 .   ? 1.463   -9.304  -17.307 1.00 56.78  ? 368 HOH A O   1 
HETATM 1562 O O   . HOH C 3 .   ? -0.786  20.016  -8.304  1.00 77.40  ? 369 HOH A O   1 
HETATM 1563 O O   . HOH C 3 .   ? 4.230   9.387   3.085   1.00 67.11  ? 370 HOH A O   1 
HETATM 1564 O O   . HOH C 3 .   ? -1.243  9.634   -16.137 1.00 63.94  ? 371 HOH A O   1 
HETATM 1565 O O   . HOH C 3 .   ? -3.050  9.441   11.693  1.00 57.22  ? 372 HOH A O   1 
HETATM 1566 O O   . HOH C 3 .   ? 8.936   16.181  -18.702 1.00 66.51  ? 373 HOH A O   1 
HETATM 1567 O O   . HOH C 3 .   ? -3.192  7.045   -13.772 1.00 59.96  ? 374 HOH A O   1 
HETATM 1568 O O   . HOH C 3 .   ? -8.551  -13.485 -5.841  1.00 71.69  ? 375 HOH A O   1 
HETATM 1569 O O   . HOH C 3 .   ? -1.671  -3.730  -11.981 1.00 52.95  ? 376 HOH A O   1 
HETATM 1570 O O   . HOH C 3 .   ? 16.938  -2.309  0.894   1.00 78.29  ? 377 HOH A O   1 
HETATM 1571 O O   . HOH C 3 .   ? -10.507 -5.482  3.873   1.00 56.69  ? 378 HOH A O   1 
HETATM 1572 O O   . HOH C 3 .   ? 10.680  -8.785  16.283  1.00 65.75  ? 379 HOH A O   1 
HETATM 1573 O O   . HOH C 3 .   ? -11.278 -13.897 -8.558  1.00 60.76  ? 380 HOH A O   1 
HETATM 1574 O O   . HOH C 3 .   ? 16.153  3.311   0.320   1.00 64.68  ? 381 HOH A O   1 
HETATM 1575 O O   . HOH C 3 .   ? 16.155  6.848   1.930   1.00 56.77  ? 382 HOH A O   1 
HETATM 1576 O O   . HOH C 3 .   ? 17.421  -1.417  -9.587  1.00 57.00  ? 383 HOH A O   1 
HETATM 1577 O O   . HOH C 3 .   ? 11.279  -15.662 -7.231  1.00 57.89  ? 384 HOH A O   1 
HETATM 1578 O O   . HOH C 3 .   ? 4.388   -15.365 8.413   1.00 62.74  ? 385 HOH A O   1 
HETATM 1579 O O   . HOH C 3 .   ? 0.165   -18.802 5.885   1.00 78.30  ? 386 HOH A O   1 
HETATM 1580 O O   . HOH C 3 .   ? -2.267  -18.336 3.229   1.00 76.47  ? 387 HOH A O   1 
HETATM 1581 O O   . HOH C 3 .   ? -2.036  3.703   18.669  1.00 56.94  ? 388 HOH A O   1 
HETATM 1582 O O   . HOH C 3 .   ? 6.653   1.460   -16.721 1.00 60.86  ? 389 HOH A O   1 
HETATM 1583 O O   . HOH C 3 .   ? 17.540  0.946   3.675   1.00 51.41  ? 390 HOH A O   1 
HETATM 1584 O O   . HOH C 3 .   ? 17.455  0.148   -2.728  1.00 56.55  ? 391 HOH A O   1 
HETATM 1585 O O   . HOH C 3 .   ? 5.957   0.142   17.198  1.00 56.15  ? 392 HOH A O   1 
HETATM 1586 O O   . HOH C 3 .   ? 14.439  -10.863 8.147   1.00 56.44  ? 393 HOH A O   1 
HETATM 1587 O O   . HOH C 3 .   ? 10.766  -10.964 15.534  1.00 63.01  ? 394 HOH A O   1 
HETATM 1588 O O   . HOH C 3 .   ? 1.521   -9.856  10.359  1.00 72.66  ? 395 HOH A O   1 
HETATM 1589 O O   . HOH C 3 .   ? -6.897  -6.391  12.117  1.00 65.63  ? 396 HOH A O   1 
HETATM 1590 O O   . HOH C 3 .   ? -13.129 -6.843  -7.769  1.00 66.39  ? 397 HOH A O   1 
HETATM 1591 O O   . HOH C 3 .   ? -0.302  26.518  -14.067 1.00 67.00  ? 398 HOH A O   1 
HETATM 1592 O O   . HOH C 3 .   ? -8.375  -0.595  -9.872  1.00 67.64  ? 399 HOH A O   1 
HETATM 1593 O O   . HOH C 3 .   ? 4.980   10.560  7.758   1.00 48.79  ? 400 HOH A O   1 
HETATM 1594 O O   . HOH C 3 .   ? 17.373  -3.487  4.848   1.00 53.42  ? 401 HOH A O   1 
HETATM 1595 O O   . HOH C 3 .   ? 1.698   11.359  6.288   1.00 65.38  ? 402 HOH A O   1 
HETATM 1596 O O   . HOH C 3 .   ? 13.584  9.624   0.826   1.00 71.91  ? 403 HOH A O   1 
HETATM 1597 O O   . HOH C 3 .   ? -2.128  11.685  -14.923 1.00 64.17  ? 404 HOH A O   1 
HETATM 1598 O O   . HOH C 3 .   ? 8.571   6.896   -15.911 1.00 63.31  ? 405 HOH A O   1 
HETATM 1599 O O   . HOH C 3 .   ? 18.422  6.996   -11.107 1.00 64.87  ? 406 HOH A O   1 
HETATM 1600 O O   . HOH C 3 .   ? 0.688   -5.632  15.097  1.00 66.60  ? 407 HOH A O   1 
HETATM 1601 O O   . HOH C 3 .   ? -5.053  11.469  7.378   1.00 63.67  ? 408 HOH A O   1 
HETATM 1602 O O   . HOH C 3 .   ? -4.213  -5.714  14.105  1.00 67.38  ? 409 HOH A O   1 
HETATM 1603 O O   . HOH C 3 .   ? -3.771  11.587  9.505   1.00 60.92  ? 410 HOH A O   1 
HETATM 1604 O O   . HOH C 3 .   ? -12.192 14.156  14.937  1.00 71.02  ? 411 HOH A O   1 
HETATM 1605 O O   . HOH C 3 .   ? -1.713  12.082  3.182   1.00 68.17  ? 412 HOH A O   1 
HETATM 1606 O O   . HOH C 3 .   ? 18.446  -4.597  9.651   1.00 79.80  ? 413 HOH A O   1 
HETATM 1607 O O   . HOH C 3 .   ? 2.177   19.992  -7.579  1.00 81.64  ? 414 HOH A O   1 
HETATM 1608 O O   . HOH C 3 .   ? -20.416 -0.058  15.804  1.00 74.26  ? 415 HOH A O   1 
HETATM 1609 O O   . HOH C 3 .   ? 4.253   8.689   5.736   1.00 50.35  ? 416 HOH A O   1 
HETATM 1610 O O   . HOH C 3 .   ? 1.684   11.938  1.058   1.00 53.31  ? 417 HOH A O   1 
HETATM 1611 O O   . HOH C 3 .   ? 12.423  -14.804 8.737   1.00 72.84  ? 418 HOH A O   1 
HETATM 1612 O O   . HOH C 3 .   ? 7.708   -18.989 2.167   1.00 86.50  ? 419 HOH A O   1 
HETATM 1613 O O   . HOH C 3 .   ? 8.780   -3.561  -14.996 1.00 74.45  ? 420 HOH A O   1 
HETATM 1614 O O   . HOH C 3 .   ? -1.371  13.089  -1.516  1.00 64.45  ? 421 HOH A O   1 
HETATM 1615 O O   . HOH C 3 .   ? -0.309  3.485   -16.214 1.00 73.33  ? 422 HOH A O   1 
HETATM 1616 O O   . HOH C 3 .   ? -6.662  8.937   26.665  1.00 57.74  ? 423 HOH A O   1 
HETATM 1617 O O   . HOH C 3 .   ? 7.568   -14.668 10.273  1.00 69.15  ? 424 HOH A O   1 
HETATM 1618 O O   . HOH C 3 .   ? 2.594   -6.097  -20.498 1.00 80.84  ? 425 HOH A O   1 
HETATM 1619 O O   . HOH C 3 .   ? -6.945  6.745   27.991  1.00 63.43  ? 426 HOH A O   1 
HETATM 1620 O O   . HOH C 3 .   ? 7.489   -16.121 7.481   1.00 67.90  ? 427 HOH A O   1 
HETATM 1621 O O   . HOH C 3 .   ? -13.856 12.665  6.897   1.00 71.12  ? 428 HOH A O   1 
HETATM 1622 O O   . HOH C 3 .   ? 19.854  0.953   -9.627  1.00 56.13  ? 429 HOH A O   1 
HETATM 1623 O O   . HOH D 3 .   ? -9.630  1.400   -6.168  1.00 54.34  ? 301 HOH B O   1 
HETATM 1624 O O   . HOH D 3 .   ? -17.098 -7.232  13.607  1.00 87.26  ? 302 HOH B O   1 
HETATM 1625 O O   . HOH D 3 .   ? -10.296 -2.434  -1.709  1.00 53.29  ? 303 HOH B O   1 
HETATM 1626 O O   . HOH D 3 .   ? -16.295 -0.779  -3.999  1.00 56.52  ? 304 HOH B O   1 
HETATM 1627 O O   . HOH D 3 .   ? -11.508 -0.215  -7.373  1.00 68.67  ? 305 HOH B O   1 
HETATM 1628 O O   . HOH D 3 .   ? -16.982 7.252   -6.658  1.00 77.23  ? 306 HOH B O   1 
HETATM 1629 O O   . HOH D 3 .   ? -21.184 -9.416  11.442  1.00 77.89  ? 307 HOH B O   1 
HETATM 1630 O O   . HOH D 3 .   ? -19.564 -11.090 11.000  1.00 81.82  ? 308 HOH B O   1 
# 
